data_7MQP
# 
_entry.id   7MQP 
# 
_audit_conform.dict_name       mmcif_pdbx.dic 
_audit_conform.dict_version    5.380 
_audit_conform.dict_location   http://mmcif.pdb.org/dictionaries/ascii/mmcif_pdbx.dic 
# 
loop_
_database_2.database_id 
_database_2.database_code 
_database_2.pdbx_database_accession 
_database_2.pdbx_DOI 
PDB   7MQP         pdb_00007mqp 10.2210/pdb7mqp/pdb 
WWPDB D_1000256645 ?            ?                   
# 
_pdbx_database_status.status_code                     REL 
_pdbx_database_status.status_code_sf                  REL 
_pdbx_database_status.status_code_mr                  ? 
_pdbx_database_status.entry_id                        7MQP 
_pdbx_database_status.recvd_initial_deposition_date   2021-05-06 
_pdbx_database_status.SG_entry                        N 
_pdbx_database_status.deposit_site                    RCSB 
_pdbx_database_status.process_site                    RCSB 
_pdbx_database_status.status_code_cs                  ? 
_pdbx_database_status.status_code_nmr_data            ? 
_pdbx_database_status.methods_development_category    ? 
_pdbx_database_status.pdb_format_compatible           Y 
# 
loop_
_audit_author.name 
_audit_author.pdbx_ordinal 
_audit_author.identifier_ORCID 
'Lombardo, M.N.' 1 0000-0002-4239-8630 
'Wright, D.L.'   2 ?                   
# 
_citation.abstract                  ? 
_citation.abstract_id_CAS           ? 
_citation.book_id_ISBN              ? 
_citation.book_publisher            ? 
_citation.book_publisher_city       ? 
_citation.book_title                ? 
_citation.coordinate_linkage        ? 
_citation.country                   UK 
_citation.database_id_Medline       ? 
_citation.details                   ? 
_citation.id                        primary 
_citation.journal_abbrev            'Commun Biol' 
_citation.journal_id_ASTM           ? 
_citation.journal_id_CSD            ? 
_citation.journal_id_ISSN           2399-3642 
_citation.journal_full              ? 
_citation.journal_issue             ? 
_citation.journal_volume            5 
_citation.language                  ? 
_citation.page_first                459 
_citation.page_last                 459 
_citation.title                     
;Structure-guided functional studies of plasmid-encoded dihydrofolate reductases reveal a common mechanism of trimethoprim resistance in Gram-negative pathogens.
;
_citation.year                      2022 
_citation.database_id_CSD           ? 
_citation.pdbx_database_id_DOI      10.1038/s42003-022-03384-y 
_citation.pdbx_database_id_PubMed   35562546 
_citation.pdbx_database_id_patent   ? 
_citation.unpublished_flag          ? 
# 
loop_
_citation_author.citation_id 
_citation_author.name 
_citation_author.ordinal 
_citation_author.identifier_ORCID 
primary 'Krucinska, J.'   1 0000-0002-3787-7194 
primary 'Lombardo, M.N.'  2 ?                   
primary 'Erlandsen, H.'   3 0000-0002-0716-5460 
primary 'Estrada, A.'     4 0000-0001-6698-0708 
primary 'Si, D.'          5 ?                   
primary 'Viswanathan, K.' 6 ?                   
primary 'Wright, D.L.'    7 0000-0003-4634-3351 
# 
_cell.angle_alpha                  90.000 
_cell.angle_alpha_esd              ? 
_cell.angle_beta                   90.000 
_cell.angle_beta_esd               ? 
_cell.angle_gamma                  120.000 
_cell.angle_gamma_esd              ? 
_cell.entry_id                     7MQP 
_cell.details                      ? 
_cell.formula_units_Z              ? 
_cell.length_a                     66.681 
_cell.length_a_esd                 ? 
_cell.length_b                     66.681 
_cell.length_b_esd                 ? 
_cell.length_c                     213.752 
_cell.length_c_esd                 ? 
_cell.volume                       ? 
_cell.volume_esd                   ? 
_cell.Z_PDB                        12 
_cell.reciprocal_angle_alpha       ? 
_cell.reciprocal_angle_beta        ? 
_cell.reciprocal_angle_gamma       ? 
_cell.reciprocal_angle_alpha_esd   ? 
_cell.reciprocal_angle_beta_esd    ? 
_cell.reciprocal_angle_gamma_esd   ? 
_cell.reciprocal_length_a          ? 
_cell.reciprocal_length_b          ? 
_cell.reciprocal_length_c          ? 
_cell.reciprocal_length_a_esd      ? 
_cell.reciprocal_length_b_esd      ? 
_cell.reciprocal_length_c_esd      ? 
_cell.pdbx_unique_axis             ? 
# 
_symmetry.entry_id                         7MQP 
_symmetry.cell_setting                     ? 
_symmetry.Int_Tables_number                178 
_symmetry.space_group_name_Hall            ? 
_symmetry.space_group_name_H-M             'P 61 2 2' 
_symmetry.pdbx_full_space_group_name_H-M   ? 
# 
loop_
_entity.id 
_entity.type 
_entity.src_method 
_entity.pdbx_description 
_entity.formula_weight 
_entity.pdbx_number_of_molecules 
_entity.pdbx_ec 
_entity.pdbx_mutation 
_entity.pdbx_fragment 
_entity.details 
1 polymer     man 'Dihydrofolate reductase'                                                                             18262.600 
1  1.5.1.3 ? ? ? 
2 non-polymer syn "3'-[(2S)-4-(2,4-diamino-6-ethylpyrimidin-5-yl)but-3-yn-2-yl]-4'-methyl[1,1'-biphenyl]-4-carboxamide" 399.488   
1  ?       ? ? ? 
3 non-polymer syn 'SULFATE ION'                                                                                         96.063    
7  ?       ? ? ? 
4 water       nat water                                                                                                 18.015    
57 ?       ? ? ? 
# 
_entity_poly.entity_id                      1 
_entity_poly.type                           'polypeptide(L)' 
_entity_poly.nstd_linkage                   no 
_entity_poly.nstd_monomer                   no 
_entity_poly.pdbx_seq_one_letter_code       
;MISLIAALAVDRVIGMENAMPWNLPADLAWFKRNTLDKPVIMGRHTWESIGRPLPGRKNIILSSQPGTDDRVTWVKSVDE
AIAACGDVPEIMVIGGGRVYEQFLPKAQKLYLTHIDAEVEGDTHFPDYEPDDWESVFSEFHDADAQNSHSYCFEILERRL
E
;
_entity_poly.pdbx_seq_one_letter_code_can   
;MISLIAALAVDRVIGMENAMPWNLPADLAWFKRNTLDKPVIMGRHTWESIGRPLPGRKNIILSSQPGTDDRVTWVKSVDE
AIAACGDVPEIMVIGGGRVYEQFLPKAQKLYLTHIDAEVEGDTHFPDYEPDDWESVFSEFHDADAQNSHSYCFEILERRL
E
;
_entity_poly.pdbx_strand_id                 A 
_entity_poly.pdbx_target_identifier         ? 
# 
loop_
_entity_poly_seq.entity_id 
_entity_poly_seq.num 
_entity_poly_seq.mon_id 
_entity_poly_seq.hetero 
1 1   MET n 
1 2   ILE n 
1 3   SER n 
1 4   LEU n 
1 5   ILE n 
1 6   ALA n 
1 7   ALA n 
1 8   LEU n 
1 9   ALA n 
1 10  VAL n 
1 11  ASP n 
1 12  ARG n 
1 13  VAL n 
1 14  ILE n 
1 15  GLY n 
1 16  MET n 
1 17  GLU n 
1 18  ASN n 
1 19  ALA n 
1 20  MET n 
1 21  PRO n 
1 22  TRP n 
1 23  ASN n 
1 24  LEU n 
1 25  PRO n 
1 26  ALA n 
1 27  ASP n 
1 28  LEU n 
1 29  ALA n 
1 30  TRP n 
1 31  PHE n 
1 32  LYS n 
1 33  ARG n 
1 34  ASN n 
1 35  THR n 
1 36  LEU n 
1 37  ASP n 
1 38  LYS n 
1 39  PRO n 
1 40  VAL n 
1 41  ILE n 
1 42  MET n 
1 43  GLY n 
1 44  ARG n 
1 45  HIS n 
1 46  THR n 
1 47  TRP n 
1 48  GLU n 
1 49  SER n 
1 50  ILE n 
1 51  GLY n 
1 52  ARG n 
1 53  PRO n 
1 54  LEU n 
1 55  PRO n 
1 56  GLY n 
1 57  ARG n 
1 58  LYS n 
1 59  ASN n 
1 60  ILE n 
1 61  ILE n 
1 62  LEU n 
1 63  SER n 
1 64  SER n 
1 65  GLN n 
1 66  PRO n 
1 67  GLY n 
1 68  THR n 
1 69  ASP n 
1 70  ASP n 
1 71  ARG n 
1 72  VAL n 
1 73  THR n 
1 74  TRP n 
1 75  VAL n 
1 76  LYS n 
1 77  SER n 
1 78  VAL n 
1 79  ASP n 
1 80  GLU n 
1 81  ALA n 
1 82  ILE n 
1 83  ALA n 
1 84  ALA n 
1 85  CYS n 
1 86  GLY n 
1 87  ASP n 
1 88  VAL n 
1 89  PRO n 
1 90  GLU n 
1 91  ILE n 
1 92  MET n 
1 93  VAL n 
1 94  ILE n 
1 95  GLY n 
1 96  GLY n 
1 97  GLY n 
1 98  ARG n 
1 99  VAL n 
1 100 TYR n 
1 101 GLU n 
1 102 GLN n 
1 103 PHE n 
1 104 LEU n 
1 105 PRO n 
1 106 LYS n 
1 107 ALA n 
1 108 GLN n 
1 109 LYS n 
1 110 LEU n 
1 111 TYR n 
1 112 LEU n 
1 113 THR n 
1 114 HIS n 
1 115 ILE n 
1 116 ASP n 
1 117 ALA n 
1 118 GLU n 
1 119 VAL n 
1 120 GLU n 
1 121 GLY n 
1 122 ASP n 
1 123 THR n 
1 124 HIS n 
1 125 PHE n 
1 126 PRO n 
1 127 ASP n 
1 128 TYR n 
1 129 GLU n 
1 130 PRO n 
1 131 ASP n 
1 132 ASP n 
1 133 TRP n 
1 134 GLU n 
1 135 SER n 
1 136 VAL n 
1 137 PHE n 
1 138 SER n 
1 139 GLU n 
1 140 PHE n 
1 141 HIS n 
1 142 ASP n 
1 143 ALA n 
1 144 ASP n 
1 145 ALA n 
1 146 GLN n 
1 147 ASN n 
1 148 SER n 
1 149 HIS n 
1 150 SER n 
1 151 TYR n 
1 152 CYS n 
1 153 PHE n 
1 154 GLU n 
1 155 ILE n 
1 156 LEU n 
1 157 GLU n 
1 158 ARG n 
1 159 ARG n 
1 160 LEU n 
1 161 GLU n 
# 
_entity_src_gen.entity_id                          1 
_entity_src_gen.pdbx_src_id                        1 
_entity_src_gen.pdbx_alt_source_flag               sample 
_entity_src_gen.pdbx_seq_type                      'Biological sequence' 
_entity_src_gen.pdbx_beg_seq_num                   1 
_entity_src_gen.pdbx_end_seq_num                   161 
_entity_src_gen.gene_src_common_name               ? 
_entity_src_gen.gene_src_genus                     ? 
_entity_src_gen.pdbx_gene_src_gene                 'folA, folA_1' 
_entity_src_gen.gene_src_species                   ? 
_entity_src_gen.gene_src_strain                    ? 
_entity_src_gen.gene_src_tissue                    ? 
_entity_src_gen.gene_src_tissue_fraction           ? 
_entity_src_gen.gene_src_details                   ? 
_entity_src_gen.pdbx_gene_src_fragment             ? 
_entity_src_gen.pdbx_gene_src_scientific_name      'Escherichia coli' 
_entity_src_gen.pdbx_gene_src_ncbi_taxonomy_id     562 
_entity_src_gen.pdbx_gene_src_variant              ? 
_entity_src_gen.pdbx_gene_src_cell_line            ? 
_entity_src_gen.pdbx_gene_src_atcc                 ? 
_entity_src_gen.pdbx_gene_src_organ                ? 
_entity_src_gen.pdbx_gene_src_organelle            ? 
_entity_src_gen.pdbx_gene_src_cell                 ? 
_entity_src_gen.pdbx_gene_src_cellular_location    ? 
_entity_src_gen.host_org_common_name               ? 
_entity_src_gen.pdbx_host_org_scientific_name      'Escherichia coli BL21(DE3)' 
_entity_src_gen.pdbx_host_org_ncbi_taxonomy_id     469008 
_entity_src_gen.host_org_genus                     ? 
_entity_src_gen.pdbx_host_org_gene                 ? 
_entity_src_gen.pdbx_host_org_organ                ? 
_entity_src_gen.host_org_species                   ? 
_entity_src_gen.pdbx_host_org_tissue               ? 
_entity_src_gen.pdbx_host_org_tissue_fraction      ? 
_entity_src_gen.pdbx_host_org_strain               ? 
_entity_src_gen.pdbx_host_org_variant              ? 
_entity_src_gen.pdbx_host_org_cell_line            ? 
_entity_src_gen.pdbx_host_org_atcc                 ? 
_entity_src_gen.pdbx_host_org_culture_collection   ? 
_entity_src_gen.pdbx_host_org_cell                 ? 
_entity_src_gen.pdbx_host_org_organelle            ? 
_entity_src_gen.pdbx_host_org_cellular_location    ? 
_entity_src_gen.pdbx_host_org_vector_type          ? 
_entity_src_gen.pdbx_host_org_vector               ? 
_entity_src_gen.host_org_details                   ? 
_entity_src_gen.expression_system_id               ? 
_entity_src_gen.plasmid_name                       ? 
_entity_src_gen.plasmid_details                    ? 
_entity_src_gen.pdbx_description                   ? 
# 
_struct_ref.id                         1 
_struct_ref.db_name                    UNP 
_struct_ref.db_code                    C3TR70_ECOLX 
_struct_ref.pdbx_db_accession          C3TR70 
_struct_ref.pdbx_db_isoform            ? 
_struct_ref.entity_id                  1 
_struct_ref.pdbx_seq_one_letter_code   
;MISLIAALAVDRVIGMENAMPWNLPADLAWFKRNTLNKPVIMGRHTWESIGRPLPGRKNIILSSQPGTDDRVTWVKSVDE
AIAACGDVPEIMVIGGGRVYEQFLPKAQKLYLTHIDAEVEGDTHFPDYEPDDWESVFSEFHDADAQNSHSYCFEILERR
;
_struct_ref.pdbx_align_begin           1 
# 
_struct_ref_seq.align_id                      1 
_struct_ref_seq.ref_id                        1 
_struct_ref_seq.pdbx_PDB_id_code              7MQP 
_struct_ref_seq.pdbx_strand_id                A 
_struct_ref_seq.seq_align_beg                 1 
_struct_ref_seq.pdbx_seq_align_beg_ins_code   ? 
_struct_ref_seq.seq_align_end                 159 
_struct_ref_seq.pdbx_seq_align_end_ins_code   ? 
_struct_ref_seq.pdbx_db_accession             C3TR70 
_struct_ref_seq.db_align_beg                  1 
_struct_ref_seq.pdbx_db_align_beg_ins_code    ? 
_struct_ref_seq.db_align_end                  159 
_struct_ref_seq.pdbx_db_align_end_ins_code    ? 
_struct_ref_seq.pdbx_auth_seq_align_beg       1 
_struct_ref_seq.pdbx_auth_seq_align_end       159 
# 
loop_
_struct_ref_seq_dif.align_id 
_struct_ref_seq_dif.pdbx_pdb_id_code 
_struct_ref_seq_dif.mon_id 
_struct_ref_seq_dif.pdbx_pdb_strand_id 
_struct_ref_seq_dif.seq_num 
_struct_ref_seq_dif.pdbx_pdb_ins_code 
_struct_ref_seq_dif.pdbx_seq_db_name 
_struct_ref_seq_dif.pdbx_seq_db_accession_code 
_struct_ref_seq_dif.db_mon_id 
_struct_ref_seq_dif.pdbx_seq_db_seq_num 
_struct_ref_seq_dif.details 
_struct_ref_seq_dif.pdbx_auth_seq_num 
_struct_ref_seq_dif.pdbx_ordinal 
1 7MQP ASP A 37  ? UNP C3TR70 ASN 37 conflict         37  1 
1 7MQP LEU A 160 ? UNP C3TR70 ?   ?  'expression tag' 160 2 
1 7MQP GLU A 161 ? UNP C3TR70 ?   ?  'expression tag' 161 3 
# 
loop_
_chem_comp.id 
_chem_comp.type 
_chem_comp.mon_nstd_flag 
_chem_comp.name 
_chem_comp.pdbx_synonyms 
_chem_comp.formula 
_chem_comp.formula_weight 
ALA 'L-peptide linking' y ALANINE                                                                                               ? 
'C3 H7 N O2'     89.093  
ARG 'L-peptide linking' y ARGININE                                                                                              ? 
'C6 H15 N4 O2 1' 175.209 
ASN 'L-peptide linking' y ASPARAGINE                                                                                            ? 
'C4 H8 N2 O3'    132.118 
ASP 'L-peptide linking' y 'ASPARTIC ACID'                                                                                       ? 
'C4 H7 N O4'     133.103 
CYS 'L-peptide linking' y CYSTEINE                                                                                              ? 
'C3 H7 N O2 S'   121.158 
GLN 'L-peptide linking' y GLUTAMINE                                                                                             ? 
'C5 H10 N2 O3'   146.144 
GLU 'L-peptide linking' y 'GLUTAMIC ACID'                                                                                       ? 
'C5 H9 N O4'     147.129 
GLY 'peptide linking'   y GLYCINE                                                                                               ? 
'C2 H5 N O2'     75.067  
HIS 'L-peptide linking' y HISTIDINE                                                                                             ? 
'C6 H10 N3 O2 1' 156.162 
HOH non-polymer         . WATER                                                                                                 ? 
'H2 O'           18.015  
ILE 'L-peptide linking' y ISOLEUCINE                                                                                            ? 
'C6 H13 N O2'    131.173 
LEU 'L-peptide linking' y LEUCINE                                                                                               ? 
'C6 H13 N O2'    131.173 
LYS 'L-peptide linking' y LYSINE                                                                                                ? 
'C6 H15 N2 O2 1' 147.195 
MET 'L-peptide linking' y METHIONINE                                                                                            ? 
'C5 H11 N O2 S'  149.211 
PHE 'L-peptide linking' y PHENYLALANINE                                                                                         ? 
'C9 H11 N O2'    165.189 
PRO 'L-peptide linking' y PROLINE                                                                                               ? 
'C5 H9 N O2'     115.130 
SER 'L-peptide linking' y SERINE                                                                                                ? 
'C3 H7 N O3'     105.093 
SO4 non-polymer         . 'SULFATE ION'                                                                                         ? 
'O4 S -2'        96.063  
THR 'L-peptide linking' y THREONINE                                                                                             ? 
'C4 H9 N O3'     119.119 
TRP 'L-peptide linking' y TRYPTOPHAN                                                                                            ? 
'C11 H12 N2 O2'  204.225 
TYR 'L-peptide linking' y TYROSINE                                                                                              ? 
'C9 H11 N O3'    181.189 
VAL 'L-peptide linking' y VALINE                                                                                                ? 
'C5 H11 N O2'    117.146 
ZM4 non-polymer         . "3'-[(2S)-4-(2,4-diamino-6-ethylpyrimidin-5-yl)but-3-yn-2-yl]-4'-methyl[1,1'-biphenyl]-4-carboxamide" ? 
'C24 H25 N5 O'   399.488 
# 
_exptl.absorpt_coefficient_mu     ? 
_exptl.absorpt_correction_T_max   ? 
_exptl.absorpt_correction_T_min   ? 
_exptl.absorpt_correction_type    ? 
_exptl.absorpt_process_details    ? 
_exptl.entry_id                   7MQP 
_exptl.crystals_number            1 
_exptl.details                    ? 
_exptl.method                     'X-RAY DIFFRACTION' 
_exptl.method_details             ? 
# 
_exptl_crystal.colour                      ? 
_exptl_crystal.density_diffrn              ? 
_exptl_crystal.density_Matthews            3.76 
_exptl_crystal.density_method              ? 
_exptl_crystal.density_percent_sol         67.25 
_exptl_crystal.description                 ? 
_exptl_crystal.F_000                       ? 
_exptl_crystal.id                          1 
_exptl_crystal.preparation                 ? 
_exptl_crystal.size_max                    ? 
_exptl_crystal.size_mid                    ? 
_exptl_crystal.size_min                    ? 
_exptl_crystal.size_rad                    ? 
_exptl_crystal.colour_lustre               ? 
_exptl_crystal.colour_modifier             ? 
_exptl_crystal.colour_primary              ? 
_exptl_crystal.density_meas                ? 
_exptl_crystal.density_meas_esd            ? 
_exptl_crystal.density_meas_gt             ? 
_exptl_crystal.density_meas_lt             ? 
_exptl_crystal.density_meas_temp           ? 
_exptl_crystal.density_meas_temp_esd       ? 
_exptl_crystal.density_meas_temp_gt        ? 
_exptl_crystal.density_meas_temp_lt        ? 
_exptl_crystal.pdbx_crystal_image_url      ? 
_exptl_crystal.pdbx_crystal_image_format   ? 
_exptl_crystal.pdbx_mosaicity              ? 
_exptl_crystal.pdbx_mosaicity_esd          ? 
# 
_exptl_crystal_grow.apparatus       ? 
_exptl_crystal_grow.atmosphere      ? 
_exptl_crystal_grow.crystal_id      1 
_exptl_crystal_grow.details         ? 
_exptl_crystal_grow.method          'VAPOR DIFFUSION, HANGING DROP' 
_exptl_crystal_grow.method_ref      ? 
_exptl_crystal_grow.pH              ? 
_exptl_crystal_grow.pressure        ? 
_exptl_crystal_grow.pressure_esd    ? 
_exptl_crystal_grow.seeding         ? 
_exptl_crystal_grow.seeding_ref     ? 
_exptl_crystal_grow.temp            277.15 
_exptl_crystal_grow.temp_details    ? 
_exptl_crystal_grow.temp_esd        ? 
_exptl_crystal_grow.time            ? 
_exptl_crystal_grow.pdbx_details    '0.3-0.35 M lithium sulfate, 15-19% PEG 6,000' 
_exptl_crystal_grow.pdbx_pH_range   ? 
# 
_diffrn.ambient_environment              ? 
_diffrn.ambient_temp                     100 
_diffrn.ambient_temp_details             ? 
_diffrn.ambient_temp_esd                 ? 
_diffrn.crystal_id                       1 
_diffrn.crystal_support                  ? 
_diffrn.crystal_treatment                ? 
_diffrn.details                          ? 
_diffrn.id                               1 
_diffrn.ambient_pressure                 ? 
_diffrn.ambient_pressure_esd             ? 
_diffrn.ambient_pressure_gt              ? 
_diffrn.ambient_pressure_lt              ? 
_diffrn.ambient_temp_gt                  ? 
_diffrn.ambient_temp_lt                  ? 
_diffrn.pdbx_serial_crystal_experiment   N 
# 
_diffrn_detector.details                      ? 
_diffrn_detector.detector                     CCD 
_diffrn_detector.diffrn_id                    1 
_diffrn_detector.type                         'MARMOSAIC 325 mm CCD' 
_diffrn_detector.area_resol_mean              ? 
_diffrn_detector.dtime                        ? 
_diffrn_detector.pdbx_frames_total            ? 
_diffrn_detector.pdbx_collection_time_total   ? 
_diffrn_detector.pdbx_collection_date         2017-11-16 
_diffrn_detector.pdbx_frequency               ? 
# 
_diffrn_radiation.collimation                      ? 
_diffrn_radiation.diffrn_id                        1 
_diffrn_radiation.filter_edge                      ? 
_diffrn_radiation.inhomogeneity                    ? 
_diffrn_radiation.monochromator                    ? 
_diffrn_radiation.polarisn_norm                    ? 
_diffrn_radiation.polarisn_ratio                   ? 
_diffrn_radiation.probe                            ? 
_diffrn_radiation.type                             ? 
_diffrn_radiation.xray_symbol                      ? 
_diffrn_radiation.wavelength_id                    1 
_diffrn_radiation.pdbx_monochromatic_or_laue_m_l   M 
_diffrn_radiation.pdbx_wavelength_list             ? 
_diffrn_radiation.pdbx_wavelength                  ? 
_diffrn_radiation.pdbx_diffrn_protocol             'SINGLE WAVELENGTH' 
_diffrn_radiation.pdbx_analyzer                    ? 
_diffrn_radiation.pdbx_scattering_type             x-ray 
# 
_diffrn_radiation_wavelength.id           1 
_diffrn_radiation_wavelength.wavelength   1 
_diffrn_radiation_wavelength.wt           1.0 
# 
_diffrn_source.current                     ? 
_diffrn_source.details                     ? 
_diffrn_source.diffrn_id                   1 
_diffrn_source.power                       ? 
_diffrn_source.size                        ? 
_diffrn_source.source                      SYNCHROTRON 
_diffrn_source.target                      ? 
_diffrn_source.type                        'SSRL BEAMLINE BL14-1' 
_diffrn_source.voltage                     ? 
_diffrn_source.take-off_angle              ? 
_diffrn_source.pdbx_wavelength_list        1 
_diffrn_source.pdbx_wavelength             ? 
_diffrn_source.pdbx_synchrotron_beamline   BL14-1 
_diffrn_source.pdbx_synchrotron_site       SSRL 
# 
_reflns.B_iso_Wilson_estimate                          ? 
_reflns.entry_id                                       7MQP 
_reflns.data_reduction_details                         ? 
_reflns.data_reduction_method                          ? 
_reflns.d_resolution_high                              2.1 
_reflns.d_resolution_low                               57.8100 
_reflns.details                                        ? 
_reflns.limit_h_max                                    ? 
_reflns.limit_h_min                                    ? 
_reflns.limit_k_max                                    ? 
_reflns.limit_k_min                                    ? 
_reflns.limit_l_max                                    ? 
_reflns.limit_l_min                                    ? 
_reflns.number_all                                     ? 
_reflns.number_obs                                     17232 
_reflns.observed_criterion                             ? 
_reflns.observed_criterion_F_max                       ? 
_reflns.observed_criterion_F_min                       ? 
_reflns.observed_criterion_I_max                       ? 
_reflns.observed_criterion_I_min                       ? 
_reflns.observed_criterion_sigma_F                     ? 
_reflns.observed_criterion_sigma_I                     ? 
_reflns.percent_possible_obs                           99.72 
_reflns.R_free_details                                 ? 
_reflns.Rmerge_F_all                                   ? 
_reflns.Rmerge_F_obs                                   ? 
_reflns.Friedel_coverage                               ? 
_reflns.number_gt                                      ? 
_reflns.threshold_expression                           ? 
_reflns.pdbx_redundancy                                1.2 
_reflns.pdbx_Rmerge_I_obs                              ? 
_reflns.pdbx_Rmerge_I_all                              ? 
_reflns.pdbx_Rsym_value                                ? 
_reflns.pdbx_netI_over_av_sigmaI                       ? 
_reflns.pdbx_netI_over_sigmaI                          21.82 
_reflns.pdbx_res_netI_over_av_sigmaI_2                 ? 
_reflns.pdbx_res_netI_over_sigmaI_2                    ? 
_reflns.pdbx_chi_squared                               ? 
_reflns.pdbx_scaling_rejects                           ? 
_reflns.pdbx_d_res_high_opt                            ? 
_reflns.pdbx_d_res_low_opt                             ? 
_reflns.pdbx_d_res_opt_method                          ? 
_reflns.phase_calculation_details                      ? 
_reflns.pdbx_Rrim_I_all                                ? 
_reflns.pdbx_Rpim_I_all                                ? 
_reflns.pdbx_d_opt                                     ? 
_reflns.pdbx_number_measured_all                       ? 
_reflns.pdbx_diffrn_id                                 1 
_reflns.pdbx_ordinal                                   1 
_reflns.pdbx_CC_half                                   1 
_reflns.pdbx_CC_star                                   1 
_reflns.pdbx_R_split                                   ? 
_reflns.pdbx_aniso_diffraction_limit_axis_1_ortho[1]   ? 
_reflns.pdbx_aniso_diffraction_limit_axis_1_ortho[2]   ? 
_reflns.pdbx_aniso_diffraction_limit_axis_1_ortho[3]   ? 
_reflns.pdbx_aniso_diffraction_limit_axis_2_ortho[1]   ? 
_reflns.pdbx_aniso_diffraction_limit_axis_2_ortho[2]   ? 
_reflns.pdbx_aniso_diffraction_limit_axis_2_ortho[3]   ? 
_reflns.pdbx_aniso_diffraction_limit_axis_3_ortho[1]   ? 
_reflns.pdbx_aniso_diffraction_limit_axis_3_ortho[2]   ? 
_reflns.pdbx_aniso_diffraction_limit_axis_3_ortho[3]   ? 
_reflns.pdbx_aniso_diffraction_limit_1                 ? 
_reflns.pdbx_aniso_diffraction_limit_2                 ? 
_reflns.pdbx_aniso_diffraction_limit_3                 ? 
_reflns.pdbx_aniso_B_tensor_eigenvector_1_ortho[1]     ? 
_reflns.pdbx_aniso_B_tensor_eigenvector_1_ortho[2]     ? 
_reflns.pdbx_aniso_B_tensor_eigenvector_1_ortho[3]     ? 
_reflns.pdbx_aniso_B_tensor_eigenvector_2_ortho[1]     ? 
_reflns.pdbx_aniso_B_tensor_eigenvector_2_ortho[2]     ? 
_reflns.pdbx_aniso_B_tensor_eigenvector_2_ortho[3]     ? 
_reflns.pdbx_aniso_B_tensor_eigenvector_3_ortho[1]     ? 
_reflns.pdbx_aniso_B_tensor_eigenvector_3_ortho[2]     ? 
_reflns.pdbx_aniso_B_tensor_eigenvector_3_ortho[3]     ? 
_reflns.pdbx_aniso_B_tensor_eigenvalue_1               ? 
_reflns.pdbx_aniso_B_tensor_eigenvalue_2               ? 
_reflns.pdbx_aniso_B_tensor_eigenvalue_3               ? 
_reflns.pdbx_orthogonalization_convention              ? 
_reflns.pdbx_percent_possible_ellipsoidal              ? 
_reflns.pdbx_percent_possible_spherical                ? 
_reflns.pdbx_percent_possible_ellipsoidal_anomalous    ? 
_reflns.pdbx_percent_possible_spherical_anomalous      ? 
_reflns.pdbx_redundancy_anomalous                      ? 
_reflns.pdbx_CC_half_anomalous                         ? 
_reflns.pdbx_absDiff_over_sigma_anomalous              ? 
_reflns.pdbx_percent_possible_anomalous                ? 
_reflns.pdbx_observed_signal_threshold                 ? 
_reflns.pdbx_signal_type                               ? 
_reflns.pdbx_signal_details                            ? 
_reflns.pdbx_signal_software_id                        ? 
# 
_reflns_shell.d_res_high                                    2.102 
_reflns_shell.d_res_low                                     2.177 
_reflns_shell.meanI_over_sigI_all                           ? 
_reflns_shell.meanI_over_sigI_obs                           3.73 
_reflns_shell.number_measured_all                           ? 
_reflns_shell.number_measured_obs                           ? 
_reflns_shell.number_possible                               ? 
_reflns_shell.number_unique_all                             ? 
_reflns_shell.number_unique_obs                             1663 
_reflns_shell.percent_possible_all                          100 
_reflns_shell.percent_possible_obs                          ? 
_reflns_shell.Rmerge_F_all                                  ? 
_reflns_shell.Rmerge_F_obs                                  ? 
_reflns_shell.Rmerge_I_all                                  ? 
_reflns_shell.Rmerge_I_obs                                  ? 
_reflns_shell.meanI_over_sigI_gt                            ? 
_reflns_shell.meanI_over_uI_all                             ? 
_reflns_shell.meanI_over_uI_gt                              ? 
_reflns_shell.number_measured_gt                            ? 
_reflns_shell.number_unique_gt                              ? 
_reflns_shell.percent_possible_gt                           ? 
_reflns_shell.Rmerge_F_gt                                   ? 
_reflns_shell.Rmerge_I_gt                                   ? 
_reflns_shell.pdbx_redundancy                               1.1 
_reflns_shell.pdbx_Rsym_value                               ? 
_reflns_shell.pdbx_chi_squared                              ? 
_reflns_shell.pdbx_netI_over_sigmaI_all                     ? 
_reflns_shell.pdbx_netI_over_sigmaI_obs                     ? 
_reflns_shell.pdbx_Rrim_I_all                               ? 
_reflns_shell.pdbx_Rpim_I_all                               ? 
_reflns_shell.pdbx_rejects                                  ? 
_reflns_shell.pdbx_ordinal                                  1 
_reflns_shell.pdbx_diffrn_id                                1 
_reflns_shell.pdbx_CC_half                                  1 
_reflns_shell.pdbx_CC_star                                  1 
_reflns_shell.pdbx_R_split                                  ? 
_reflns_shell.pdbx_percent_possible_ellipsoidal             ? 
_reflns_shell.pdbx_percent_possible_spherical               ? 
_reflns_shell.pdbx_percent_possible_ellipsoidal_anomalous   ? 
_reflns_shell.pdbx_percent_possible_spherical_anomalous     ? 
_reflns_shell.pdbx_redundancy_anomalous                     ? 
_reflns_shell.pdbx_CC_half_anomalous                        ? 
_reflns_shell.pdbx_absDiff_over_sigma_anomalous             ? 
_reflns_shell.pdbx_percent_possible_anomalous               ? 
# 
_refine.aniso_B[1][1]                            1.3300 
_refine.aniso_B[1][2]                            0.6600 
_refine.aniso_B[1][3]                            0.0000 
_refine.aniso_B[2][2]                            1.3300 
_refine.aniso_B[2][3]                            -0.0000 
_refine.aniso_B[3][3]                            -4.3100 
_refine.B_iso_max                                163.310 
_refine.B_iso_mean                               65.2740 
_refine.B_iso_min                                42.480 
_refine.correlation_coeff_Fo_to_Fc               0.9660 
_refine.correlation_coeff_Fo_to_Fc_free          0.9540 
_refine.details                                  
'HYDROGENS HAVE BEEN ADDED IN THE RIDING POSITIONS U VALUES      : REFINED INDIVIDUALLY' 
_refine.diff_density_max                         ? 
_refine.diff_density_max_esd                     ? 
_refine.diff_density_min                         ? 
_refine.diff_density_min_esd                     ? 
_refine.diff_density_rms                         ? 
_refine.diff_density_rms_esd                     ? 
_refine.entry_id                                 7MQP 
_refine.pdbx_refine_id                           'X-RAY DIFFRACTION' 
_refine.ls_abs_structure_details                 ? 
_refine.ls_abs_structure_Flack                   ? 
_refine.ls_abs_structure_Flack_esd               ? 
_refine.ls_abs_structure_Rogers                  ? 
_refine.ls_abs_structure_Rogers_esd              ? 
_refine.ls_d_res_high                            2.1000 
_refine.ls_d_res_low                             57.8100 
_refine.ls_extinction_coef                       ? 
_refine.ls_extinction_coef_esd                   ? 
_refine.ls_extinction_expression                 ? 
_refine.ls_extinction_method                     ? 
_refine.ls_goodness_of_fit_all                   ? 
_refine.ls_goodness_of_fit_all_esd               ? 
_refine.ls_goodness_of_fit_obs                   ? 
_refine.ls_goodness_of_fit_obs_esd               ? 
_refine.ls_hydrogen_treatment                    ? 
_refine.ls_matrix_type                           ? 
_refine.ls_number_constraints                    ? 
_refine.ls_number_parameters                     ? 
_refine.ls_number_reflns_all                     ? 
_refine.ls_number_reflns_obs                     16430 
_refine.ls_number_reflns_R_free                  803 
_refine.ls_number_reflns_R_work                  ? 
_refine.ls_number_restraints                     ? 
_refine.ls_percent_reflns_obs                    99.7200 
_refine.ls_percent_reflns_R_free                 4.7000 
_refine.ls_R_factor_all                          ? 
_refine.ls_R_factor_obs                          0.1923 
_refine.ls_R_factor_R_free                       0.2327 
_refine.ls_R_factor_R_free_error                 ? 
_refine.ls_R_factor_R_free_error_details         ? 
_refine.ls_R_factor_R_work                       0.1903 
_refine.ls_R_Fsqd_factor_obs                     ? 
_refine.ls_R_I_factor_obs                        ? 
_refine.ls_redundancy_reflns_all                 ? 
_refine.ls_redundancy_reflns_obs                 ? 
_refine.ls_restrained_S_all                      ? 
_refine.ls_restrained_S_obs                      ? 
_refine.ls_shift_over_esd_max                    ? 
_refine.ls_shift_over_esd_mean                   ? 
_refine.ls_structure_factor_coef                 ? 
_refine.ls_weighting_details                     ? 
_refine.ls_weighting_scheme                      ? 
_refine.ls_wR_factor_all                         ? 
_refine.ls_wR_factor_obs                         ? 
_refine.ls_wR_factor_R_free                      ? 
_refine.ls_wR_factor_R_work                      ? 
_refine.occupancy_max                            ? 
_refine.occupancy_min                            ? 
_refine.solvent_model_details                    MASK 
_refine.solvent_model_param_bsol                 ? 
_refine.solvent_model_param_ksol                 ? 
_refine.pdbx_R_complete                          ? 
_refine.ls_R_factor_gt                           ? 
_refine.ls_goodness_of_fit_gt                    ? 
_refine.ls_goodness_of_fit_ref                   ? 
_refine.ls_shift_over_su_max                     ? 
_refine.ls_shift_over_su_max_lt                  ? 
_refine.ls_shift_over_su_mean                    ? 
_refine.ls_shift_over_su_mean_lt                 ? 
_refine.pdbx_ls_sigma_I                          ? 
_refine.pdbx_ls_sigma_F                          0.000 
_refine.pdbx_ls_sigma_Fsqd                       ? 
_refine.pdbx_data_cutoff_high_absF               ? 
_refine.pdbx_data_cutoff_high_rms_absF           ? 
_refine.pdbx_data_cutoff_low_absF                ? 
_refine.pdbx_isotropic_thermal_model             ? 
_refine.pdbx_ls_cross_valid_method               THROUGHOUT 
_refine.pdbx_method_to_determine_struct          'MOLECULAR REPLACEMENT' 
_refine.pdbx_starting_model                      1RF7 
_refine.pdbx_stereochemistry_target_values       'MAXIMUM LIKELIHOOD' 
_refine.pdbx_R_Free_selection_details            RANDOM 
_refine.pdbx_stereochem_target_val_spec_case     ? 
_refine.pdbx_overall_ESU_R                       0.1490 
_refine.pdbx_overall_ESU_R_Free                  0.1470 
_refine.pdbx_solvent_vdw_probe_radii             1.2000 
_refine.pdbx_solvent_ion_probe_radii             0.8000 
_refine.pdbx_solvent_shrinkage_radii             0.8000 
_refine.pdbx_real_space_R                        ? 
_refine.pdbx_density_correlation                 ? 
_refine.pdbx_pd_number_of_powder_patterns        ? 
_refine.pdbx_pd_number_of_points                 ? 
_refine.pdbx_pd_meas_number_of_points            ? 
_refine.pdbx_pd_proc_ls_prof_R_factor            ? 
_refine.pdbx_pd_proc_ls_prof_wR_factor           ? 
_refine.pdbx_pd_Marquardt_correlation_coeff      ? 
_refine.pdbx_pd_Fsqrd_R_factor                   ? 
_refine.pdbx_pd_ls_matrix_band_width             ? 
_refine.pdbx_overall_phase_error                 ? 
_refine.pdbx_overall_SU_R_free_Cruickshank_DPI   ? 
_refine.pdbx_overall_SU_R_free_Blow_DPI          ? 
_refine.pdbx_overall_SU_R_Blow_DPI               ? 
_refine.pdbx_TLS_residual_ADP_flag               ? 
_refine.pdbx_diffrn_id                           1 
_refine.overall_SU_B                             4.2250 
_refine.overall_SU_ML                            0.1090 
_refine.overall_SU_R_Cruickshank_DPI             ? 
_refine.overall_SU_R_free                        ? 
_refine.overall_FOM_free_R_set                   ? 
_refine.overall_FOM_work_R_set                   ? 
_refine.pdbx_average_fsc_overall                 ? 
_refine.pdbx_average_fsc_work                    ? 
_refine.pdbx_average_fsc_free                    ? 
# 
_refine_hist.pdbx_refine_id                   'X-RAY DIFFRACTION' 
_refine_hist.cycle_id                         final 
_refine_hist.details                          ? 
_refine_hist.d_res_high                       2.1000 
_refine_hist.d_res_low                        57.8100 
_refine_hist.number_atoms_solvent             57 
_refine_hist.number_atoms_total               1406 
_refine_hist.number_reflns_all                ? 
_refine_hist.number_reflns_obs                ? 
_refine_hist.number_reflns_R_free             ? 
_refine_hist.number_reflns_R_work             ? 
_refine_hist.R_factor_all                     ? 
_refine_hist.R_factor_obs                     ? 
_refine_hist.R_factor_R_free                  ? 
_refine_hist.R_factor_R_work                  ? 
_refine_hist.pdbx_number_residues_total       161 
_refine_hist.pdbx_B_iso_mean_ligand           91.79 
_refine_hist.pdbx_B_iso_mean_solvent          68.09 
_refine_hist.pdbx_number_atoms_protein        1284 
_refine_hist.pdbx_number_atoms_nucleic_acid   0 
_refine_hist.pdbx_number_atoms_ligand         65 
_refine_hist.pdbx_number_atoms_lipid          ? 
_refine_hist.pdbx_number_atoms_carb           ? 
_refine_hist.pdbx_pseudo_atom_details         ? 
# 
loop_
_refine_ls_restr.pdbx_refine_id 
_refine_ls_restr.criterion 
_refine_ls_restr.dev_ideal 
_refine_ls_restr.dev_ideal_target 
_refine_ls_restr.number 
_refine_ls_restr.rejects 
_refine_ls_restr.type 
_refine_ls_restr.weight 
_refine_ls_restr.pdbx_restraint_function 
'X-RAY DIFFRACTION' ? 0.020  0.020  1415 ? r_bond_refined_d       ? ? 
'X-RAY DIFFRACTION' ? 0.003  0.020  1234 ? r_bond_other_d         ? ? 
'X-RAY DIFFRACTION' ? 2.017  1.991  1936 ? r_angle_refined_deg    ? ? 
'X-RAY DIFFRACTION' ? 1.088  3.005  2866 ? r_angle_other_deg      ? ? 
'X-RAY DIFFRACTION' ? 6.689  5.000  168  ? r_dihedral_angle_1_deg ? ? 
'X-RAY DIFFRACTION' ? 37.180 24.412 68   ? r_dihedral_angle_2_deg ? ? 
'X-RAY DIFFRACTION' ? 16.994 15.000 222  ? r_dihedral_angle_3_deg ? ? 
'X-RAY DIFFRACTION' ? 20.181 15.000 9    ? r_dihedral_angle_4_deg ? ? 
'X-RAY DIFFRACTION' ? 0.108  0.200  204  ? r_chiral_restr         ? ? 
'X-RAY DIFFRACTION' ? 0.010  0.021  1571 ? r_gen_planes_refined   ? ? 
'X-RAY DIFFRACTION' ? 0.002  0.020  288  ? r_gen_planes_other     ? ? 
# 
_refine_ls_shell.pdbx_refine_id                   'X-RAY DIFFRACTION' 
_refine_ls_shell.d_res_high                       2.1020 
_refine_ls_shell.d_res_low                        2.1560 
_refine_ls_shell.number_reflns_all                1237 
_refine_ls_shell.number_reflns_obs                ? 
_refine_ls_shell.number_reflns_R_free             63 
_refine_ls_shell.number_reflns_R_work             1174 
_refine_ls_shell.percent_reflns_obs               99.9200 
_refine_ls_shell.percent_reflns_R_free            ? 
_refine_ls_shell.R_factor_all                     ? 
_refine_ls_shell.R_factor_obs                     ? 
_refine_ls_shell.R_factor_R_free                  0.2890 
_refine_ls_shell.R_factor_R_free_error            0.0000 
_refine_ls_shell.R_factor_R_work                  0.2960 
_refine_ls_shell.redundancy_reflns_all            ? 
_refine_ls_shell.redundancy_reflns_obs            ? 
_refine_ls_shell.wR_factor_all                    ? 
_refine_ls_shell.wR_factor_obs                    ? 
_refine_ls_shell.wR_factor_R_free                 ? 
_refine_ls_shell.wR_factor_R_work                 ? 
_refine_ls_shell.pdbx_R_complete                  ? 
_refine_ls_shell.pdbx_total_number_of_bins_used   20 
_refine_ls_shell.pdbx_phase_error                 ? 
_refine_ls_shell.pdbx_fsc_work                    ? 
_refine_ls_shell.pdbx_fsc_free                    ? 
# 
_struct.entry_id                     7MQP 
_struct.title                        
;E. coli dihydrofolate reductase complexed with 4'-chloro-3'-(4-(2,4-diamino-6-ethylpyrimidin-5-yl)but-3-yn-2-yl)-[1,1'-biphenyl]-4-carboxamide (UCP1228)
;
_struct.pdbx_model_details           ? 
_struct.pdbx_formula_weight          ? 
_struct.pdbx_formula_weight_method   ? 
_struct.pdbx_model_type_details      ? 
_struct.pdbx_CASP_flag               N 
# 
_struct_keywords.entry_id        7MQP 
_struct_keywords.text            'Inhibitor, antifolate, DHFR, OXIDOREDUCTASE' 
_struct_keywords.pdbx_keywords   OXIDOREDUCTASE 
# 
loop_
_struct_asym.id 
_struct_asym.pdbx_blank_PDB_chainid_flag 
_struct_asym.pdbx_modified 
_struct_asym.entity_id 
_struct_asym.details 
A N N 1 ? 
B N N 2 ? 
C N N 3 ? 
D N N 3 ? 
E N N 3 ? 
F N N 3 ? 
G N N 3 ? 
H N N 3 ? 
I N N 3 ? 
J N N 4 ? 
# 
loop_
_struct_conf.conf_type_id 
_struct_conf.id 
_struct_conf.pdbx_PDB_helix_id 
_struct_conf.beg_label_comp_id 
_struct_conf.beg_label_asym_id 
_struct_conf.beg_label_seq_id 
_struct_conf.pdbx_beg_PDB_ins_code 
_struct_conf.end_label_comp_id 
_struct_conf.end_label_asym_id 
_struct_conf.end_label_seq_id 
_struct_conf.pdbx_end_PDB_ins_code 
_struct_conf.beg_auth_comp_id 
_struct_conf.beg_auth_asym_id 
_struct_conf.beg_auth_seq_id 
_struct_conf.end_auth_comp_id 
_struct_conf.end_auth_asym_id 
_struct_conf.end_auth_seq_id 
_struct_conf.pdbx_PDB_helix_class 
_struct_conf.details 
_struct_conf.pdbx_PDB_helix_length 
HELX_P HELX_P1 AA1 ALA A 9   ? VAL A 13  ? ALA A 9   VAL A 13  5 ? 5  
HELX_P HELX_P2 AA2 LEU A 24  ? LEU A 36  ? LEU A 24  LEU A 36  1 ? 13 
HELX_P HELX_P3 AA3 ARG A 44  ? GLY A 51  ? ARG A 44  GLY A 51  1 ? 8  
HELX_P HELX_P4 AA4 SER A 77  ? CYS A 85  ? SER A 77  CYS A 85  1 ? 9  
HELX_P HELX_P5 AA5 GLY A 96  ? LEU A 104 ? GLY A 96  LEU A 104 1 ? 9  
HELX_P HELX_P6 AA6 GLU A 129 ? ASP A 131 ? GLU A 129 ASP A 131 5 ? 3  
# 
_struct_conf_type.id          HELX_P 
_struct_conf_type.criteria    ? 
_struct_conf_type.reference   ? 
# 
loop_
_struct_mon_prot_cis.pdbx_id 
_struct_mon_prot_cis.label_comp_id 
_struct_mon_prot_cis.label_seq_id 
_struct_mon_prot_cis.label_asym_id 
_struct_mon_prot_cis.label_alt_id 
_struct_mon_prot_cis.pdbx_PDB_ins_code 
_struct_mon_prot_cis.auth_comp_id 
_struct_mon_prot_cis.auth_seq_id 
_struct_mon_prot_cis.auth_asym_id 
_struct_mon_prot_cis.pdbx_label_comp_id_2 
_struct_mon_prot_cis.pdbx_label_seq_id_2 
_struct_mon_prot_cis.pdbx_label_asym_id_2 
_struct_mon_prot_cis.pdbx_PDB_ins_code_2 
_struct_mon_prot_cis.pdbx_auth_comp_id_2 
_struct_mon_prot_cis.pdbx_auth_seq_id_2 
_struct_mon_prot_cis.pdbx_auth_asym_id_2 
_struct_mon_prot_cis.pdbx_PDB_model_num 
_struct_mon_prot_cis.pdbx_omega_angle 
1 MET 20 A . ? MET 20 A PRO 21 A ? PRO 21 A 1 -6.14 
2 GLY 95 A . ? GLY 95 A GLY 96 A ? GLY 96 A 1 8.08  
# 
_struct_sheet.id               AA1 
_struct_sheet.type             ? 
_struct_sheet.number_strands   8 
_struct_sheet.details          ? 
# 
loop_
_struct_sheet_order.sheet_id 
_struct_sheet_order.range_id_1 
_struct_sheet_order.range_id_2 
_struct_sheet_order.offset 
_struct_sheet_order.sense 
AA1 1 2 ? parallel      
AA1 2 3 ? parallel      
AA1 3 4 ? parallel      
AA1 4 5 ? parallel      
AA1 5 6 ? parallel      
AA1 6 7 ? anti-parallel 
AA1 7 8 ? anti-parallel 
# 
loop_
_struct_sheet_range.sheet_id 
_struct_sheet_range.id 
_struct_sheet_range.beg_label_comp_id 
_struct_sheet_range.beg_label_asym_id 
_struct_sheet_range.beg_label_seq_id 
_struct_sheet_range.pdbx_beg_PDB_ins_code 
_struct_sheet_range.end_label_comp_id 
_struct_sheet_range.end_label_asym_id 
_struct_sheet_range.end_label_seq_id 
_struct_sheet_range.pdbx_end_PDB_ins_code 
_struct_sheet_range.beg_auth_comp_id 
_struct_sheet_range.beg_auth_asym_id 
_struct_sheet_range.beg_auth_seq_id 
_struct_sheet_range.end_auth_comp_id 
_struct_sheet_range.end_auth_asym_id 
_struct_sheet_range.end_auth_seq_id 
AA1 1 THR A 73  ? VAL A 75  ? THR A 73  VAL A 75  
AA1 2 ASN A 59  ? LEU A 62  ? ASN A 59  LEU A 62  
AA1 3 VAL A 40  ? GLY A 43  ? VAL A 40  GLY A 43  
AA1 4 ILE A 91  ? GLY A 95  ? ILE A 91  GLY A 95  
AA1 5 ILE A 2   ? LEU A 8   ? ILE A 2   LEU A 8   
AA1 6 ALA A 107 ? ILE A 115 ? ALA A 107 ILE A 115 
AA1 7 TYR A 151 ? ARG A 158 ? TYR A 151 ARG A 158 
AA1 8 TRP A 133 ? HIS A 141 ? TRP A 133 HIS A 141 
# 
loop_
_pdbx_struct_sheet_hbond.sheet_id 
_pdbx_struct_sheet_hbond.range_id_1 
_pdbx_struct_sheet_hbond.range_id_2 
_pdbx_struct_sheet_hbond.range_1_label_atom_id 
_pdbx_struct_sheet_hbond.range_1_label_comp_id 
_pdbx_struct_sheet_hbond.range_1_label_asym_id 
_pdbx_struct_sheet_hbond.range_1_label_seq_id 
_pdbx_struct_sheet_hbond.range_1_PDB_ins_code 
_pdbx_struct_sheet_hbond.range_1_auth_atom_id 
_pdbx_struct_sheet_hbond.range_1_auth_comp_id 
_pdbx_struct_sheet_hbond.range_1_auth_asym_id 
_pdbx_struct_sheet_hbond.range_1_auth_seq_id 
_pdbx_struct_sheet_hbond.range_2_label_atom_id 
_pdbx_struct_sheet_hbond.range_2_label_comp_id 
_pdbx_struct_sheet_hbond.range_2_label_asym_id 
_pdbx_struct_sheet_hbond.range_2_label_seq_id 
_pdbx_struct_sheet_hbond.range_2_PDB_ins_code 
_pdbx_struct_sheet_hbond.range_2_auth_atom_id 
_pdbx_struct_sheet_hbond.range_2_auth_comp_id 
_pdbx_struct_sheet_hbond.range_2_auth_asym_id 
_pdbx_struct_sheet_hbond.range_2_auth_seq_id 
AA1 1 2 O THR A 73  ? O THR A 73  N ILE A 61  ? N ILE A 61  
AA1 2 3 O ILE A 60  ? O ILE A 60  N VAL A 40  ? N VAL A 40  
AA1 3 4 N ILE A 41  ? N ILE A 41  O ILE A 94  ? O ILE A 94  
AA1 4 5 O ILE A 91  ? O ILE A 91  N SER A 3   ? N SER A 3   
AA1 5 6 N LEU A 8   ? N LEU A 8   O ILE A 115 ? O ILE A 115 
AA1 6 7 N LEU A 112 ? N LEU A 112 O GLU A 154 ? O GLU A 154 
AA1 7 8 O GLU A 157 ? O GLU A 157 N GLU A 134 ? N GLU A 134 
# 
loop_
_struct_site.id 
_struct_site.pdbx_evidence_code 
_struct_site.pdbx_auth_asym_id 
_struct_site.pdbx_auth_comp_id 
_struct_site.pdbx_auth_seq_id 
_struct_site.pdbx_auth_ins_code 
_struct_site.pdbx_num_residues 
_struct_site.details 
AC1 Software A ZM4 201 ? 18 'binding site for residue ZM4 A 201' 
AC2 Software A SO4 202 ? 9  'binding site for residue SO4 A 202' 
AC3 Software A SO4 203 ? 6  'binding site for residue SO4 A 203' 
AC4 Software A SO4 204 ? 6  'binding site for residue SO4 A 204' 
AC5 Software A SO4 205 ? 4  'binding site for residue SO4 A 205' 
AC6 Software A SO4 206 ? 2  'binding site for residue SO4 A 206' 
AC7 Software A SO4 207 ? 2  'binding site for residue SO4 A 207' 
AC8 Software A SO4 208 ? 2  'binding site for residue SO4 A 208' 
# 
loop_
_struct_site_gen.id 
_struct_site_gen.site_id 
_struct_site_gen.pdbx_num_res 
_struct_site_gen.label_comp_id 
_struct_site_gen.label_asym_id 
_struct_site_gen.label_seq_id 
_struct_site_gen.pdbx_auth_ins_code 
_struct_site_gen.auth_comp_id 
_struct_site_gen.auth_asym_id 
_struct_site_gen.auth_seq_id 
_struct_site_gen.label_atom_id 
_struct_site_gen.label_alt_id 
_struct_site_gen.symmetry 
_struct_site_gen.details 
1  AC1 18 ILE A 5   ? ILE A 5   . ? 1_555  ? 
2  AC1 18 ALA A 6   ? ALA A 6   . ? 1_555  ? 
3  AC1 18 ALA A 7   ? ALA A 7   . ? 1_555  ? 
4  AC1 18 MET A 16  ? MET A 16  . ? 1_555  ? 
5  AC1 18 GLU A 17  ? GLU A 17  . ? 1_555  ? 
6  AC1 18 ASP A 27  ? ASP A 27  . ? 1_555  ? 
7  AC1 18 LEU A 28  ? LEU A 28  . ? 1_555  ? 
8  AC1 18 PHE A 31  ? PHE A 31  . ? 1_555  ? 
9  AC1 18 LYS A 32  ? LYS A 32  . ? 1_555  ? 
10 AC1 18 THR A 46  ? THR A 46  . ? 1_555  ? 
11 AC1 18 SER A 49  ? SER A 49  . ? 1_555  ? 
12 AC1 18 ILE A 50  ? ILE A 50  . ? 1_555  ? 
13 AC1 18 ILE A 94  ? ILE A 94  . ? 1_555  ? 
14 AC1 18 TYR A 100 ? TYR A 100 . ? 1_555  ? 
15 AC1 18 THR A 113 ? THR A 113 . ? 1_555  ? 
16 AC1 18 HOH J .   ? HOH A 304 . ? 1_555  ? 
17 AC1 18 HOH J .   ? HOH A 331 . ? 1_555  ? 
18 AC1 18 HOH J .   ? HOH A 334 . ? 1_555  ? 
19 AC2 9  GLY A 43  ? GLY A 43  . ? 1_555  ? 
20 AC2 9  ARG A 44  ? ARG A 44  . ? 1_555  ? 
21 AC2 9  HIS A 45  ? HIS A 45  . ? 1_555  ? 
22 AC2 9  THR A 46  ? THR A 46  . ? 1_555  ? 
23 AC2 9  GLY A 96  ? GLY A 96  . ? 1_555  ? 
24 AC2 9  ARG A 98  ? ARG A 98  . ? 1_555  ? 
25 AC2 9  VAL A 99  ? VAL A 99  . ? 1_555  ? 
26 AC2 9  HOH J .   ? HOH A 327 . ? 1_555  ? 
27 AC2 9  HOH J .   ? HOH A 330 . ? 1_555  ? 
28 AC3 6  ARG A 44  ? ARG A 44  . ? 1_555  ? 
29 AC3 6  SER A 63  ? SER A 63  . ? 1_555  ? 
30 AC3 6  SER A 64  ? SER A 64  . ? 1_555  ? 
31 AC3 6  GLN A 65  ? GLN A 65  . ? 1_555  ? 
32 AC3 6  ARG A 98  ? ARG A 98  . ? 1_555  ? 
33 AC3 6  HOH J .   ? HOH A 326 . ? 1_555  ? 
34 AC4 6  LEU A 104 ? LEU A 104 . ? 1_555  ? 
35 AC4 6  TYR A 128 ? TYR A 128 . ? 1_555  ? 
36 AC4 6  GLU A 129 ? GLU A 129 . ? 1_555  ? 
37 AC4 6  ASP A 132 ? ASP A 132 . ? 1_555  ? 
38 AC4 6  TRP A 133 ? TRP A 133 . ? 1_555  ? 
39 AC4 6  ARG A 158 ? ARG A 158 . ? 1_555  ? 
40 AC5 4  ARG A 12  ? ARG A 12  . ? 12_555 ? 
41 AC5 4  ASP A 116 ? ASP A 116 . ? 1_555  ? 
42 AC5 4  ALA A 143 ? ALA A 143 . ? 1_555  ? 
43 AC5 4  SER A 150 ? SER A 150 . ? 1_555  ? 
44 AC6 2  ARG A 44  ? ARG A 44  . ? 1_555  ? 
45 AC6 2  HIS A 45  ? HIS A 45  . ? 1_555  ? 
46 AC7 2  ASP A 79  ? ASP A 79  . ? 1_555  ? 
47 AC7 2  LYS A 106 ? LYS A 106 . ? 1_555  ? 
48 AC8 2  LYS A 58  ? LYS A 58  . ? 10_444 ? 
49 AC8 2  LYS A 76  ? LYS A 76  . ? 1_555  ? 
# 
_atom_sites.entry_id                    7MQP 
_atom_sites.Cartn_transf_matrix[1][1]   ? 
_atom_sites.Cartn_transf_matrix[1][2]   ? 
_atom_sites.Cartn_transf_matrix[1][3]   ? 
_atom_sites.Cartn_transf_matrix[2][1]   ? 
_atom_sites.Cartn_transf_matrix[2][2]   ? 
_atom_sites.Cartn_transf_matrix[2][3]   ? 
_atom_sites.Cartn_transf_matrix[3][1]   ? 
_atom_sites.Cartn_transf_matrix[3][2]   ? 
_atom_sites.Cartn_transf_matrix[3][3]   ? 
_atom_sites.Cartn_transf_vector[1]      ? 
_atom_sites.Cartn_transf_vector[2]      ? 
_atom_sites.Cartn_transf_vector[3]      ? 
_atom_sites.fract_transf_matrix[1][1]   0.01116233 
_atom_sites.fract_transf_matrix[1][2]   -0.00819686 
_atom_sites.fract_transf_matrix[1][3]   0.01039639 
_atom_sites.fract_transf_matrix[2][1]   -0.00506194 
_atom_sites.fract_transf_matrix[2][2]   -0.00527329 
_atom_sites.fract_transf_matrix[2][3]   0.01569865 
_atom_sites.fract_transf_matrix[3][1]   -0.00133037 
_atom_sites.fract_transf_matrix[3][2]   -0.00410441 
_atom_sites.fract_transf_matrix[3][3]   -0.00180767 
_atom_sites.fract_transf_vector[1]      -0.480226 
_atom_sites.fract_transf_vector[2]      -0.391906 
_atom_sites.fract_transf_vector[3]      0.011424 
_atom_sites.solution_primary            ? 
_atom_sites.solution_secondary          ? 
_atom_sites.solution_hydrogens          ? 
_atom_sites.special_details             ? 
# 
loop_
_atom_type.symbol 
C 
N 
O 
S 
# 
loop_
_atom_site.group_PDB 
_atom_site.id 
_atom_site.type_symbol 
_atom_site.label_atom_id 
_atom_site.label_alt_id 
_atom_site.label_comp_id 
_atom_site.label_asym_id 
_atom_site.label_entity_id 
_atom_site.label_seq_id 
_atom_site.pdbx_PDB_ins_code 
_atom_site.Cartn_x 
_atom_site.Cartn_y 
_atom_site.Cartn_z 
_atom_site.occupancy 
_atom_site.B_iso_or_equiv 
_atom_site.pdbx_formal_charge 
_atom_site.auth_seq_id 
_atom_site.auth_comp_id 
_atom_site.auth_asym_id 
_atom_site.auth_atom_id 
_atom_site.pdbx_PDB_model_num 
ATOM   1    N N    . MET A 1 1   ? -6.556  13.582  -1.932  1.00 71.37  ? 1   MET A N    1 
ATOM   2    C CA   . MET A 1 1   ? -6.635  12.950  -0.582  1.00 69.00  ? 1   MET A CA   1 
ATOM   3    C C    . MET A 1 1   ? -5.629  11.767  -0.453  1.00 56.30  ? 1   MET A C    1 
ATOM   4    O O    . MET A 1 1   ? -5.032  11.369  -1.426  1.00 55.77  ? 1   MET A O    1 
ATOM   5    C CB   . MET A 1 1   ? -8.071  12.517  -0.307  1.00 68.92  ? 1   MET A CB   1 
ATOM   6    C CG   . MET A 1 1   ? -8.941  12.139  -1.501  1.00 83.80  ? 1   MET A CG   1 
ATOM   7    S SD   . MET A 1 1   ? -8.572  10.621  -2.386  1.00 86.46  ? 1   MET A SD   1 
ATOM   8    C CE   . MET A 1 1   ? -8.605  9.571   -0.961  1.00 86.69  ? 1   MET A CE   1 
ATOM   9    N N    . ILE A 1 2   ? -5.497  11.195  0.730   1.00 53.57  ? 2   ILE A N    1 
ATOM   10   C CA   . ILE A 1 2   ? -4.522  10.105  0.990   1.00 51.00  ? 2   ILE A CA   1 
ATOM   11   C C    . ILE A 1 2   ? -5.211  8.749   1.006   1.00 51.80  ? 2   ILE A C    1 
ATOM   12   O O    . ILE A 1 2   ? -6.242  8.568   1.668   1.00 50.93  ? 2   ILE A O    1 
ATOM   13   C CB   . ILE A 1 2   ? -3.862  10.393  2.317   1.00 51.14  ? 2   ILE A CB   1 
ATOM   14   C CG1  . ILE A 1 2   ? -3.104  11.733  2.174   1.00 55.88  ? 2   ILE A CG1  1 
ATOM   15   C CG2  . ILE A 1 2   ? -2.907  9.274   2.769   1.00 55.15  ? 2   ILE A CG2  1 
ATOM   16   C CD1  . ILE A 1 2   ? -2.717  12.339  3.494   1.00 57.28  ? 2   ILE A CD1  1 
ATOM   17   N N    . SER A 1 3   ? -4.647  7.813   0.259   1.00 47.97  ? 3   SER A N    1 
ATOM   18   C CA   . SER A 1 3   ? -5.169  6.464   0.147   1.00 47.49  ? 3   SER A CA   1 
ATOM   19   C C    . SER A 1 3   ? -4.068  5.500   0.525   1.00 49.80  ? 3   SER A C    1 
ATOM   20   O O    . SER A 1 3   ? -2.903  5.797   0.268   1.00 51.95  ? 3   SER A O    1 
ATOM   21   C CB   . SER A 1 3   ? -5.601  6.148   -1.267  1.00 50.34  ? 3   SER A CB   1 
ATOM   22   O OG   . SER A 1 3   ? -6.621  7.043   -1.678  1.00 48.54  ? 3   SER A OG   1 
ATOM   23   N N    . LEU A 1 4   ? -4.435  4.421   1.225   1.00 49.33  ? 4   LEU A N    1 
ATOM   24   C CA   . LEU A 1 4   ? -3.560  3.267   1.463   1.00 45.55  ? 4   LEU A CA   1 
ATOM   25   C C    . LEU A 1 4   ? -3.913  2.135   0.517   1.00 48.09  ? 4   LEU A C    1 
ATOM   26   O O    . LEU A 1 4   ? -5.067  1.870   0.262   1.00 47.69  ? 4   LEU A O    1 
ATOM   27   C CB   . LEU A 1 4   ? -3.629  2.782   2.895   1.00 44.42  ? 4   LEU A CB   1 
ATOM   28   C CG   . LEU A 1 4   ? -3.679  3.812   3.962   1.00 53.97  ? 4   LEU A CG   1 
ATOM   29   C CD1  . LEU A 1 4   ? -3.652  3.098   5.296   1.00 50.36  ? 4   LEU A CD1  1 
ATOM   30   C CD2  . LEU A 1 4   ? -2.565  4.817   3.909   1.00 52.24  ? 4   LEU A CD2  1 
ATOM   31   N N    . ILE A 1 5   ? -2.898  1.535   -0.094  1.00 44.78  ? 5   ILE A N    1 
ATOM   32   C CA   . ILE A 1 5   ? -3.103  0.390   -0.955  1.00 47.40  ? 5   ILE A CA   1 
ATOM   33   C C    . ILE A 1 5   ? -2.208  -0.735  -0.414  1.00 51.73  ? 5   ILE A C    1 
ATOM   34   O O    . ILE A 1 5   ? -1.033  -0.510  -0.151  1.00 47.11  ? 5   ILE A O    1 
ATOM   35   C CB   . ILE A 1 5   ? -2.906  0.659   -2.443  1.00 45.05  ? 5   ILE A CB   1 
ATOM   36   C CG1  . ILE A 1 5   ? -3.203  -0.607  -3.240  1.00 50.71  ? 5   ILE A CG1  1 
ATOM   37   C CG2  . ILE A 1 5   ? -1.537  1.224   -2.739  1.00 45.79  ? 5   ILE A CG2  1 
ATOM   38   C CD1  . ILE A 1 5   ? -3.596  -0.328  -4.651  1.00 50.78  ? 5   ILE A CD1  1 
ATOM   39   N N    . ALA A 1 6   ? -2.832  -1.899  -0.174  1.00 44.75  ? 6   ALA A N    1 
ATOM   40   C CA   . ALA A 1 6   ? -2.181  -3.070  0.415   1.00 44.70  ? 6   ALA A CA   1 
ATOM   41   C C    . ALA A 1 6   ? -2.831  -4.392  0.057   1.00 49.16  ? 6   ALA A C    1 
ATOM   42   O O    . ALA A 1 6   ? -4.088  -4.461  -0.128  1.00 49.82  ? 6   ALA A O    1 
ATOM   43   C CB   . ALA A 1 6   ? -2.221  -2.928  1.908   1.00 48.82  ? 6   ALA A CB   1 
ATOM   44   N N    . ALA A 1 7   ? -1.982  -5.418  -0.078  1.00 54.85  ? 7   ALA A N    1 
ATOM   45   C CA   . ALA A 1 7   ? -2.374  -6.818  -0.246  1.00 50.46  ? 7   ALA A CA   1 
ATOM   46   C C    . ALA A 1 7   ? -2.232  -7.565  1.096   1.00 56.19  ? 7   ALA A C    1 
ATOM   47   O O    . ALA A 1 7   ? -1.200  -7.535  1.737   1.00 52.72  ? 7   ALA A O    1 
ATOM   48   C CB   . ALA A 1 7   ? -1.565  -7.462  -1.306  1.00 50.58  ? 7   ALA A CB   1 
ATOM   49   N N    . LEU A 1 8   ? -3.345  -8.139  1.552   1.00 51.74  ? 8   LEU A N    1 
ATOM   50   C CA   . LEU A 1 8   ? -3.492  -8.664  2.907   1.00 54.13  ? 8   LEU A CA   1 
ATOM   51   C C    . LEU A 1 8   ? -3.767  -10.170 2.783   1.00 61.39  ? 8   LEU A C    1 
ATOM   52   O O    . LEU A 1 8   ? -4.703  -10.581 2.081   1.00 54.95  ? 8   LEU A O    1 
ATOM   53   C CB   . LEU A 1 8   ? -4.654  -8.056  3.623   1.00 54.42  ? 8   LEU A CB   1 
ATOM   54   C CG   . LEU A 1 8   ? -4.515  -6.759  4.377   1.00 60.71  ? 8   LEU A CG   1 
ATOM   55   C CD1  . LEU A 1 8   ? -4.009  -5.691  3.483   1.00 62.14  ? 8   LEU A CD1  1 
ATOM   56   C CD2  . LEU A 1 8   ? -5.889  -6.395  4.953   1.00 62.89  ? 8   LEU A CD2  1 
ATOM   57   N N    . ALA A 1 9   ? -2.952  -10.994 3.447   1.00 62.07  ? 9   ALA A N    1 
ATOM   58   C CA   . ALA A 1 9   ? -3.312  -12.434 3.578   1.00 60.87  ? 9   ALA A CA   1 
ATOM   59   C C    . ALA A 1 9   ? -4.236  -12.586 4.763   1.00 58.88  ? 9   ALA A C    1 
ATOM   60   O O    . ALA A 1 9   ? -4.728  -11.588 5.325   1.00 50.56  ? 9   ALA A O    1 
ATOM   61   C CB   . ALA A 1 9   ? -2.082  -13.325 3.656   1.00 58.65  ? 9   ALA A CB   1 
ATOM   62   N N    . VAL A 1 10  ? -4.551  -13.818 5.159   1.00 60.41  ? 10  VAL A N    1 
ATOM   63   C CA   . VAL A 1 10  ? -5.525  -13.973 6.249   1.00 56.50  ? 10  VAL A CA   1 
ATOM   64   C C    . VAL A 1 10  ? -4.917  -13.442 7.545   1.00 56.79  ? 10  VAL A C    1 
ATOM   65   O O    . VAL A 1 10  ? -3.714  -13.381 7.690   1.00 62.81  ? 10  VAL A O    1 
ATOM   66   C CB   . VAL A 1 10  ? -5.952  -15.479 6.384   1.00 80.54  ? 10  VAL A CB   1 
ATOM   67   C CG1  . VAL A 1 10  ? -4.827  -16.293 6.985   1.00 73.75  ? 10  VAL A CG1  1 
ATOM   68   C CG2  . VAL A 1 10  ? -7.247  -15.653 7.181   1.00 80.92  ? 10  VAL A CG2  1 
ATOM   69   N N    . ASP A 1 11  ? -5.771  -13.031 8.459   1.00 59.56  ? 11  ASP A N    1 
ATOM   70   C CA   . ASP A 1 11  ? -5.379  -12.315 9.631   1.00 68.60  ? 11  ASP A CA   1 
ATOM   71   C C    . ASP A 1 11  ? -4.720  -10.932 9.361   1.00 68.19  ? 11  ASP A C    1 
ATOM   72   O O    . ASP A 1 11  ? -4.022  -10.401 10.211  1.00 60.70  ? 11  ASP A O    1 
ATOM   73   C CB   . ASP A 1 11  ? -4.449  -13.222 10.461  1.00 88.99  ? 11  ASP A CB   1 
ATOM   74   C CG   . ASP A 1 11  ? -4.713  -13.107 11.942  1.00 111.05 ? 11  ASP A CG   1 
ATOM   75   O OD1  . ASP A 1 11  ? -5.866  -13.410 12.337  1.00 111.40 ? 11  ASP A OD1  1 
ATOM   76   O OD2  . ASP A 1 11  ? -3.777  -12.730 12.695  1.00 122.38 ? 11  ASP A OD2  1 
ATOM   77   N N    . ARG A 1 12  ? -4.924  -10.363 8.186   1.00 66.19  ? 12  ARG A N    1 
ATOM   78   C CA   . ARG A 1 12  ? -4.414  -9.021  7.897   1.00 65.43  ? 12  ARG A CA   1 
ATOM   79   C C    . ARG A 1 12  ? -2.922  -9.026  7.891   1.00 60.77  ? 12  ARG A C    1 
ATOM   80   O O    . ARG A 1 12  ? -2.347  -8.021  8.142   1.00 58.72  ? 12  ARG A O    1 
ATOM   81   C CB   . ARG A 1 12  ? -4.952  -7.978  8.897   1.00 64.95  ? 12  ARG A CB   1 
ATOM   82   C CG   . ARG A 1 12  ? -6.450  -7.924  8.845   1.00 76.33  ? 12  ARG A CG   1 
ATOM   83   C CD   . ARG A 1 12  ? -7.037  -6.588  9.261   1.00 90.23  ? 12  ARG A CD   1 
ATOM   84   N NE   . ARG A 1 12  ? -8.514  -6.640  9.159   1.00 93.82  ? 12  ARG A NE   1 
ATOM   85   C CZ   . ARG A 1 12  ? -9.366  -5.738  9.678   1.00 107.25 ? 12  ARG A CZ   1 
ATOM   86   N NH1  . ARG A 1 12  ? -8.947  -4.651  10.348  1.00 107.25 ? 12  ARG A NH1  1 
ATOM   87   N NH2  . ARG A 1 12  ? -10.672 -5.925  9.539   1.00 103.56 ? 12  ARG A NH2  1 
ATOM   88   N N    . VAL A 1 13  ? -2.313  -10.153 7.541   1.00 58.15  ? 13  VAL A N    1 
ATOM   89   C CA   . VAL A 1 13  ? -0.891  -10.249 7.482   1.00 58.36  ? 13  VAL A CA   1 
ATOM   90   C C    . VAL A 1 13  ? -0.395  -9.658  6.163   1.00 61.81  ? 13  VAL A C    1 
ATOM   91   O O    . VAL A 1 13  ? -0.918  -9.984  5.106   1.00 56.58  ? 13  VAL A O    1 
ATOM   92   C CB   . VAL A 1 13  ? -0.366  -11.725 7.558   1.00 62.84  ? 13  VAL A CB   1 
ATOM   93   C CG1  . VAL A 1 13  ? 1.130   -11.793 7.220   1.00 60.13  ? 13  VAL A CG1  1 
ATOM   94   C CG2  . VAL A 1 13  ? -0.611  -12.333 8.958   1.00 63.96  ? 13  VAL A CG2  1 
ATOM   95   N N    . ILE A 1 14  ? 0.697   -8.900  6.231   1.00 58.04  ? 14  ILE A N    1 
ATOM   96   C CA   . ILE A 1 14  ? 1.327   -8.281  5.047   1.00 65.92  ? 14  ILE A CA   1 
ATOM   97   C C    . ILE A 1 14  ? 2.778   -8.674  5.063   1.00 73.85  ? 14  ILE A C    1 
ATOM   98   O O    . ILE A 1 14  ? 3.362   -8.883  6.152   1.00 77.60  ? 14  ILE A O    1 
ATOM   99   C CB   . ILE A 1 14  ? 1.212   -6.725  5.072   1.00 63.35  ? 14  ILE A CB   1 
ATOM   100  C CG1  . ILE A 1 14  ? 1.819   -6.087  6.354   1.00 65.70  ? 14  ILE A CG1  1 
ATOM   101  C CG2  . ILE A 1 14  ? -0.242  -6.310  5.096   1.00 54.55  ? 14  ILE A CG2  1 
ATOM   102  C CD1  . ILE A 1 14  ? 1.669   -4.569  6.400   1.00 67.48  ? 14  ILE A CD1  1 
ATOM   103  N N    . GLY A 1 15  ? 3.365   -8.772  3.884   1.00 68.08  ? 15  GLY A N    1 
ATOM   104  C CA   . GLY A 1 15  ? 4.808   -8.960  3.785   1.00 82.55  ? 15  GLY A CA   1 
ATOM   105  C C    . GLY A 1 15  ? 5.315   -8.377  2.497   1.00 92.67  ? 15  GLY A C    1 
ATOM   106  O O    . GLY A 1 15  ? 4.539   -8.165  1.562   1.00 102.22 ? 15  GLY A O    1 
ATOM   107  N N    . MET A 1 16  ? 6.616   -8.155  2.428   1.00 91.44  ? 16  MET A N    1 
ATOM   108  C CA   . MET A 1 16  ? 7.201   -7.555  1.237   1.00 93.67  ? 16  MET A CA   1 
ATOM   109  C C    . MET A 1 16  ? 6.779   -8.344  -0.005  1.00 93.01  ? 16  MET A C    1 
ATOM   110  O O    . MET A 1 16  ? 7.085   -9.533  -0.166  1.00 98.78  ? 16  MET A O    1 
ATOM   111  C CB   . MET A 1 16  ? 8.726   -7.357  1.371   1.00 103.32 ? 16  MET A CB   1 
ATOM   112  C CG   . MET A 1 16  ? 9.207   -5.888  1.398   1.00 101.37 ? 16  MET A CG   1 
ATOM   113  S SD   . MET A 1 16  ? 8.904   -4.694  2.746   1.00 111.62 ? 16  MET A SD   1 
ATOM   114  C CE   . MET A 1 16  ? 7.155   -4.245  2.695   1.00 96.67  ? 16  MET A CE   1 
ATOM   115  N N    . GLU A 1 17  ? 6.049   -7.642  -0.878  1.00 111.56 ? 17  GLU A N    1 
ATOM   116  C CA   . GLU A 1 17  ? 5.294   -8.242  -1.983  1.00 107.73 ? 17  GLU A CA   1 
ATOM   117  C C    . GLU A 1 17  ? 6.164   -8.566  -3.213  1.00 111.34 ? 17  GLU A C    1 
ATOM   118  O O    . GLU A 1 17  ? 5.713   -8.416  -4.346  1.00 109.71 ? 17  GLU A O    1 
ATOM   119  C CB   . GLU A 1 17  ? 4.088   -7.353  -2.379  1.00 102.04 ? 17  GLU A CB   1 
ATOM   120  C CG   . GLU A 1 17  ? 2.931   -7.210  -1.351  1.00 111.44 ? 17  GLU A CG   1 
ATOM   121  C CD   . GLU A 1 17  ? 2.801   -5.818  -0.662  1.00 122.91 ? 17  GLU A CD   1 
ATOM   122  O OE1  . GLU A 1 17  ? 3.865   -5.161  -0.419  1.00 114.39 ? 17  GLU A OE1  1 
ATOM   123  O OE2  . GLU A 1 17  ? 1.625   -5.389  -0.339  1.00 92.49  ? 17  GLU A OE2  1 
ATOM   124  N N    . ASN A 1 18  ? 7.412   -8.990  -2.977  1.00 121.25 ? 18  ASN A N    1 
ATOM   125  C CA   . ASN A 1 18  ? 8.206   -9.762  -3.961  1.00 118.74 ? 18  ASN A CA   1 
ATOM   126  C C    . ASN A 1 18  ? 8.286   -11.263 -3.577  1.00 115.65 ? 18  ASN A C    1 
ATOM   127  O O    . ASN A 1 18  ? 8.444   -12.109 -4.455  1.00 125.16 ? 18  ASN A O    1 
ATOM   128  C CB   . ASN A 1 18  ? 9.604   -9.134  -4.255  1.00 110.69 ? 18  ASN A CB   1 
ATOM   129  C CG   . ASN A 1 18  ? 10.355  -8.645  -3.006  1.00 111.37 ? 18  ASN A CG   1 
ATOM   130  O OD1  . ASN A 1 18  ? 9.826   -8.587  -1.886  1.00 112.39 ? 18  ASN A OD1  1 
ATOM   131  N ND2  . ASN A 1 18  ? 11.602  -8.271  -3.212  1.00 109.11 ? 18  ASN A ND2  1 
ATOM   132  N N    . ALA A 1 19  ? 8.157   -11.584 -2.282  1.00 110.80 ? 19  ALA A N    1 
ATOM   133  C CA   . ALA A 1 19  ? 7.821   -12.950 -1.809  1.00 108.88 ? 19  ALA A CA   1 
ATOM   134  C C    . ALA A 1 19  ? 6.466   -13.468 -2.381  1.00 115.99 ? 19  ALA A C    1 
ATOM   135  O O    . ALA A 1 19  ? 5.741   -12.697 -2.994  1.00 128.21 ? 19  ALA A O    1 
ATOM   136  C CB   . ALA A 1 19  ? 7.765   -12.930 -0.296  1.00 103.64 ? 19  ALA A CB   1 
ATOM   137  N N    . MET A 1 20  ? 6.138   -14.758 -2.196  1.00 125.02 ? 20  MET A N    1 
ATOM   138  C CA   . MET A 1 20  ? 4.763   -15.318 -2.447  1.00 124.14 ? 20  MET A CA   1 
ATOM   139  C C    . MET A 1 20  ? 3.939   -15.302 -1.126  1.00 125.15 ? 20  MET A C    1 
ATOM   140  O O    . MET A 1 20  ? 4.527   -15.125 -0.069  1.00 116.33 ? 20  MET A O    1 
ATOM   141  C CB   . MET A 1 20  ? 4.827   -16.765 -2.945  1.00 127.62 ? 20  MET A CB   1 
ATOM   142  C CG   . MET A 1 20  ? 5.646   -17.023 -4.197  1.00 127.09 ? 20  MET A CG   1 
ATOM   143  S SD   . MET A 1 20  ? 5.920   -18.798 -4.470  1.00 132.18 ? 20  MET A SD   1 
ATOM   144  C CE   . MET A 1 20  ? 6.575   -19.395 -2.900  1.00 120.75 ? 20  MET A CE   1 
ATOM   145  N N    . PRO A 1 21  ? 2.604   -15.453 -1.137  1.00 121.46 ? 21  PRO A N    1 
ATOM   146  C CA   . PRO A 1 21  ? 1.741   -15.520 -2.311  1.00 123.89 ? 21  PRO A CA   1 
ATOM   147  C C    . PRO A 1 21  ? 1.302   -14.120 -2.768  1.00 127.92 ? 21  PRO A C    1 
ATOM   148  O O    . PRO A 1 21  ? 0.159   -13.950 -3.199  1.00 132.55 ? 21  PRO A O    1 
ATOM   149  C CB   . PRO A 1 21  ? 0.525   -16.245 -1.747  1.00 120.14 ? 21  PRO A CB   1 
ATOM   150  C CG   . PRO A 1 21  ? 0.382   -15.598 -0.391  1.00 123.64 ? 21  PRO A CG   1 
ATOM   151  C CD   . PRO A 1 21  ? 1.789   -15.231 0.072   1.00 117.07 ? 21  PRO A CD   1 
ATOM   152  N N    . TRP A 1 22  ? 2.190   -13.130 -2.638  1.00 113.71 ? 22  TRP A N    1 
ATOM   153  C CA   . TRP A 1 22  ? 1.955   -11.780 -3.121  1.00 114.11 ? 22  TRP A CA   1 
ATOM   154  C C    . TRP A 1 22  ? 2.478   -11.647 -4.561  1.00 114.41 ? 22  TRP A C    1 
ATOM   155  O O    . TRP A 1 22  ? 2.554   -10.542 -5.064  1.00 93.35  ? 22  TRP A O    1 
ATOM   156  C CB   . TRP A 1 22  ? 2.659   -10.726 -2.240  1.00 112.71 ? 22  TRP A CB   1 
ATOM   157  C CG   . TRP A 1 22  ? 2.958   -11.084 -0.766  1.00 112.26 ? 22  TRP A CG   1 
ATOM   158  C CD1  . TRP A 1 22  ? 4.145   -11.564 -0.248  1.00 109.56 ? 22  TRP A CD1  1 
ATOM   159  C CD2  . TRP A 1 22  ? 2.082   -10.919 0.355   1.00 95.55  ? 22  TRP A CD2  1 
ATOM   160  N NE1  . TRP A 1 22  ? 4.042   -11.718 1.118   1.00 86.41  ? 22  TRP A NE1  1 
ATOM   161  C CE2  . TRP A 1 22  ? 2.783   -11.352 1.506   1.00 83.31  ? 22  TRP A CE2  1 
ATOM   162  C CE3  . TRP A 1 22  ? 0.760   -10.493 0.492   1.00 87.73  ? 22  TRP A CE3  1 
ATOM   163  C CZ2  . TRP A 1 22  ? 2.213   -11.351 2.765   1.00 82.41  ? 22  TRP A CZ2  1 
ATOM   164  C CZ3  . TRP A 1 22  ? 0.204   -10.494 1.738   1.00 82.02  ? 22  TRP A CZ3  1 
ATOM   165  C CH2  . TRP A 1 22  ? 0.945   -10.897 2.866   1.00 87.63  ? 22  TRP A CH2  1 
ATOM   166  N N    . ASN A 1 23  ? 2.884   -12.753 -5.199  1.00 131.51 ? 23  ASN A N    1 
ATOM   167  C CA   . ASN A 1 23  ? 3.155   -12.786 -6.641  1.00 134.27 ? 23  ASN A CA   1 
ATOM   168  C C    . ASN A 1 23  ? 1.878   -13.284 -7.302  1.00 123.78 ? 23  ASN A C    1 
ATOM   169  O O    . ASN A 1 23  ? 1.833   -14.395 -7.838  1.00 133.16 ? 23  ASN A O    1 
ATOM   170  C CB   . ASN A 1 23  ? 4.335   -13.716 -6.962  1.00 135.44 ? 23  ASN A CB   1 
ATOM   171  C CG   . ASN A 1 23  ? 5.585   -13.366 -6.181  1.00 145.52 ? 23  ASN A CG   1 
ATOM   172  O OD1  . ASN A 1 23  ? 5.887   -12.190 -5.957  1.00 151.22 ? 23  ASN A OD1  1 
ATOM   173  N ND2  . ASN A 1 23  ? 6.319   -14.388 -5.753  1.00 152.78 ? 23  ASN A ND2  1 
ATOM   174  N N    . LEU A 1 24  ? 0.824   -12.478 -7.199  1.00 95.90  ? 24  LEU A N    1 
ATOM   175  C CA   . LEU A 1 24  ? -0.443  -12.759 -7.861  1.00 77.79  ? 24  LEU A CA   1 
ATOM   176  C C    . LEU A 1 24  ? -0.527  -11.719 -8.922  1.00 72.74  ? 24  LEU A C    1 
ATOM   177  O O    . LEU A 1 24  ? -0.752  -10.541 -8.600  1.00 67.39  ? 24  LEU A O    1 
ATOM   178  C CB   . LEU A 1 24  ? -1.659  -12.556 -6.957  1.00 76.51  ? 24  LEU A CB   1 
ATOM   179  C CG   . LEU A 1 24  ? -2.153  -13.571 -5.949  1.00 78.63  ? 24  LEU A CG   1 
ATOM   180  C CD1  . LEU A 1 24  ? -3.504  -13.058 -5.486  1.00 76.72  ? 24  LEU A CD1  1 
ATOM   181  C CD2  . LEU A 1 24  ? -2.281  -15.026 -6.430  1.00 84.63  ? 24  LEU A CD2  1 
ATOM   182  N N    . PRO A 1 25  ? -0.387  -12.127 -10.185 1.00 64.44  ? 25  PRO A N    1 
ATOM   183  C CA   . PRO A 1 25  ? -0.385  -11.163 -11.245 1.00 65.61  ? 25  PRO A CA   1 
ATOM   184  C C    . PRO A 1 25  ? -1.608  -10.261 -11.259 1.00 63.99  ? 25  PRO A C    1 
ATOM   185  O O    . PRO A 1 25  ? -1.501  -9.124  -11.710 1.00 64.27  ? 25  PRO A O    1 
ATOM   186  C CB   . PRO A 1 25  ? -0.374  -12.033 -12.525 1.00 67.43  ? 25  PRO A CB   1 
ATOM   187  C CG   . PRO A 1 25  ? 0.252   -13.297 -12.112 1.00 66.43  ? 25  PRO A CG   1 
ATOM   188  C CD   . PRO A 1 25  ? -0.056  -13.486 -10.658 1.00 67.29  ? 25  PRO A CD   1 
ATOM   189  N N    . ALA A 1 26  ? -2.764  -10.765 -10.828 1.00 59.81  ? 26  ALA A N    1 
ATOM   190  C CA   . ALA A 1 26  ? -3.986  -9.927  -10.865 1.00 63.31  ? 26  ALA A CA   1 
ATOM   191  C C    . ALA A 1 26  ? -3.884  -8.762  -9.887  1.00 51.92  ? 26  ALA A C    1 
ATOM   192  O O    . ALA A 1 26  ? -4.308  -7.672  -10.216 1.00 56.19  ? 26  ALA A O    1 
ATOM   193  C CB   . ALA A 1 26  ? -5.227  -10.733 -10.571 1.00 60.74  ? 26  ALA A CB   1 
ATOM   194  N N    . ASP A 1 27  ? -3.327  -9.020  -8.704  1.00 47.14  ? 27  ASP A N    1 
ATOM   195  C CA   . ASP A 1 27  ? -3.056  -7.965  -7.749  1.00 51.87  ? 27  ASP A CA   1 
ATOM   196  C C    . ASP A 1 27  ? -2.040  -6.958  -8.278  1.00 55.16  ? 27  ASP A C    1 
ATOM   197  O O    . ASP A 1 27  ? -2.205  -5.721  -8.076  1.00 51.26  ? 27  ASP A O    1 
ATOM   198  C CB   . ASP A 1 27  ? -2.598  -8.484  -6.408  1.00 56.03  ? 27  ASP A CB   1 
ATOM   199  C CG   . ASP A 1 27  ? -2.251  -7.347  -5.456  1.00 54.01  ? 27  ASP A CG   1 
ATOM   200  O OD1  . ASP A 1 27  ? -3.184  -6.656  -4.947  1.00 54.21  ? 27  ASP A OD1  1 
ATOM   201  O OD2  . ASP A 1 27  ? -1.042  -7.100  -5.284  1.00 54.32  ? 27  ASP A OD2  1 
ATOM   202  N N    . LEU A 1 28  ? -1.020  -7.454  -8.967  1.00 56.46  ? 28  LEU A N    1 
ATOM   203  C CA   . LEU A 1 28  ? -0.043  -6.566  -9.585  1.00 59.71  ? 28  LEU A CA   1 
ATOM   204  C C    . LEU A 1 28  ? -0.732  -5.630  -10.591 1.00 59.01  ? 28  LEU A C    1 
ATOM   205  O O    . LEU A 1 28  ? -0.491  -4.413  -10.567 1.00 58.29  ? 28  LEU A O    1 
ATOM   206  C CB   . LEU A 1 28  ? 1.097   -7.348  -10.222 1.00 64.43  ? 28  LEU A CB   1 
ATOM   207  C CG   . LEU A 1 28  ? 2.094   -6.450  -10.982 1.00 81.08  ? 28  LEU A CG   1 
ATOM   208  C CD1  . LEU A 1 28  ? 2.912   -5.547  -10.027 1.00 76.05  ? 28  LEU A CD1  1 
ATOM   209  C CD2  . LEU A 1 28  ? 2.992   -7.296  -11.894 1.00 82.07  ? 28  LEU A CD2  1 
ATOM   210  N N    . ALA A 1 29  ? -1.612  -6.151  -11.447 1.00 53.83  ? 29  ALA A N    1 
ATOM   211  C CA   . ALA A 1 29  ? -2.333  -5.254  -12.367 1.00 51.55  ? 29  ALA A CA   1 
ATOM   212  C C    . ALA A 1 29  ? -3.254  -4.274  -11.674 1.00 56.78  ? 29  ALA A C    1 
ATOM   213  O O    . ALA A 1 29  ? -3.449  -3.126  -12.138 1.00 54.94  ? 29  ALA A O    1 
ATOM   214  C CB   . ALA A 1 29  ? -3.122  -6.057  -13.359 1.00 61.84  ? 29  ALA A CB   1 
ATOM   215  N N    . TRP A 1 30  ? -3.889  -4.733  -10.594 1.00 56.45  ? 30  TRP A N    1 
ATOM   216  C CA   . TRP A 1 30  ? -4.765  -3.850  -9.793  1.00 56.04  ? 30  TRP A CA   1 
ATOM   217  C C    . TRP A 1 30  ? -3.932  -2.718  -9.168  1.00 52.61  ? 30  TRP A C    1 
ATOM   218  O O    . TRP A 1 30  ? -4.327  -1.536  -9.179  1.00 48.34  ? 30  TRP A O    1 
ATOM   219  C CB   . TRP A 1 30  ? -5.475  -4.672  -8.697  1.00 54.78  ? 30  TRP A CB   1 
ATOM   220  C CG   . TRP A 1 30  ? -6.034  -3.940  -7.521  1.00 49.67  ? 30  TRP A CG   1 
ATOM   221  C CD1  . TRP A 1 30  ? -5.409  -3.750  -6.346  1.00 49.43  ? 30  TRP A CD1  1 
ATOM   222  C CD2  . TRP A 1 30  ? -7.364  -3.432  -7.346  1.00 43.86  ? 30  TRP A CD2  1 
ATOM   223  N NE1  . TRP A 1 30  ? -6.209  -3.136  -5.473  1.00 48.92  ? 30  TRP A NE1  1 
ATOM   224  C CE2  . TRP A 1 30  ? -7.434  -2.932  -6.066  1.00 43.42  ? 30  TRP A CE2  1 
ATOM   225  C CE3  . TRP A 1 30  ? -8.499  -3.356  -8.175  1.00 51.12  ? 30  TRP A CE3  1 
ATOM   226  C CZ2  . TRP A 1 30  ? -8.596  -2.360  -5.535  1.00 48.56  ? 30  TRP A CZ2  1 
ATOM   227  C CZ3  . TRP A 1 30  ? -9.627  -2.726  -7.685  1.00 48.72  ? 30  TRP A CZ3  1 
ATOM   228  C CH2  . TRP A 1 30  ? -9.668  -2.247  -6.367  1.00 49.55  ? 30  TRP A CH2  1 
ATOM   229  N N    . PHE A 1 31  ? -2.802  -3.091  -8.586  1.00 46.82  ? 31  PHE A N    1 
ATOM   230  C CA   . PHE A 1 31  ? -1.861  -2.122  -8.001  1.00 53.57  ? 31  PHE A CA   1 
ATOM   231  C C    . PHE A 1 31  ? -1.432  -1.065  -9.045  1.00 53.03  ? 31  PHE A C    1 
ATOM   232  O O    . PHE A 1 31  ? -1.503  0.130   -8.757  1.00 49.78  ? 31  PHE A O    1 
ATOM   233  C CB   . PHE A 1 31  ? -0.622  -2.848  -7.463  1.00 53.04  ? 31  PHE A CB   1 
ATOM   234  C CG   . PHE A 1 31  ? 0.414   -1.948  -6.866  1.00 52.30  ? 31  PHE A CG   1 
ATOM   235  C CD1  . PHE A 1 31  ? 0.220   -1.391  -5.633  1.00 51.71  ? 31  PHE A CD1  1 
ATOM   236  C CD2  . PHE A 1 31  ? 1.585   -1.628  -7.584  1.00 53.73  ? 31  PHE A CD2  1 
ATOM   237  C CE1  . PHE A 1 31  ? 1.184   -0.559  -5.075  1.00 52.50  ? 31  PHE A CE1  1 
ATOM   238  C CE2  . PHE A 1 31  ? 2.533   -0.790  -7.039  1.00 53.09  ? 31  PHE A CE2  1 
ATOM   239  C CZ   . PHE A 1 31  ? 2.330   -0.251  -5.782  1.00 51.36  ? 31  PHE A CZ   1 
ATOM   240  N N    . LYS A 1 32  ? -1.005  -1.520  -10.229 1.00 56.58  ? 32  LYS A N    1 
ATOM   241  C CA   . LYS A 1 32  ? -0.552  -0.623  -11.279 1.00 61.76  ? 32  LYS A CA   1 
ATOM   242  C C    . LYS A 1 32  ? -1.644  0.313   -11.692 1.00 57.82  ? 32  LYS A C    1 
ATOM   243  O O    . LYS A 1 32  ? -1.480  1.516   -11.676 1.00 61.01  ? 32  LYS A O    1 
ATOM   244  C CB   . LYS A 1 32  ? -0.031  -1.351  -12.514 1.00 61.45  ? 32  LYS A CB   1 
ATOM   245  C CG   . LYS A 1 32  ? 1.305   -2.012  -12.305 1.00 75.18  ? 32  LYS A CG   1 
ATOM   246  C CD   . LYS A 1 32  ? 1.802   -2.744  -13.575 1.00 86.80  ? 32  LYS A CD   1 
ATOM   247  C CE   . LYS A 1 32  ? 1.978   -1.766  -14.749 1.00 106.42 ? 32  LYS A CE   1 
ATOM   248  N NZ   . LYS A 1 32  ? 2.954   -2.157  -15.819 1.00 116.38 ? 32  LYS A NZ   1 
ATOM   249  N N    . ARG A 1 33  ? -2.792  -0.227  -12.010 1.00 57.98  ? 33  ARG A N    1 
ATOM   250  C CA   . ARG A 1 33  ? -3.896  0.595   -12.420 1.00 58.31  ? 33  ARG A CA   1 
ATOM   251  C C    . ARG A 1 33  ? -4.289  1.596   -11.363 1.00 66.24  ? 33  ARG A C    1 
ATOM   252  O O    . ARG A 1 33  ? -4.651  2.701   -11.690 1.00 55.77  ? 33  ARG A O    1 
ATOM   253  C CB   . ARG A 1 33  ? -5.099  -0.298  -12.751 1.00 72.43  ? 33  ARG A CB   1 
ATOM   254  C CG   . ARG A 1 33  ? -6.367  0.446   -13.062 1.00 78.37  ? 33  ARG A CG   1 
ATOM   255  C CD   . ARG A 1 33  ? -7.503  -0.503  -13.448 1.00 92.29  ? 33  ARG A CD   1 
ATOM   256  N NE   . ARG A 1 33  ? -8.728  -0.028  -12.777 1.00 104.63 ? 33  ARG A NE   1 
ATOM   257  C CZ   . ARG A 1 33  ? -9.169  -0.430  -11.573 1.00 101.86 ? 33  ARG A CZ   1 
ATOM   258  N NH1  . ARG A 1 33  ? -8.542  -1.377  -10.890 1.00 117.03 ? 33  ARG A NH1  1 
ATOM   259  N NH2  . ARG A 1 33  ? -10.267 0.105   -11.047 1.00 103.86 ? 33  ARG A NH2  1 
ATOM   260  N N    . ASN A 1 34  ? -4.268  1.236   -10.088 1.00 54.41  ? 34  ASN A N    1 
ATOM   261  C CA   . ASN A 1 34  ? -4.716  2.205   -9.107  1.00 49.64  ? 34  ASN A CA   1 
ATOM   262  C C    . ASN A 1 34  ? -3.655  3.250   -8.615  1.00 49.30  ? 34  ASN A C    1 
ATOM   263  O O    . ASN A 1 34  ? -4.004  4.184   -7.911  1.00 50.70  ? 34  ASN A O    1 
ATOM   264  C CB   . ASN A 1 34  ? -5.360  1.481   -7.929  1.00 49.68  ? 34  ASN A CB   1 
ATOM   265  C CG   . ASN A 1 34  ? -6.726  0.969   -8.271  1.00 57.04  ? 34  ASN A CG   1 
ATOM   266  O OD1  . ASN A 1 34  ? -7.687  1.753   -8.395  1.00 52.72  ? 34  ASN A OD1  1 
ATOM   267  N ND2  . ASN A 1 34  ? -6.853  -0.351  -8.357  1.00 53.02  ? 34  ASN A ND2  1 
ATOM   268  N N    . THR A 1 35  ? -2.384  3.024   -8.900  1.00 49.30  ? 35  THR A N    1 
ATOM   269  C CA   . THR A 1 35  ? -1.341  3.942   -8.571  1.00 52.43  ? 35  THR A CA   1 
ATOM   270  C C    . THR A 1 35  ? -0.769  4.680   -9.849  1.00 58.20  ? 35  THR A C    1 
ATOM   271  O O    . THR A 1 35  ? 0.072   5.508   -9.702  1.00 49.21  ? 35  THR A O    1 
ATOM   272  C CB   . THR A 1 35  ? -0.140  3.239   -7.902  1.00 50.52  ? 35  THR A CB   1 
ATOM   273  O OG1  . THR A 1 35  ? 0.427   2.299   -8.820  1.00 50.14  ? 35  THR A OG1  1 
ATOM   274  C CG2  . THR A 1 35  ? -0.558  2.529   -6.619  1.00 51.07  ? 35  THR A CG2  1 
ATOM   275  N N    . LEU A 1 36  ? -1.190  4.356   -11.065 1.00 55.48  ? 36  LEU A N    1 
ATOM   276  C CA   . LEU A 1 36  ? -0.646  4.988   -12.272 1.00 61.28  ? 36  LEU A CA   1 
ATOM   277  C C    . LEU A 1 36  ? -0.750  6.513   -12.218 1.00 52.48  ? 36  LEU A C    1 
ATOM   278  O O    . LEU A 1 36  ? -1.774  7.026   -11.854 1.00 57.34  ? 36  LEU A O    1 
ATOM   279  C CB   . LEU A 1 36  ? -1.468  4.505   -13.437 1.00 71.61  ? 36  LEU A CB   1 
ATOM   280  C CG   . LEU A 1 36  ? -0.976  4.806   -14.839 1.00 82.40  ? 36  LEU A CG   1 
ATOM   281  C CD1  . LEU A 1 36  ? 0.254   3.937   -15.147 1.00 78.50  ? 36  LEU A CD1  1 
ATOM   282  C CD2  . LEU A 1 36  ? -2.190  4.587   -15.772 1.00 76.13  ? 36  LEU A CD2  1 
ATOM   283  N N    . ASP A 1 37  ? 0.333   7.222   -12.496 1.00 56.39  ? 37  ASP A N    1 
ATOM   284  C CA   . ASP A 1 37  ? 0.402   8.681   -12.439 1.00 62.32  ? 37  ASP A CA   1 
ATOM   285  C C    . ASP A 1 37  ? -0.031  9.271   -11.113 1.00 63.69  ? 37  ASP A C    1 
ATOM   286  O O    . ASP A 1 37  ? -0.615  10.329  -11.101 1.00 62.30  ? 37  ASP A O    1 
ATOM   287  C CB   . ASP A 1 37  ? -0.463  9.334   -13.526 1.00 67.48  ? 37  ASP A CB   1 
ATOM   288  C CG   . ASP A 1 37  ? -0.254  8.708   -14.874 1.00 83.52  ? 37  ASP A CG   1 
ATOM   289  O OD1  . ASP A 1 37  ? 0.913   8.570   -15.307 1.00 77.84  ? 37  ASP A OD1  1 
ATOM   290  O OD2  . ASP A 1 37  ? -1.273  8.309   -15.474 1.00 92.45  ? 37  ASP A OD2  1 
ATOM   291  N N    . LYS A 1 38  ? 0.210   8.607   -9.992  1.00 57.55  ? 38  LYS A N    1 
ATOM   292  C CA   . LYS A 1 38  ? -0.076  9.262   -8.697  1.00 50.20  ? 38  LYS A CA   1 
ATOM   293  C C    . LYS A 1 38  ? 1.228   9.205   -7.918  1.00 52.73  ? 38  LYS A C    1 
ATOM   294  O O    . LYS A 1 38  ? 1.988   8.287   -8.076  1.00 46.98  ? 38  LYS A O    1 
ATOM   295  C CB   . LYS A 1 38  ? -1.198  8.527   -7.986  1.00 54.47  ? 38  LYS A CB   1 
ATOM   296  C CG   . LYS A 1 38  ? -2.483  8.526   -8.787  1.00 55.30  ? 38  LYS A CG   1 
ATOM   297  C CD   . LYS A 1 38  ? -3.539  7.670   -8.085  1.00 52.93  ? 38  LYS A CD   1 
ATOM   298  C CE   . LYS A 1 38  ? -4.737  7.339   -9.000  1.00 52.82  ? 38  LYS A CE   1 
ATOM   299  N NZ   . LYS A 1 38  ? -5.691  6.494   -8.187  1.00 55.36  ? 38  LYS A NZ   1 
ATOM   300  N N    . PRO A 1 39  ? 1.510   10.190  -7.104  1.00 49.42  ? 39  PRO A N    1 
ATOM   301  C CA   . PRO A 1 39  ? 2.673   10.010  -6.272  1.00 50.51  ? 39  PRO A CA   1 
ATOM   302  C C    . PRO A 1 39  ? 2.465   8.898   -5.269  1.00 53.26  ? 39  PRO A C    1 
ATOM   303  O O    . PRO A 1 39  ? 1.318   8.651   -4.841  1.00 53.22  ? 39  PRO A O    1 
ATOM   304  C CB   . PRO A 1 39  ? 2.798   11.347  -5.542  1.00 51.13  ? 39  PRO A CB   1 
ATOM   305  C CG   . PRO A 1 39  ? 1.427   11.924  -5.578  1.00 53.34  ? 39  PRO A CG   1 
ATOM   306  C CD   . PRO A 1 39  ? 0.780   11.427  -6.804  1.00 51.53  ? 39  PRO A CD   1 
ATOM   307  N N    . VAL A 1 40  ? 3.574   8.232   -4.945  1.00 48.82  ? 40  VAL A N    1 
ATOM   308  C CA   . VAL A 1 40  ? 3.604   7.147   -4.004  1.00 49.76  ? 40  VAL A CA   1 
ATOM   309  C C    . VAL A 1 40  ? 4.554   7.446   -2.858  1.00 51.14  ? 40  VAL A C    1 
ATOM   310  O O    . VAL A 1 40  ? 5.641   7.997   -3.045  1.00 52.43  ? 40  VAL A O    1 
ATOM   311  C CB   . VAL A 1 40  ? 3.941   5.834   -4.694  1.00 47.97  ? 40  VAL A CB   1 
ATOM   312  C CG1  . VAL A 1 40  ? 2.886   5.516   -5.732  1.00 49.78  ? 40  VAL A CG1  1 
ATOM   313  C CG2  . VAL A 1 40  ? 5.351   5.821   -5.326  1.00 51.42  ? 40  VAL A CG2  1 
ATOM   314  N N    . ILE A 1 41  ? 4.070   7.162   -1.655  1.00 46.44  ? 41  ILE A N    1 
ATOM   315  C CA   . ILE A 1 41  ? 4.829   7.251   -0.445  1.00 45.72  ? 41  ILE A CA   1 
ATOM   316  C C    . ILE A 1 41  ? 5.103   5.793   0.081   1.00 53.10  ? 41  ILE A C    1 
ATOM   317  O O    . ILE A 1 41  ? 4.165   4.992   0.272   1.00 48.01  ? 41  ILE A O    1 
ATOM   318  C CB   . ILE A 1 41  ? 4.072   8.025   0.617   1.00 44.28  ? 41  ILE A CB   1 
ATOM   319  C CG1  . ILE A 1 41  ? 3.804   9.463   0.107   1.00 46.44  ? 41  ILE A CG1  1 
ATOM   320  C CG2  . ILE A 1 41  ? 4.855   8.028   1.936   1.00 48.16  ? 41  ILE A CG2  1 
ATOM   321  C CD1  . ILE A 1 41  ? 2.917   10.245  1.012   1.00 47.24  ? 41  ILE A CD1  1 
ATOM   322  N N    . MET A 1 42  ? 6.362   5.507   0.378   1.00 45.29  ? 42  MET A N    1 
ATOM   323  C CA   . MET A 1 42  ? 6.783   4.224   0.972   1.00 44.27  ? 42  MET A CA   1 
ATOM   324  C C    . MET A 1 42  ? 7.829   4.365   2.021   1.00 51.67  ? 42  MET A C    1 
ATOM   325  O O    . MET A 1 42  ? 8.475   5.438   2.078   1.00 49.92  ? 42  MET A O    1 
ATOM   326  C CB   . MET A 1 42  ? 7.248   3.292   -0.119  1.00 46.40  ? 42  MET A CB   1 
ATOM   327  C CG   . MET A 1 42  ? 8.614   3.609   -0.615  1.00 42.95  ? 42  MET A CG   1 
ATOM   328  S SD   . MET A 1 42  ? 9.041   2.976   -2.192  1.00 51.44  ? 42  MET A SD   1 
ATOM   329  C CE   . MET A 1 42  ? 8.207   4.137   -3.270  1.00 53.19  ? 42  MET A CE   1 
ATOM   330  N N    . GLY A 1 43  ? 7.983   3.306   2.843   1.00 49.12  ? 43  GLY A N    1 
ATOM   331  C CA   . GLY A 1 43  ? 9.062   3.206   3.889   1.00 47.63  ? 43  GLY A CA   1 
ATOM   332  C C    . GLY A 1 43  ? 10.354  2.704   3.283   1.00 42.69  ? 43  GLY A C    1 
ATOM   333  O O    . GLY A 1 43  ? 10.411  2.306   2.078   1.00 47.89  ? 43  GLY A O    1 
ATOM   334  N N    . ARG A 1 44  ? 11.442  2.790   4.059   1.00 50.66  ? 44  ARG A N    1 
ATOM   335  C CA   . ARG A 1 44  ? 12.771  2.396   3.531   1.00 49.26  ? 44  ARG A CA   1 
ATOM   336  C C    . ARG A 1 44  ? 12.937  0.863   3.146   1.00 45.30  ? 44  ARG A C    1 
ATOM   337  O O    . ARG A 1 44  ? 13.559  0.544   2.113   1.00 51.97  ? 44  ARG A O    1 
ATOM   338  C CB   . ARG A 1 44  ? 13.846  2.771   4.550   1.00 54.40  ? 44  ARG A CB   1 
ATOM   339  C CG   . ARG A 1 44  ? 15.277  2.672   4.013   1.00 58.52  ? 44  ARG A CG   1 
ATOM   340  C CD   . ARG A 1 44  ? 16.323  3.176   5.014   1.00 65.88  ? 44  ARG A CD   1 
ATOM   341  N NE   . ARG A 1 44  ? 16.016  2.660   6.375   1.00 75.35  ? 44  ARG A NE   1 
ATOM   342  C CZ   . ARG A 1 44  ? 16.417  1.488   6.909   1.00 85.11  ? 44  ARG A CZ   1 
ATOM   343  N NH1  . ARG A 1 44  ? 17.212  0.631   6.253   1.00 78.99  ? 44  ARG A NH1  1 
ATOM   344  N NH2  . ARG A 1 44  ? 16.021  1.167   8.144   1.00 81.36  ? 44  ARG A NH2  1 
ATOM   345  N N    . HIS A 1 45  ? 12.280  -0.040  3.874   1.00 49.05  ? 45  HIS A N    1 
ATOM   346  C CA   . HIS A 1 45  ? 12.394  -1.541  3.493   1.00 53.64  ? 45  HIS A CA   1 
ATOM   347  C C    . HIS A 1 45  ? 11.675  -1.841  2.236   1.00 50.51  ? 45  HIS A C    1 
ATOM   348  O O    . HIS A 1 45  ? 12.185  -2.546  1.303   1.00 53.04  ? 45  HIS A O    1 
ATOM   349  C CB   . HIS A 1 45  ? 11.848  -2.437  4.591   1.00 59.81  ? 45  HIS A CB   1 
ATOM   350  C CG   . HIS A 1 45  ? 12.523  -2.248  5.896   1.00 64.42  ? 45  HIS A CG   1 
ATOM   351  N ND1  . HIS A 1 45  ? 11.883  -1.705  6.987   1.00 83.95  ? 45  HIS A ND1  1 
ATOM   352  C CD2  . HIS A 1 45  ? 13.797  -2.497  6.286   1.00 74.20  ? 45  HIS A CD2  1 
ATOM   353  C CE1  . HIS A 1 45  ? 12.724  -1.637  8.004   1.00 79.45  ? 45  HIS A CE1  1 
ATOM   354  N NE2  . HIS A 1 45  ? 13.895  -2.105  7.605   1.00 77.26  ? 45  HIS A NE2  1 
ATOM   355  N N    . THR A 1 46  ? 10.522  -1.176  2.116   1.00 50.59  ? 46  THR A N    1 
ATOM   356  C CA   . THR A 1 46  ? 9.778   -1.264  0.848   1.00 47.27  ? 46  THR A CA   1 
ATOM   357  C C    . THR A 1 46  ? 10.587  -0.702  -0.243  1.00 47.71  ? 46  THR A C    1 
ATOM   358  O O    . THR A 1 46  ? 10.651  -1.290  -1.344  1.00 50.81  ? 46  THR A O    1 
ATOM   359  C CB   . THR A 1 46  ? 8.422   -0.543  0.962   1.00 51.59  ? 46  THR A CB   1 
ATOM   360  O OG1  . THR A 1 46  ? 7.689   -1.161  1.995   1.00 50.42  ? 46  THR A OG1  1 
ATOM   361  C CG2  . THR A 1 46  ? 7.643   -0.567  -0.280  1.00 52.02  ? 46  THR A CG2  1 
ATOM   362  N N    . TRP A 1 47  ? 11.182  0.480   -0.012  1.00 49.61  ? 47  TRP A N    1 
ATOM   363  C CA   . TRP A 1 47  ? 12.087  1.037   -1.064  1.00 49.16  ? 47  TRP A CA   1 
ATOM   364  C C    . TRP A 1 47  ? 13.256  0.046   -1.387  1.00 49.79  ? 47  TRP A C    1 
ATOM   365  O O    . TRP A 1 47  ? 13.564  -0.249  -2.561  1.00 50.35  ? 47  TRP A O    1 
ATOM   366  C CB   . TRP A 1 47  ? 12.652  2.418   -0.630  1.00 52.01  ? 47  TRP A CB   1 
ATOM   367  C CG   . TRP A 1 47  ? 13.823  2.808   -1.396  1.00 44.40  ? 47  TRP A CG   1 
ATOM   368  C CD1  . TRP A 1 47  ? 15.096  2.918   -0.912  1.00 52.17  ? 47  TRP A CD1  1 
ATOM   369  C CD2  . TRP A 1 47  ? 13.899  3.067   -2.792  1.00 49.24  ? 47  TRP A CD2  1 
ATOM   370  N NE1  . TRP A 1 47  ? 15.952  3.287   -1.920  1.00 47.08  ? 47  TRP A NE1  1 
ATOM   371  C CE2  . TRP A 1 47  ? 15.250  3.389   -3.084  1.00 48.63  ? 47  TRP A CE2  1 
ATOM   372  C CE3  . TRP A 1 47  ? 12.953  3.119   -3.830  1.00 51.65  ? 47  TRP A CE3  1 
ATOM   373  C CZ2  . TRP A 1 47  ? 15.679  3.757   -4.366  1.00 52.12  ? 47  TRP A CZ2  1 
ATOM   374  C CZ3  . TRP A 1 47  ? 13.374  3.464   -5.100  1.00 53.17  ? 47  TRP A CZ3  1 
ATOM   375  C CH2  . TRP A 1 47  ? 14.740  3.761   -5.372  1.00 55.30  ? 47  TRP A CH2  1 
ATOM   376  N N    . GLU A 1 48  ? 13.884  -0.466  -0.339  1.00 50.56  ? 48  GLU A N    1 
ATOM   377  C CA   . GLU A 1 48  ? 14.955  -1.483  -0.563  1.00 61.90  ? 48  GLU A CA   1 
ATOM   378  C C    . GLU A 1 48  ? 14.437  -2.682  -1.393  1.00 63.69  ? 48  GLU A C    1 
ATOM   379  O O    . GLU A 1 48  ? 15.068  -3.080  -2.362  1.00 59.85  ? 48  GLU A O    1 
ATOM   380  C CB   . GLU A 1 48  ? 15.569  -1.926  0.775   1.00 62.07  ? 48  GLU A CB   1 
ATOM   381  C CG   . GLU A 1 48  ? 16.566  -0.896  1.301   1.00 66.86  ? 48  GLU A CG   1 
ATOM   382  C CD   . GLU A 1 48  ? 16.725  -0.876  2.833   1.00 70.63  ? 48  GLU A CD   1 
ATOM   383  O OE1  . GLU A 1 48  ? 16.156  -1.720  3.533   1.00 75.80  ? 48  GLU A OE1  1 
ATOM   384  O OE2  . GLU A 1 48  ? 17.419  0.024   3.367   1.00 78.09  ? 48  GLU A OE2  1 
ATOM   385  N N    A SER A 1 49  ? 13.247  -3.164  -1.038  0.50 61.88  ? 49  SER A N    1 
ATOM   386  N N    B SER A 1 49  ? 13.259  -3.212  -1.082  0.50 56.39  ? 49  SER A N    1 
ATOM   387  C CA   A SER A 1 49  ? 12.626  -4.302  -1.714  0.50 63.42  ? 49  SER A CA   1 
ATOM   388  C CA   B SER A 1 49  ? 12.758  -4.357  -1.870  0.50 54.57  ? 49  SER A CA   1 
ATOM   389  C C    A SER A 1 49  ? 12.241  -4.127  -3.165  0.50 61.62  ? 49  SER A C    1 
ATOM   390  C C    B SER A 1 49  ? 12.541  -4.078  -3.319  0.50 60.17  ? 49  SER A C    1 
ATOM   391  O O    A SER A 1 49  ? 12.063  -5.130  -3.839  0.50 59.59  ? 49  SER A O    1 
ATOM   392  O O    B SER A 1 49  ? 12.887  -4.900  -4.167  0.50 63.34  ? 49  SER A O    1 
ATOM   393  C CB   A SER A 1 49  ? 11.402  -4.753  -0.930  0.50 67.20  ? 49  SER A CB   1 
ATOM   394  C CB   B SER A 1 49  ? 11.524  -4.911  -1.236  0.50 49.19  ? 49  SER A CB   1 
ATOM   395  O OG   A SER A 1 49  ? 10.627  -5.659  -1.685  0.50 83.20  ? 49  SER A OG   1 
ATOM   396  O OG   B SER A 1 49  ? 11.850  -5.122  0.116   0.50 49.24  ? 49  SER A OG   1 
ATOM   397  N N    . ILE A 1 50  ? 12.058  -2.894  -3.659  1.00 60.74  ? 50  ILE A N    1 
ATOM   398  C CA   . ILE A 1 50  ? 11.731  -2.695  -5.091  1.00 56.32  ? 50  ILE A CA   1 
ATOM   399  C C    . ILE A 1 50  ? 12.936  -2.338  -5.937  1.00 63.41  ? 50  ILE A C    1 
ATOM   400  O O    . ILE A 1 50  ? 12.863  -2.450  -7.158  1.00 67.90  ? 50  ILE A O    1 
ATOM   401  C CB   . ILE A 1 50  ? 10.610  -1.650  -5.346  1.00 61.98  ? 50  ILE A CB   1 
ATOM   402  C CG1  . ILE A 1 50  ? 11.008  -0.230  -4.910  1.00 63.83  ? 50  ILE A CG1  1 
ATOM   403  C CG2  . ILE A 1 50  ? 9.360   -2.046  -4.581  1.00 69.38  ? 50  ILE A CG2  1 
ATOM   404  C CD1  . ILE A 1 50  ? 9.881   0.781   -5.048  1.00 81.82  ? 50  ILE A CD1  1 
ATOM   405  N N    . GLY A 1 51  ? 13.985  -1.774  -5.337  1.00 69.25  ? 51  GLY A N    1 
ATOM   406  C CA   . GLY A 1 51  ? 15.260  -1.592  -6.057  1.00 68.61  ? 51  GLY A CA   1 
ATOM   407  C C    . GLY A 1 51  ? 15.343  -0.479  -7.084  1.00 79.37  ? 51  GLY A C    1 
ATOM   408  O O    . GLY A 1 51  ? 16.428  -0.192  -7.565  1.00 92.87  ? 51  GLY A O    1 
ATOM   409  N N    . ARG A 1 52  ? 14.217  0.131   -7.454  1.00 73.51  ? 52  ARG A N    1 
ATOM   410  C CA   . ARG A 1 52  ? 14.189  1.189   -8.466  1.00 69.79  ? 52  ARG A CA   1 
ATOM   411  C C    . ARG A 1 52  ? 12.830  1.915   -8.390  1.00 63.83  ? 52  ARG A C    1 
ATOM   412  O O    . ARG A 1 52  ? 11.843  1.337   -7.979  1.00 59.16  ? 52  ARG A O    1 
ATOM   413  C CB   . ARG A 1 52  ? 14.475  0.655   -9.878  1.00 73.26  ? 52  ARG A CB   1 
ATOM   414  C CG   . ARG A 1 52  ? 13.350  -0.117  -10.561 1.00 76.72  ? 52  ARG A CG   1 
ATOM   415  C CD   . ARG A 1 52  ? 13.682  -0.557  -11.990 1.00 85.75  ? 52  ARG A CD   1 
ATOM   416  N NE   . ARG A 1 52  ? 14.070  0.556   -12.870 1.00 105.29 ? 52  ARG A NE   1 
ATOM   417  C CZ   . ARG A 1 52  ? 15.275  0.753   -13.433 1.00 110.07 ? 52  ARG A CZ   1 
ATOM   418  N NH1  . ARG A 1 52  ? 16.291  -0.090  -13.246 1.00 98.54  ? 52  ARG A NH1  1 
ATOM   419  N NH2  . ARG A 1 52  ? 15.471  1.824   -14.207 1.00 111.91 ? 52  ARG A NH2  1 
ATOM   420  N N    . PRO A 1 53  ? 12.795  3.196   -8.718  1.00 60.32  ? 53  PRO A N    1 
ATOM   421  C CA   . PRO A 1 53  ? 11.529  3.936   -8.600  1.00 54.99  ? 53  PRO A CA   1 
ATOM   422  C C    . PRO A 1 53  ? 10.429  3.290   -9.455  1.00 54.68  ? 53  PRO A C    1 
ATOM   423  O O    . PRO A 1 53  ? 10.726  2.770   -10.518 1.00 56.72  ? 53  PRO A O    1 
ATOM   424  C CB   . PRO A 1 53  ? 11.858  5.303   -9.206  1.00 55.60  ? 53  PRO A CB   1 
ATOM   425  C CG   . PRO A 1 53  ? 13.314  5.351   -9.373  1.00 62.60  ? 53  PRO A CG   1 
ATOM   426  C CD   . PRO A 1 53  ? 13.856  3.964   -9.388  1.00 61.36  ? 53  PRO A CD   1 
ATOM   427  N N    . LEU A 1 54  ? 9.191   3.321   -8.971  1.00 50.39  ? 54  LEU A N    1 
ATOM   428  C CA   . LEU A 1 54  ? 8.015   3.161   -9.802  1.00 54.23  ? 54  LEU A CA   1 
ATOM   429  C C    . LEU A 1 54  ? 7.940   4.293   -10.875 1.00 61.73  ? 54  LEU A C    1 
ATOM   430  O O    . LEU A 1 54  ? 7.933   5.503   -10.564 1.00 58.16  ? 54  LEU A O    1 
ATOM   431  C CB   . LEU A 1 54  ? 6.735   3.211   -8.944  1.00 57.91  ? 54  LEU A CB   1 
ATOM   432  C CG   . LEU A 1 54  ? 6.613   2.131   -7.855  1.00 59.07  ? 54  LEU A CG   1 
ATOM   433  C CD1  . LEU A 1 54  ? 5.211   2.169   -7.289  1.00 68.62  ? 54  LEU A CD1  1 
ATOM   434  C CD2  . LEU A 1 54  ? 6.888   0.743   -8.433  1.00 69.94  ? 54  LEU A CD2  1 
ATOM   435  N N    . PRO A 1 55  ? 7.853   3.904   -12.132 1.00 57.86  ? 55  PRO A N    1 
ATOM   436  C CA   . PRO A 1 55  ? 7.986   4.867   -13.216 1.00 65.04  ? 55  PRO A CA   1 
ATOM   437  C C    . PRO A 1 55  ? 6.817   5.880   -13.356 1.00 67.33  ? 55  PRO A C    1 
ATOM   438  O O    . PRO A 1 55  ? 5.689   5.569   -13.068 1.00 74.16  ? 55  PRO A O    1 
ATOM   439  C CB   . PRO A 1 55  ? 8.086   3.966   -14.473 1.00 65.29  ? 55  PRO A CB   1 
ATOM   440  C CG   . PRO A 1 55  ? 7.500   2.644   -14.068 1.00 65.98  ? 55  PRO A CG   1 
ATOM   441  C CD   . PRO A 1 55  ? 7.730   2.512   -12.592 1.00 62.72  ? 55  PRO A CD   1 
ATOM   442  N N    . GLY A 1 56  ? 7.132   7.084   -13.785 1.00 73.16  ? 56  GLY A N    1 
ATOM   443  C CA   . GLY A 1 56  ? 6.144   8.087   -14.162 1.00 71.35  ? 56  GLY A CA   1 
ATOM   444  C C    . GLY A 1 56  ? 5.423   8.711   -12.992 1.00 76.02  ? 56  GLY A C    1 
ATOM   445  O O    . GLY A 1 56  ? 4.299   9.180   -13.142 1.00 71.45  ? 56  GLY A O    1 
ATOM   446  N N    . ARG A 1 57  ? 6.080   8.714   -11.834 1.00 78.96  ? 57  ARG A N    1 
ATOM   447  C CA   . ARG A 1 57  ? 5.498   9.151   -10.567 1.00 69.04  ? 57  ARG A CA   1 
ATOM   448  C C    . ARG A 1 57  ? 6.534   9.684   -9.670  1.00 64.20  ? 57  ARG A C    1 
ATOM   449  O O    . ARG A 1 57  ? 7.626   9.133   -9.636  1.00 55.43  ? 57  ARG A O    1 
ATOM   450  C CB   . ARG A 1 57  ? 5.047   7.960   -9.780  1.00 67.92  ? 57  ARG A CB   1 
ATOM   451  C CG   . ARG A 1 57  ? 3.809   7.376   -10.292 1.00 77.05  ? 57  ARG A CG   1 
ATOM   452  C CD   . ARG A 1 57  ? 3.613   6.133   -9.483  1.00 76.98  ? 57  ARG A CD   1 
ATOM   453  N NE   . ARG A 1 57  ? 4.061   5.136   -10.384 1.00 88.87  ? 57  ARG A NE   1 
ATOM   454  C CZ   . ARG A 1 57  ? 3.320   4.171   -10.869 1.00 73.64  ? 57  ARG A CZ   1 
ATOM   455  N NH1  . ARG A 1 57  ? 2.098   3.961   -10.465 1.00 81.33  ? 57  ARG A NH1  1 
ATOM   456  N NH2  . ARG A 1 57  ? 3.861   3.410   -11.755 1.00 72.89  ? 57  ARG A NH2  1 
ATOM   457  N N    . LYS A 1 58  ? 6.133   10.603  -8.805  1.00 59.64  ? 58  LYS A N    1 
ATOM   458  C CA   . LYS A 1 58  ? 7.011   11.027  -7.771  1.00 60.64  ? 58  LYS A CA   1 
ATOM   459  C C    . LYS A 1 58  ? 7.047   9.870   -6.731  1.00 56.97  ? 58  LYS A C    1 
ATOM   460  O O    . LYS A 1 58  ? 5.995   9.376   -6.307  1.00 49.54  ? 58  LYS A O    1 
ATOM   461  C CB   . LYS A 1 58  ? 6.566   12.388  -7.199  1.00 59.58  ? 58  LYS A CB   1 
ATOM   462  C CG   . LYS A 1 58  ? 7.607   12.993  -6.283  1.00 69.99  ? 58  LYS A CG   1 
ATOM   463  C CD   . LYS A 1 58  ? 7.726   14.498  -6.250  1.00 74.35  ? 58  LYS A CD   1 
ATOM   464  C CE   . LYS A 1 58  ? 8.865   14.900  -5.284  1.00 72.07  ? 58  LYS A CE   1 
ATOM   465  N NZ   . LYS A 1 58  ? 8.636   16.232  -4.613  1.00 74.26  ? 58  LYS A NZ   1 
ATOM   466  N N    . ASN A 1 59  ? 8.247   9.441   -6.352  1.00 53.36  ? 59  ASN A N    1 
ATOM   467  C CA   . ASN A 1 59  ? 8.421   8.400   -5.325  1.00 50.49  ? 59  ASN A CA   1 
ATOM   468  C C    . ASN A 1 59  ? 8.995   9.117   -4.156  1.00 47.96  ? 59  ASN A C    1 
ATOM   469  O O    . ASN A 1 59  ? 10.046  9.754   -4.279  1.00 48.06  ? 59  ASN A O    1 
ATOM   470  C CB   . ASN A 1 59  ? 9.403   7.312   -5.809  1.00 52.20  ? 59  ASN A CB   1 
ATOM   471  C CG   . ASN A 1 59  ? 8.860   6.406   -6.880  1.00 51.53  ? 59  ASN A CG   1 
ATOM   472  O OD1  . ASN A 1 59  ? 8.943   5.146   -6.759  1.00 52.14  ? 59  ASN A OD1  1 
ATOM   473  N ND2  . ASN A 1 59  ? 8.358   6.986   -7.949  1.00 54.08  ? 59  ASN A ND2  1 
ATOM   474  N N    . ILE A 1 60  ? 8.349   8.995   -2.996  1.00 42.48  ? 60  ILE A N    1 
ATOM   475  C CA   . ILE A 1 60  ? 8.766   9.606   -1.770  1.00 43.32  ? 60  ILE A CA   1 
ATOM   476  C C    . ILE A 1 60  ? 9.021   8.503   -0.749  1.00 49.62  ? 60  ILE A C    1 
ATOM   477  O O    . ILE A 1 60  ? 8.152   7.597   -0.565  1.00 48.00  ? 60  ILE A O    1 
ATOM   478  C CB   . ILE A 1 60  ? 7.626   10.544  -1.290  1.00 47.99  ? 60  ILE A CB   1 
ATOM   479  C CG1  . ILE A 1 60  ? 7.483   11.750  -2.279  1.00 55.92  ? 60  ILE A CG1  1 
ATOM   480  C CG2  . ILE A 1 60  ? 7.877   11.023  0.108   1.00 49.98  ? 60  ILE A CG2  1 
ATOM   481  C CD1  . ILE A 1 60  ? 6.058   12.181  -2.458  1.00 61.19  ? 60  ILE A CD1  1 
ATOM   482  N N    . ILE A 1 61  ? 10.149  8.601   -0.061  1.00 48.41  ? 61  ILE A N    1 
ATOM   483  C CA   . ILE A 1 61  ? 10.551  7.670   0.936   1.00 43.56  ? 61  ILE A CA   1 
ATOM   484  C C    . ILE A 1 61  ? 10.573  8.340   2.252   1.00 47.30  ? 61  ILE A C    1 
ATOM   485  O O    . ILE A 1 61  ? 11.305  9.276   2.456   1.00 49.93  ? 61  ILE A O    1 
ATOM   486  C CB   . ILE A 1 61  ? 11.953  7.063   0.660   1.00 48.61  ? 61  ILE A CB   1 
ATOM   487  C CG1  . ILE A 1 61  ? 12.196  6.780   -0.783  1.00 47.23  ? 61  ILE A CG1  1 
ATOM   488  C CG2  . ILE A 1 61  ? 12.184  5.803   1.529   1.00 51.59  ? 61  ILE A CG2  1 
ATOM   489  C CD1  . ILE A 1 61  ? 11.198  5.940   -1.567  1.00 57.21  ? 61  ILE A CD1  1 
ATOM   490  N N    . LEU A 1 62  ? 9.824   7.783   3.197   1.00 45.59  ? 62  LEU A N    1 
ATOM   491  C CA   . LEU A 1 62  ? 9.717   8.275   4.508   1.00 44.87  ? 62  LEU A CA   1 
ATOM   492  C C    . LEU A 1 62  ? 10.684  7.416   5.360   1.00 57.47  ? 62  LEU A C    1 
ATOM   493  O O    . LEU A 1 62  ? 10.472  6.190   5.507   1.00 53.73  ? 62  LEU A O    1 
ATOM   494  C CB   . LEU A 1 62  ? 8.296   8.165   5.013   1.00 47.83  ? 62  LEU A CB   1 
ATOM   495  C CG   . LEU A 1 62  ? 8.154   8.439   6.500   1.00 50.48  ? 62  LEU A CG   1 
ATOM   496  C CD1  . LEU A 1 62  ? 8.376   9.905   6.811   1.00 58.31  ? 62  LEU A CD1  1 
ATOM   497  C CD2  . LEU A 1 62  ? 6.804   8.086   7.004   1.00 57.34  ? 62  LEU A CD2  1 
ATOM   498  N N    . SER A 1 63  ? 11.724  8.061   5.902   1.00 49.25  ? 63  SER A N    1 
ATOM   499  C CA   . SER A 1 63  ? 12.773  7.418   6.706   1.00 53.59  ? 63  SER A CA   1 
ATOM   500  C C    . SER A 1 63  ? 13.457  8.443   7.611   1.00 59.98  ? 63  SER A C    1 
ATOM   501  O O    . SER A 1 63  ? 13.602  9.600   7.234   1.00 53.94  ? 63  SER A O    1 
ATOM   502  C CB   . SER A 1 63  ? 13.822  6.785   5.779   1.00 59.21  ? 63  SER A CB   1 
ATOM   503  O OG   . SER A 1 63  ? 14.928  6.213   6.479   1.00 64.87  ? 63  SER A OG   1 
ATOM   504  N N    . SER A 1 64  ? 13.913  7.986   8.777   1.00 55.04  ? 64  SER A N    1 
ATOM   505  C CA   . SER A 1 64  ? 14.679  8.788   9.697   1.00 63.07  ? 64  SER A CA   1 
ATOM   506  C C    . SER A 1 64  ? 16.140  8.918   9.267   1.00 54.90  ? 64  SER A C    1 
ATOM   507  O O    . SER A 1 64  ? 16.818  9.741   9.793   1.00 71.40  ? 64  SER A O    1 
ATOM   508  C CB   . SER A 1 64  ? 14.630  8.183   11.132  1.00 62.17  ? 64  SER A CB   1 
ATOM   509  O OG   . SER A 1 64  ? 15.337  6.934   11.133  1.00 67.90  ? 64  SER A OG   1 
ATOM   510  N N    A GLN A 1 65  ? 16.628  8.115   8.341   0.51 62.51  ? 65  GLN A N    1 
ATOM   511  N N    B GLN A 1 65  ? 16.575  8.096   8.303   0.49 61.30  ? 65  GLN A N    1 
ATOM   512  C CA   A GLN A 1 65  ? 18.037  8.151   8.014   0.51 58.81  ? 65  GLN A CA   1 
ATOM   513  C CA   B GLN A 1 65  ? 17.953  8.039   7.811   0.49 56.77  ? 65  GLN A CA   1 
ATOM   514  C C    A GLN A 1 65  ? 18.189  8.817   6.625   0.51 63.38  ? 65  GLN A C    1 
ATOM   515  C C    B GLN A 1 65  ? 18.124  8.933   6.591   0.49 60.96  ? 65  GLN A C    1 
ATOM   516  O O    A GLN A 1 65  ? 17.242  8.831   5.826   0.51 62.79  ? 65  GLN A O    1 
ATOM   517  O O    B GLN A 1 65  ? 17.162  9.132   5.838   0.49 56.39  ? 65  GLN A O    1 
ATOM   518  C CB   A GLN A 1 65  ? 18.632  6.726   8.114   0.51 66.22  ? 65  GLN A CB   1 
ATOM   519  C CB   B GLN A 1 65  ? 18.315  6.610   7.341   0.49 60.07  ? 65  GLN A CB   1 
ATOM   520  C CG   A GLN A 1 65  ? 18.427  6.012   9.481   0.51 63.85  ? 65  GLN A CG   1 
ATOM   521  C CG   B GLN A 1 65  ? 17.827  5.442   8.212   0.49 62.47  ? 65  GLN A CG   1 
ATOM   522  C CD   A GLN A 1 65  ? 19.056  6.737   10.661  0.51 66.61  ? 65  GLN A CD   1 
ATOM   523  C CD   B GLN A 1 65  ? 18.627  4.185   7.955   0.49 60.15  ? 65  GLN A CD   1 
ATOM   524  O OE1  A GLN A 1 65  ? 18.426  6.934   11.707  0.51 69.26  ? 65  GLN A OE1  1 
ATOM   525  O OE1  B GLN A 1 65  ? 19.092  3.962   6.845   0.49 61.54  ? 65  GLN A OE1  1 
ATOM   526  N NE2  A GLN A 1 65  ? 20.298  7.152   10.494  0.51 68.65  ? 65  GLN A NE2  1 
ATOM   527  N NE2  B GLN A 1 65  ? 18.817  3.379   8.987   0.49 63.80  ? 65  GLN A NE2  1 
ATOM   528  N N    . PRO A 1 66  ? 19.358  9.429   6.358   1.00 65.95  ? 66  PRO A N    1 
ATOM   529  C CA   . PRO A 1 66  ? 19.599  10.211  5.145   1.00 67.58  ? 66  PRO A CA   1 
ATOM   530  C C    . PRO A 1 66  ? 19.460  9.371   3.898   1.00 61.77  ? 66  PRO A C    1 
ATOM   531  O O    . PRO A 1 66  ? 19.764  8.211   3.926   1.00 65.09  ? 66  PRO A O    1 
ATOM   532  C CB   . PRO A 1 66  ? 21.086  10.649  5.297   1.00 63.15  ? 66  PRO A CB   1 
ATOM   533  C CG   . PRO A 1 66  ? 21.667  9.645   6.231   1.00 68.12  ? 66  PRO A CG   1 
ATOM   534  C CD   . PRO A 1 66  ? 20.576  9.395   7.214   1.00 67.52  ? 66  PRO A CD   1 
ATOM   535  N N    . GLY A 1 67  ? 19.064  9.984   2.802   1.00 58.15  ? 67  GLY A N    1 
ATOM   536  C CA   . GLY A 1 67  ? 18.786  9.254   1.588   1.00 63.76  ? 67  GLY A CA   1 
ATOM   537  C C    . GLY A 1 67  ? 20.037  8.791   0.886   1.00 69.00  ? 67  GLY A C    1 
ATOM   538  O O    . GLY A 1 67  ? 21.089  9.349   1.120   1.00 61.93  ? 67  GLY A O    1 
ATOM   539  N N    . THR A 1 68  ? 19.904  7.789   0.003   1.00 55.36  ? 68  THR A N    1 
ATOM   540  C CA   . THR A 1 68  ? 21.014  7.185   -0.707  1.00 54.78  ? 68  THR A CA   1 
ATOM   541  C C    . THR A 1 68  ? 20.712  6.970   -2.161  1.00 56.58  ? 68  THR A C    1 
ATOM   542  O O    . THR A 1 68  ? 21.362  6.169   -2.853  1.00 56.28  ? 68  THR A O    1 
ATOM   543  C CB   . THR A 1 68  ? 21.359  5.857   -0.070  1.00 62.29  ? 68  THR A CB   1 
ATOM   544  O OG1  . THR A 1 68  ? 20.199  5.035   -0.056  1.00 63.76  ? 68  THR A OG1  1 
ATOM   545  C CG2  . THR A 1 68  ? 21.764  6.083   1.386   1.00 66.30  ? 68  THR A CG2  1 
ATOM   546  N N    . ASP A 1 69  ? 19.748  7.721   -2.678  1.00 53.18  ? 69  ASP A N    1 
ATOM   547  C CA   . ASP A 1 69  ? 19.436  7.595   -4.074  1.00 48.52  ? 69  ASP A CA   1 
ATOM   548  C C    . ASP A 1 69  ? 18.679  8.834   -4.455  1.00 58.21  ? 69  ASP A C    1 
ATOM   549  O O    . ASP A 1 69  ? 17.633  9.157   -3.834  1.00 57.97  ? 69  ASP A O    1 
ATOM   550  C CB   . ASP A 1 69  ? 18.546  6.331   -4.288  1.00 49.86  ? 69  ASP A CB   1 
ATOM   551  C CG   . ASP A 1 69  ? 18.387  5.952   -5.741  1.00 55.41  ? 69  ASP A CG   1 
ATOM   552  O OD1  . ASP A 1 69  ? 18.008  6.774   -6.611  1.00 53.11  ? 69  ASP A OD1  1 
ATOM   553  O OD2  . ASP A 1 69  ? 18.612  4.760   -6.062  1.00 53.98  ? 69  ASP A OD2  1 
ATOM   554  N N    . ASP A 1 70  ? 19.121  9.446   -5.545  1.00 52.37  ? 70  ASP A N    1 
ATOM   555  C CA   . ASP A 1 70  ? 18.658  10.775  -5.908  1.00 55.01  ? 70  ASP A CA   1 
ATOM   556  C C    . ASP A 1 70  ? 17.537  10.648  -6.904  1.00 53.68  ? 70  ASP A C    1 
ATOM   557  O O    . ASP A 1 70  ? 17.099  11.621  -7.405  1.00 53.16  ? 70  ASP A O    1 
ATOM   558  C CB   . ASP A 1 70  ? 19.824  11.650  -6.410  1.00 59.65  ? 70  ASP A CB   1 
ATOM   559  C CG   . ASP A 1 70  ? 20.456  11.127  -7.732  1.00 67.03  ? 70  ASP A CG   1 
ATOM   560  O OD1  . ASP A 1 70  ? 19.848  10.319  -8.456  1.00 64.47  ? 70  ASP A OD1  1 
ATOM   561  O OD2  . ASP A 1 70  ? 21.596  11.503  -8.032  1.00 86.22  ? 70  ASP A OD2  1 
ATOM   562  N N    . ARG A 1 71  ? 17.072  9.440   -7.234  1.00 51.42  ? 71  ARG A N    1 
ATOM   563  C CA   . ARG A 1 71  ? 15.946  9.288   -8.102  1.00 58.05  ? 71  ARG A CA   1 
ATOM   564  C C    . ARG A 1 71  ? 14.635  9.410   -7.336  1.00 51.86  ? 71  ARG A C    1 
ATOM   565  O O    . ARG A 1 71  ? 13.574  9.366   -7.923  1.00 60.07  ? 71  ARG A O    1 
ATOM   566  C CB   . ARG A 1 71  ? 16.002  7.967   -8.868  1.00 51.95  ? 71  ARG A CB   1 
ATOM   567  C CG   . ARG A 1 71  ? 17.225  7.863   -9.794  1.00 62.41  ? 71  ARG A CG   1 
ATOM   568  C CD   . ARG A 1 71  ? 17.383  6.400   -10.311 1.00 60.66  ? 71  ARG A CD   1 
ATOM   569  N NE   . ARG A 1 71  ? 17.583  5.493   -9.163  1.00 60.26  ? 71  ARG A NE   1 
ATOM   570  C CZ   . ARG A 1 71  ? 17.563  4.162   -9.223  1.00 58.96  ? 71  ARG A CZ   1 
ATOM   571  N NH1  . ARG A 1 71  ? 17.371  3.562   -10.369 1.00 59.48  ? 71  ARG A NH1  1 
ATOM   572  N NH2  . ARG A 1 71  ? 17.769  3.431   -8.130  1.00 57.27  ? 71  ARG A NH2  1 
ATOM   573  N N    . VAL A 1 72  ? 14.712  9.586   -6.038  1.00 49.89  ? 72  VAL A N    1 
ATOM   574  C CA   . VAL A 1 72  ? 13.538  9.667   -5.245  1.00 55.95  ? 72  VAL A CA   1 
ATOM   575  C C    . VAL A 1 72  ? 13.746  10.743  -4.248  1.00 47.10  ? 72  VAL A C    1 
ATOM   576  O O    . VAL A 1 72  ? 14.883  11.137  -4.032  1.00 50.65  ? 72  VAL A O    1 
ATOM   577  C CB   . VAL A 1 72  ? 13.263  8.293   -4.545  1.00 48.65  ? 72  VAL A CB   1 
ATOM   578  C CG1  . VAL A 1 72  ? 13.006  7.229   -5.610  1.00 45.92  ? 72  VAL A CG1  1 
ATOM   579  C CG2  . VAL A 1 72  ? 14.358  7.877   -3.576  1.00 55.71  ? 72  VAL A CG2  1 
ATOM   580  N N    . THR A 1 73  ? 12.673  11.095  -3.549  1.00 43.65  ? 73  THR A N    1 
ATOM   581  C CA   . THR A 1 73  ? 12.685  12.149  -2.576  1.00 48.27  ? 73  THR A CA   1 
ATOM   582  C C    . THR A 1 73  ? 12.600  11.518  -1.220  1.00 52.94  ? 73  THR A C    1 
ATOM   583  O O    . THR A 1 73  ? 11.683  10.783  -0.952  1.00 52.20  ? 73  THR A O    1 
ATOM   584  C CB   . THR A 1 73  ? 11.447  13.053  -2.844  1.00 51.17  ? 73  THR A CB   1 
ATOM   585  O OG1  . THR A 1 73  ? 11.535  13.609  -4.149  1.00 52.60  ? 73  THR A OG1  1 
ATOM   586  C CG2  . THR A 1 73  ? 11.287  14.125  -1.854  1.00 54.80  ? 73  THR A CG2  1 
ATOM   587  N N    . TRP A 1 74  ? 13.475  11.915  -0.323  1.00 48.30  ? 74  TRP A N    1 
ATOM   588  C CA   . TRP A 1 74  ? 13.553  11.407  1.009   1.00 52.37  ? 74  TRP A CA   1 
ATOM   589  C C    . TRP A 1 74  ? 13.005  12.408  2.003   1.00 55.05  ? 74  TRP A C    1 
ATOM   590  O O    . TRP A 1 74  ? 13.298  13.595  1.912   1.00 53.49  ? 74  TRP A O    1 
ATOM   591  C CB   . TRP A 1 74  ? 15.039  11.090  1.332   1.00 51.02  ? 74  TRP A CB   1 
ATOM   592  C CG   . TRP A 1 74  ? 15.598  10.023  0.460   1.00 54.25  ? 74  TRP A CG   1 
ATOM   593  C CD1  . TRP A 1 74  ? 16.080  10.153  -0.820  1.00 53.99  ? 74  TRP A CD1  1 
ATOM   594  C CD2  . TRP A 1 74  ? 15.736  8.619   0.806   1.00 49.33  ? 74  TRP A CD2  1 
ATOM   595  N NE1  . TRP A 1 74  ? 16.514  8.897   -1.293  1.00 50.73  ? 74  TRP A NE1  1 
ATOM   596  C CE2  . TRP A 1 74  ? 16.363  7.972   -0.282  1.00 52.15  ? 74  TRP A CE2  1 
ATOM   597  C CE3  . TRP A 1 74  ? 15.458  7.871   1.978   1.00 54.90  ? 74  TRP A CE3  1 
ATOM   598  C CZ2  . TRP A 1 74  ? 16.673  6.586   -0.259  1.00 49.93  ? 74  TRP A CZ2  1 
ATOM   599  C CZ3  . TRP A 1 74  ? 15.809  6.507   2.015   1.00 57.96  ? 74  TRP A CZ3  1 
ATOM   600  C CH2  . TRP A 1 74  ? 16.402  5.886   0.878   1.00 51.54  ? 74  TRP A CH2  1 
ATOM   601  N N    . VAL A 1 75  ? 12.194  11.966  2.966   1.00 45.65  ? 75  VAL A N    1 
ATOM   602  C CA   . VAL A 1 75  ? 11.681  12.898  3.951   1.00 49.26  ? 75  VAL A CA   1 
ATOM   603  C C    . VAL A 1 75  ? 11.711  12.206  5.280   1.00 52.93  ? 75  VAL A C    1 
ATOM   604  O O    . VAL A 1 75  ? 11.739  10.969  5.361   1.00 51.39  ? 75  VAL A O    1 
ATOM   605  C CB   . VAL A 1 75  ? 10.233  13.347  3.619   1.00 52.28  ? 75  VAL A CB   1 
ATOM   606  C CG1  . VAL A 1 75  ? 10.147  14.127  2.280   1.00 49.82  ? 75  VAL A CG1  1 
ATOM   607  C CG2  . VAL A 1 75  ? 9.270   12.155  3.641   1.00 53.10  ? 75  VAL A CG2  1 
ATOM   608  N N    . LYS A 1 76  ? 11.557  12.986  6.324   1.00 53.03  ? 76  LYS A N    1 
ATOM   609  C CA   . LYS A 1 76  ? 11.625  12.483  7.696   1.00 54.64  ? 76  LYS A CA   1 
ATOM   610  C C    . LYS A 1 76  ? 10.317  12.492  8.404   1.00 53.42  ? 76  LYS A C    1 
ATOM   611  O O    . LYS A 1 76  ? 10.230  11.902  9.481   1.00 61.49  ? 76  LYS A O    1 
ATOM   612  C CB   . LYS A 1 76  ? 12.606  13.303  8.543   1.00 58.32  ? 76  LYS A CB   1 
ATOM   613  C CG   . LYS A 1 76  ? 14.010  13.296  7.964   1.00 65.72  ? 76  LYS A CG   1 
ATOM   614  C CD   . LYS A 1 76  ? 15.056  13.606  9.023   1.00 79.13  ? 76  LYS A CD   1 
ATOM   615  C CE   . LYS A 1 76  ? 16.393  13.998  8.401   1.00 91.74  ? 76  LYS A CE   1 
ATOM   616  N NZ   . LYS A 1 76  ? 17.047  12.907  7.625   1.00 105.94 ? 76  LYS A NZ   1 
ATOM   617  N N    . SER A 1 77  ? 9.278   13.114  7.858   1.00 50.49  ? 77  SER A N    1 
ATOM   618  C CA   . SER A 1 77  ? 8.003   13.166  8.622   1.00 48.65  ? 77  SER A CA   1 
ATOM   619  C C    . SER A 1 77  ? 6.880   12.997  7.676   1.00 47.13  ? 77  SER A C    1 
ATOM   620  O O    . SER A 1 77  ? 7.057   13.140  6.449   1.00 48.36  ? 77  SER A O    1 
ATOM   621  C CB   . SER A 1 77  ? 7.828   14.509  9.358   1.00 55.25  ? 77  SER A CB   1 
ATOM   622  O OG   . SER A 1 77  ? 7.420   15.525  8.404   1.00 51.96  ? 77  SER A OG   1 
ATOM   623  N N    . VAL A 1 78  ? 5.729   12.696  8.238   1.00 47.72  ? 78  VAL A N    1 
ATOM   624  C CA   . VAL A 1 78  ? 4.514   12.446  7.472   1.00 52.67  ? 78  VAL A CA   1 
ATOM   625  C C    . VAL A 1 78  ? 4.069   13.706  6.694   1.00 44.26  ? 78  VAL A C    1 
ATOM   626  O O    . VAL A 1 78  ? 3.737   13.652  5.523   1.00 48.12  ? 78  VAL A O    1 
ATOM   627  C CB   . VAL A 1 78  ? 3.375   11.992  8.446   1.00 53.80  ? 78  VAL A CB   1 
ATOM   628  C CG1  . VAL A 1 78  ? 2.006   12.138  7.797   1.00 50.89  ? 78  VAL A CG1  1 
ATOM   629  C CG2  . VAL A 1 78  ? 3.582   10.525  8.906   1.00 54.08  ? 78  VAL A CG2  1 
ATOM   630  N N    . ASP A 1 79  ? 4.077   14.833  7.385   1.00 52.89  ? 79  ASP A N    1 
ATOM   631  C CA   . ASP A 1 79  ? 3.724   16.128  6.781   1.00 54.86  ? 79  ASP A CA   1 
ATOM   632  C C    . ASP A 1 79  ? 4.705   16.542  5.681   1.00 45.44  ? 79  ASP A C    1 
ATOM   633  O O    . ASP A 1 79  ? 4.260   17.014  4.624   1.00 50.18  ? 79  ASP A O    1 
ATOM   634  C CB   . ASP A 1 79  ? 3.629   17.185  7.881   1.00 53.10  ? 79  ASP A CB   1 
ATOM   635  C CG   . ASP A 1 79  ? 2.421   16.996  8.756   1.00 62.05  ? 79  ASP A CG   1 
ATOM   636  O OD1  . ASP A 1 79  ? 1.459   16.227  8.409   1.00 60.72  ? 79  ASP A OD1  1 
ATOM   637  O OD2  . ASP A 1 79  ? 2.403   17.675  9.795   1.00 58.63  ? 79  ASP A OD2  1 
ATOM   638  N N    . GLU A 1 80  ? 5.999   16.246  5.840   1.00 43.59  ? 80  GLU A N    1 
ATOM   639  C CA   . GLU A 1 80  ? 6.938   16.518  4.728   1.00 46.05  ? 80  GLU A CA   1 
ATOM   640  C C    . GLU A 1 80  ? 6.601   15.615  3.584   1.00 49.18  ? 80  GLU A C    1 
ATOM   641  O O    . GLU A 1 80  ? 6.632   16.038  2.396   1.00 50.77  ? 80  GLU A O    1 
ATOM   642  C CB   . GLU A 1 80  ? 8.392   16.334  5.171   1.00 52.56  ? 80  GLU A CB   1 
ATOM   643  C CG   . GLU A 1 80  ? 8.867   17.377  6.170   1.00 51.68  ? 80  GLU A CG   1 
ATOM   644  C CD   . GLU A 1 80  ? 10.188  17.014  6.869   1.00 60.99  ? 80  GLU A CD   1 
ATOM   645  O OE1  . GLU A 1 80  ? 10.622  15.861  6.838   1.00 54.98  ? 80  GLU A OE1  1 
ATOM   646  O OE2  . GLU A 1 80  ? 10.794  17.868  7.536   1.00 57.34  ? 80  GLU A OE2  1 
ATOM   647  N N    . ALA A 1 81  ? 6.206   14.358  3.884   1.00 51.91  ? 81  ALA A N    1 
ATOM   648  C CA   . ALA A 1 81  ? 5.866   13.433  2.787   1.00 48.15  ? 81  ALA A CA   1 
ATOM   649  C C    . ALA A 1 81  ? 4.670   13.945  2.004   1.00 45.18  ? 81  ALA A C    1 
ATOM   650  O O    . ALA A 1 81  ? 4.662   13.913  0.769   1.00 48.25  ? 81  ALA A O    1 
ATOM   651  C CB   . ALA A 1 81  ? 5.570   12.006  3.294   1.00 52.06  ? 81  ALA A CB   1 
ATOM   652  N N    . ILE A 1 82  ? 3.639   14.357  2.722   1.00 46.26  ? 82  ILE A N    1 
ATOM   653  C CA   . ILE A 1 82  ? 2.419   14.851  2.080   1.00 47.47  ? 82  ILE A CA   1 
ATOM   654  C C    . ILE A 1 82  ? 2.732   16.154  1.271   1.00 54.91  ? 82  ILE A C    1 
ATOM   655  O O    . ILE A 1 82  ? 2.348   16.276  0.096   1.00 54.19  ? 82  ILE A O    1 
ATOM   656  C CB   . ILE A 1 82  ? 1.349   15.126  3.179   1.00 49.65  ? 82  ILE A CB   1 
ATOM   657  C CG1  . ILE A 1 82  ? 0.846   13.798  3.831   1.00 54.13  ? 82  ILE A CG1  1 
ATOM   658  C CG2  . ILE A 1 82  ? 0.164   15.863  2.587   1.00 53.82  ? 82  ILE A CG2  1 
ATOM   659  C CD1  . ILE A 1 82  ? -0.023  14.021  5.064   1.00 51.75  ? 82  ILE A CD1  1 
ATOM   660  N N    . ALA A 1 83  ? 3.481   17.092  1.886   1.00 52.58  ? 83  ALA A N    1 
ATOM   661  C CA   . ALA A 1 83  ? 3.847   18.372  1.187   1.00 54.45  ? 83  ALA A CA   1 
ATOM   662  C C    . ALA A 1 83  ? 4.647   18.084  -0.045  1.00 51.55  ? 83  ALA A C    1 
ATOM   663  O O    . ALA A 1 83  ? 4.417   18.722  -1.046  1.00 53.35  ? 83  ALA A O    1 
ATOM   664  C CB   . ALA A 1 83  ? 4.597   19.347  2.105   1.00 52.56  ? 83  ALA A CB   1 
ATOM   665  N N    . ALA A 1 84  ? 5.481   17.041  -0.024  1.00 51.24  ? 84  ALA A N    1 
ATOM   666  C CA   . ALA A 1 84  ? 6.310   16.697  -1.210  1.00 53.96  ? 84  ALA A CA   1 
ATOM   667  C C    . ALA A 1 84  ? 5.512   16.214  -2.439  1.00 52.12  ? 84  ALA A C    1 
ATOM   668  O O    . ALA A 1 84  ? 6.005   16.205  -3.569  1.00 55.29  ? 84  ALA A O    1 
ATOM   669  C CB   . ALA A 1 84  ? 7.361   15.675  -0.842  1.00 55.56  ? 84  ALA A CB   1 
ATOM   670  N N    . CYS A 1 85  ? 4.295   15.759  -2.200  1.00 53.48  ? 85  CYS A N    1 
ATOM   671  C CA   . CYS A 1 85  ? 3.401   15.333  -3.289  1.00 59.46  ? 85  CYS A CA   1 
ATOM   672  C C    . CYS A 1 85  ? 2.725   16.486  -4.044  1.00 60.74  ? 85  CYS A C    1 
ATOM   673  O O    . CYS A 1 85  ? 2.197   16.274  -5.143  1.00 58.21  ? 85  CYS A O    1 
ATOM   674  C CB   . CYS A 1 85  ? 2.301   14.392  -2.753  1.00 59.54  ? 85  CYS A CB   1 
ATOM   675  S SG   . CYS A 1 85  ? 2.954   12.879  -1.971  1.00 59.62  ? 85  CYS A SG   1 
ATOM   676  N N    . GLY A 1 86  ? 2.694   17.675  -3.441  1.00 66.56  ? 86  GLY A N    1 
ATOM   677  C CA   . GLY A 1 86  ? 2.145   18.866  -4.098  1.00 68.46  ? 86  GLY A CA   1 
ATOM   678  C C    . GLY A 1 86  ? 0.642   18.759  -4.197  1.00 71.56  ? 86  GLY A C    1 
ATOM   679  O O    . GLY A 1 86  ? 0.015   17.990  -3.457  1.00 60.52  ? 86  GLY A O    1 
ATOM   680  N N    . ASP A 1 87  ? 0.070   19.472  -5.159  1.00 69.44  ? 87  ASP A N    1 
ATOM   681  C CA   . ASP A 1 87  ? -1.364  19.627  -5.245  1.00 71.70  ? 87  ASP A CA   1 
ATOM   682  C C    . ASP A 1 87  ? -1.827  18.614  -6.257  1.00 67.44  ? 87  ASP A C    1 
ATOM   683  O O    . ASP A 1 87  ? -1.744  18.864  -7.448  1.00 71.24  ? 87  ASP A O    1 
ATOM   684  C CB   . ASP A 1 87  ? -1.706  21.080  -5.673  1.00 79.27  ? 87  ASP A CB   1 
ATOM   685  C CG   . ASP A 1 87  ? -3.177  21.395  -5.564  1.00 84.26  ? 87  ASP A CG   1 
ATOM   686  O OD1  . ASP A 1 87  ? -3.979  20.489  -5.308  1.00 98.40  ? 87  ASP A OD1  1 
ATOM   687  O OD2  . ASP A 1 87  ? -3.558  22.567  -5.729  1.00 98.37  ? 87  ASP A OD2  1 
ATOM   688  N N    . VAL A 1 88  ? -2.251  17.436  -5.780  1.00 58.92  ? 88  VAL A N    1 
ATOM   689  C CA   . VAL A 1 88  ? -2.654  16.333  -6.655  1.00 52.74  ? 88  VAL A CA   1 
ATOM   690  C C    . VAL A 1 88  ? -3.965  15.822  -6.115  1.00 46.46  ? 88  VAL A C    1 
ATOM   691  O O    . VAL A 1 88  ? -4.233  16.006  -4.984  1.00 50.54  ? 88  VAL A O    1 
ATOM   692  C CB   . VAL A 1 88  ? -1.610  15.188  -6.682  1.00 62.52  ? 88  VAL A CB   1 
ATOM   693  C CG1  . VAL A 1 88  ? -0.348  15.646  -7.351  1.00 51.43  ? 88  VAL A CG1  1 
ATOM   694  C CG2  . VAL A 1 88  ? -1.355  14.616  -5.260  1.00 56.77  ? 88  VAL A CG2  1 
ATOM   695  N N    . PRO A 1 89  ? -4.803  15.231  -6.936  1.00 50.47  ? 89  PRO A N    1 
ATOM   696  C CA   . PRO A 1 89  ? -6.062  14.721  -6.379  1.00 58.31  ? 89  PRO A CA   1 
ATOM   697  C C    . PRO A 1 89  ? -5.868  13.533  -5.353  1.00 66.20  ? 89  PRO A C    1 
ATOM   698  O O    . PRO A 1 89  ? -6.654  13.397  -4.412  1.00 57.10  ? 89  PRO A O    1 
ATOM   699  C CB   . PRO A 1 89  ? -6.782  14.154  -7.592  1.00 59.23  ? 89  PRO A CB   1 
ATOM   700  C CG   . PRO A 1 89  ? -5.919  14.414  -8.808  1.00 60.38  ? 89  PRO A CG   1 
ATOM   701  C CD   . PRO A 1 89  ? -4.611  14.935  -8.379  1.00 56.12  ? 89  PRO A CD   1 
ATOM   702  N N    . GLU A 1 90  ? -4.852  12.682  -5.569  1.00 59.35  ? 90  GLU A N    1 
ATOM   703  C CA   . GLU A 1 90  ? -4.738  11.443  -4.751  1.00 57.72  ? 90  GLU A CA   1 
ATOM   704  C C    . GLU A 1 90  ? -3.288  11.043  -4.514  1.00 46.44  ? 90  GLU A C    1 
ATOM   705  O O    . GLU A 1 90  ? -2.560  10.859  -5.452  1.00 50.63  ? 90  GLU A O    1 
ATOM   706  C CB   . GLU A 1 90  ? -5.516  10.272  -5.427  1.00 51.76  ? 90  GLU A CB   1 
ATOM   707  C CG   . GLU A 1 90  ? -5.659  9.063   -4.453  1.00 54.98  ? 90  GLU A CG   1 
ATOM   708  C CD   . GLU A 1 90  ? -6.535  7.951   -4.979  1.00 53.56  ? 90  GLU A CD   1 
ATOM   709  O OE1  . GLU A 1 90  ? -6.850  7.966   -6.180  1.00 56.71  ? 90  GLU A OE1  1 
ATOM   710  O OE2  . GLU A 1 90  ? -6.915  7.016   -4.216  1.00 56.19  ? 90  GLU A OE2  1 
ATOM   711  N N    . ILE A 1 91  ? -2.906  10.895  -3.252  1.00 48.67  ? 91  ILE A N    1 
ATOM   712  C CA   . ILE A 1 91  ? -1.628  10.329  -2.841  1.00 51.73  ? 91  ILE A CA   1 
ATOM   713  C C    . ILE A 1 91  ? -1.773  8.837   -2.390  1.00 53.66  ? 91  ILE A C    1 
ATOM   714  O O    . ILE A 1 91  ? -2.667  8.516   -1.598  1.00 47.73  ? 91  ILE A O    1 
ATOM   715  C CB   . ILE A 1 91  ? -1.159  11.161  -1.653  1.00 54.36  ? 91  ILE A CB   1 
ATOM   716  C CG1  . ILE A 1 91  ? -0.904  12.647  -2.057  1.00 54.06  ? 91  ILE A CG1  1 
ATOM   717  C CG2  . ILE A 1 91  ? 0.114   10.626  -1.107  1.00 53.33  ? 91  ILE A CG2  1 
ATOM   718  C CD1  . ILE A 1 91  ? -0.736  13.510  -0.817  1.00 55.59  ? 91  ILE A CD1  1 
ATOM   719  N N    . MET A 1 92  ? -0.922  7.955   -2.912  1.00 47.93  ? 92  MET A N    1 
ATOM   720  C CA   . MET A 1 92  ? -1.006  6.483   -2.689  1.00 48.84  ? 92  MET A CA   1 
ATOM   721  C C    . MET A 1 92  ? 0.115   6.055   -1.703  1.00 49.33  ? 92  MET A C    1 
ATOM   722  O O    . MET A 1 92  ? 1.321   6.277   -1.951  1.00 47.44  ? 92  MET A O    1 
ATOM   723  C CB   . MET A 1 92  ? -0.848  5.743   -3.982  1.00 47.05  ? 92  MET A CB   1 
ATOM   724  C CG   . MET A 1 92  ? -1.878  6.040   -5.043  1.00 49.37  ? 92  MET A CG   1 
ATOM   725  S SD   . MET A 1 92  ? -3.585  5.848   -4.446  1.00 51.13  ? 92  MET A SD   1 
ATOM   726  C CE   . MET A 1 92  ? -3.559  4.057   -4.258  1.00 49.93  ? 92  MET A CE   1 
ATOM   727  N N    . VAL A 1 93  ? -0.295  5.607   -0.521  1.00 46.99  ? 93  VAL A N    1 
ATOM   728  C CA   . VAL A 1 93  ? 0.670   5.083   0.465   1.00 43.60  ? 93  VAL A CA   1 
ATOM   729  C C    . VAL A 1 93  ? 0.809   3.553   0.222   1.00 48.03  ? 93  VAL A C    1 
ATOM   730  O O    . VAL A 1 93  ? -0.197  2.790   0.237   1.00 47.32  ? 93  VAL A O    1 
ATOM   731  C CB   . VAL A 1 93  ? 0.215   5.413   1.850   1.00 46.35  ? 93  VAL A CB   1 
ATOM   732  C CG1  . VAL A 1 93  ? 1.217   4.841   2.858   1.00 51.58  ? 93  VAL A CG1  1 
ATOM   733  C CG2  . VAL A 1 93  ? 0.124   6.904   2.024   1.00 49.30  ? 93  VAL A CG2  1 
ATOM   734  N N    . ILE A 1 94  ? 2.001   3.111   -0.133  1.00 44.39  ? 94  ILE A N    1 
ATOM   735  C CA   . ILE A 1 94  ? 2.141   1.779   -0.664  1.00 44.49  ? 94  ILE A CA   1 
ATOM   736  C C    . ILE A 1 94  ? 2.873   0.772   0.237   1.00 49.91  ? 94  ILE A C    1 
ATOM   737  O O    . ILE A 1 94  ? 3.132   -0.300  -0.200  1.00 46.54  ? 94  ILE A O    1 
ATOM   738  C CB   . ILE A 1 94  ? 2.732   1.802   -2.058  1.00 45.29  ? 94  ILE A CB   1 
ATOM   739  C CG1  . ILE A 1 94  ? 4.245   2.118   -1.956  1.00 47.56  ? 94  ILE A CG1  1 
ATOM   740  C CG2  . ILE A 1 94  ? 1.877   2.734   -2.965  1.00 48.46  ? 94  ILE A CG2  1 
ATOM   741  C CD1  . ILE A 1 94  ? 4.971   2.079   -3.292  1.00 50.84  ? 94  ILE A CD1  1 
ATOM   742  N N    . GLY A 1 95  ? 3.206   1.112   1.457   1.00 49.48  ? 95  GLY A N    1 
ATOM   743  C CA   . GLY A 1 95  ? 3.918   0.178   2.338   1.00 52.49  ? 95  GLY A CA   1 
ATOM   744  C C    . GLY A 1 95  ? 5.068   0.824   3.085   1.00 58.77  ? 95  GLY A C    1 
ATOM   745  O O    . GLY A 1 95  ? 5.589   1.846   2.629   1.00 56.94  ? 95  GLY A O    1 
ATOM   746  N N    . GLY A 1 96  ? 5.524   0.259   4.202   1.00 59.91  ? 96  GLY A N    1 
ATOM   747  C CA   . GLY A 1 96  ? 5.140   -1.047  4.737   1.00 54.48  ? 96  GLY A CA   1 
ATOM   748  C C    . GLY A 1 96  ? 4.330   -0.769  5.971   1.00 48.41  ? 96  GLY A C    1 
ATOM   749  O O    . GLY A 1 96  ? 3.670   0.315   6.168   1.00 48.45  ? 96  GLY A O    1 
ATOM   750  N N    . GLY A 1 97  ? 4.326   -1.746  6.857   1.00 53.82  ? 97  GLY A N    1 
ATOM   751  C CA   . GLY A 1 97  ? 3.462   -1.732  8.007   1.00 48.72  ? 97  GLY A CA   1 
ATOM   752  C C    . GLY A 1 97  ? 3.570   -0.504  8.843   1.00 50.14  ? 97  GLY A C    1 
ATOM   753  O O    . GLY A 1 97  ? 2.541   0.060   9.251   1.00 50.34  ? 97  GLY A O    1 
ATOM   754  N N    . ARG A 1 98  ? 4.785   -0.060  9.121   1.00 50.13  ? 98  ARG A N    1 
ATOM   755  C CA   . ARG A 1 98  ? 4.894   1.174   9.961   1.00 51.80  ? 98  ARG A CA   1 
ATOM   756  C C    . ARG A 1 98  ? 4.339   2.459   9.237   1.00 48.52  ? 98  ARG A C    1 
ATOM   757  O O    . ARG A 1 98  ? 3.731   3.343   9.843   1.00 49.02  ? 98  ARG A O    1 
ATOM   758  C CB   . ARG A 1 98  ? 6.355   1.394   10.361  1.00 60.19  ? 98  ARG A CB   1 
ATOM   759  C CG   . ARG A 1 98  ? 6.858   0.359   11.369  1.00 76.72  ? 98  ARG A CG   1 
ATOM   760  C CD   . ARG A 1 98  ? 8.382   0.424   11.626  1.00 89.37  ? 98  ARG A CD   1 
ATOM   761  N NE   . ARG A 1 98  ? 9.181   0.323   10.378  1.00 95.69  ? 98  ARG A NE   1 
ATOM   762  C CZ   . ARG A 1 98  ? 10.306  1.011   10.097  1.00 98.10  ? 98  ARG A CZ   1 
ATOM   763  N NH1  . ARG A 1 98  ? 10.829  1.866   10.974  1.00 107.48 ? 98  ARG A NH1  1 
ATOM   764  N NH2  . ARG A 1 98  ? 10.932  0.850   8.922   1.00 89.31  ? 98  ARG A NH2  1 
ATOM   765  N N    . VAL A 1 99  ? 4.524   2.508   7.931   1.00 53.83  ? 99  VAL A N    1 
ATOM   766  C CA   . VAL A 1 99  ? 4.045   3.650   7.094   1.00 51.98  ? 99  VAL A CA   1 
ATOM   767  C C    . VAL A 1 99  ? 2.531   3.622   7.032   1.00 53.08  ? 99  VAL A C    1 
ATOM   768  O O    . VAL A 1 99  ? 1.874   4.657   7.240   1.00 49.45  ? 99  VAL A O    1 
ATOM   769  C CB   . VAL A 1 99  ? 4.768   3.640   5.728   1.00 53.36  ? 99  VAL A CB   1 
ATOM   770  C CG1  . VAL A 1 99  ? 4.184   4.675   4.771   1.00 68.16  ? 99  VAL A CG1  1 
ATOM   771  C CG2  . VAL A 1 99  ? 6.255   3.964   5.985   1.00 55.68  ? 99  VAL A CG2  1 
ATOM   772  N N    . TYR A 1 100 ? 1.960   2.426   6.857   1.00 51.59  ? 100 TYR A N    1 
ATOM   773  C CA   . TYR A 1 100 ? 0.512   2.301   6.963   1.00 45.55  ? 100 TYR A CA   1 
ATOM   774  C C    . TYR A 1 100 ? -0.002  2.787   8.251   1.00 47.80  ? 100 TYR A C    1 
ATOM   775  O O    . TYR A 1 100 ? -0.993  3.538   8.251   1.00 48.37  ? 100 TYR A O    1 
ATOM   776  C CB   . TYR A 1 100 ? -0.025  0.864   6.746   1.00 48.65  ? 100 TYR A CB   1 
ATOM   777  C CG   . TYR A 1 100 ? 0.210   0.284   5.372   1.00 47.88  ? 100 TYR A CG   1 
ATOM   778  C CD1  . TYR A 1 100 ? -0.107  0.990   4.204   1.00 47.12  ? 100 TYR A CD1  1 
ATOM   779  C CD2  . TYR A 1 100 ? 0.668   -1.019  5.234   1.00 47.79  ? 100 TYR A CD2  1 
ATOM   780  C CE1  . TYR A 1 100 ? 0.091   0.427   2.951   1.00 45.75  ? 100 TYR A CE1  1 
ATOM   781  C CE2  . TYR A 1 100 ? 0.827   -1.592  4.008   1.00 45.42  ? 100 TYR A CE2  1 
ATOM   782  C CZ   . TYR A 1 100 ? 0.509   -0.891  2.876   1.00 47.77  ? 100 TYR A CZ   1 
ATOM   783  O OH   . TYR A 1 100 ? 0.787   -1.465  1.694   1.00 45.89  ? 100 TYR A OH   1 
ATOM   784  N N    A GLU A 1 101 ? 0.618   2.390   9.372   0.52 55.52  ? 101 GLU A N    1 
ATOM   785  N N    B GLU A 1 101 ? 0.608   2.401   9.371   0.48 52.23  ? 101 GLU A N    1 
ATOM   786  C CA   A GLU A 1 101 ? 0.119   2.866   10.706  0.52 56.08  ? 101 GLU A CA   1 
ATOM   787  C CA   B GLU A 1 101 ? 0.120   2.927   10.671  0.48 49.71  ? 101 GLU A CA   1 
ATOM   788  C C    A GLU A 1 101 ? 0.310   4.379   10.966  0.52 52.43  ? 101 GLU A C    1 
ATOM   789  C C    B GLU A 1 101 ? 0.143   4.440   10.736  0.48 47.92  ? 101 GLU A C    1 
ATOM   790  O O    A GLU A 1 101 ? -0.368  4.957   11.805  0.52 53.76  ? 101 GLU A O    1 
ATOM   791  O O    B GLU A 1 101 ? -0.820  5.080   11.157  0.48 43.51  ? 101 GLU A O    1 
ATOM   792  C CB   A GLU A 1 101 ? 0.630   2.005   11.920  0.52 67.79  ? 101 GLU A CB   1 
ATOM   793  C CB   B GLU A 1 101 ? 0.964   2.410   11.830  0.48 57.40  ? 101 GLU A CB   1 
ATOM   794  C CG   A GLU A 1 101 ? 2.083   1.517   11.901  0.52 74.87  ? 101 GLU A CG   1 
ATOM   795  C CG   B GLU A 1 101 ? 0.363   2.717   13.193  0.48 61.38  ? 101 GLU A CG   1 
ATOM   796  C CD   A GLU A 1 101 ? 2.588   0.844   13.194  0.52 78.67  ? 101 GLU A CD   1 
ATOM   797  C CD   B GLU A 1 101 ? -0.536  1.591   13.678  0.48 75.86  ? 101 GLU A CD   1 
ATOM   798  O OE1  A GLU A 1 101 ? 2.280   1.354   14.290  0.52 80.34  ? 101 GLU A OE1  1 
ATOM   799  O OE1  B GLU A 1 101 ? -0.108  0.848   14.590  0.48 89.52  ? 101 GLU A OE1  1 
ATOM   800  O OE2  A GLU A 1 101 ? 3.331   -0.176  13.108  0.52 66.86  ? 101 GLU A OE2  1 
ATOM   801  O OE2  B GLU A 1 101 ? -1.651  1.425   13.136  0.48 71.70  ? 101 GLU A OE2  1 
ATOM   802  N N    . GLN A 1 102 ? 1.236   5.030   10.276  1.00 50.17  ? 102 GLN A N    1 
ATOM   803  C CA   . GLN A 1 102 ? 1.420   6.504   10.449  1.00 52.21  ? 102 GLN A CA   1 
ATOM   804  C C    . GLN A 1 102 ? 0.435   7.251   9.575   1.00 55.13  ? 102 GLN A C    1 
ATOM   805  O O    . GLN A 1 102 ? -0.031  8.267   9.955   1.00 59.15  ? 102 GLN A O    1 
ATOM   806  C CB   . GLN A 1 102 ? 2.821   6.880   10.038  1.00 56.42  ? 102 GLN A CB   1 
ATOM   807  C CG   . GLN A 1 102 ? 3.833   6.354   11.006  1.00 61.96  ? 102 GLN A CG   1 
ATOM   808  C CD   . GLN A 1 102 ? 5.219   6.638   10.512  1.00 66.81  ? 102 GLN A CD   1 
ATOM   809  O OE1  . GLN A 1 102 ? 5.773   5.928   9.688   1.00 73.96  ? 102 GLN A OE1  1 
ATOM   810  N NE2  . GLN A 1 102 ? 5.764   7.718   10.977  1.00 68.74  ? 102 GLN A NE2  1 
ATOM   811  N N    . PHE A 1 103 ? 0.061   6.704   8.413   1.00 49.88  ? 103 PHE A N    1 
ATOM   812  C CA   . PHE A 1 103 ? -0.870  7.435   7.554   1.00 51.18  ? 103 PHE A CA   1 
ATOM   813  C C    . PHE A 1 103 ? -2.294  7.098   7.698   1.00 54.47  ? 103 PHE A C    1 
ATOM   814  O O    . PHE A 1 103 ? -3.131  7.797   7.120   1.00 54.28  ? 103 PHE A O    1 
ATOM   815  C CB   . PHE A 1 103 ? -0.484  7.243   6.105   1.00 51.97  ? 103 PHE A CB   1 
ATOM   816  C CG   . PHE A 1 103 ? 0.718   8.067   5.693   1.00 53.14  ? 103 PHE A CG   1 
ATOM   817  C CD1  . PHE A 1 103 ? 1.984   7.578   5.866   1.00 49.16  ? 103 PHE A CD1  1 
ATOM   818  C CD2  . PHE A 1 103 ? 0.553   9.350   5.146   1.00 55.64  ? 103 PHE A CD2  1 
ATOM   819  C CE1  . PHE A 1 103 ? 3.123   8.291   5.460   1.00 56.59  ? 103 PHE A CE1  1 
ATOM   820  C CE2  . PHE A 1 103 ? 1.663   10.070  4.715   1.00 50.86  ? 103 PHE A CE2  1 
ATOM   821  C CZ   . PHE A 1 103 ? 2.938   9.552   4.861   1.00 55.34  ? 103 PHE A CZ   1 
ATOM   822  N N    . LEU A 1 104 ? -2.608  6.015   8.407   1.00 54.21  ? 104 LEU A N    1 
ATOM   823  C CA   . LEU A 1 104 ? -4.028  5.614   8.527   1.00 53.54  ? 104 LEU A CA   1 
ATOM   824  C C    . LEU A 1 104 ? -4.960  6.739   9.014   1.00 54.65  ? 104 LEU A C    1 
ATOM   825  O O    . LEU A 1 104 ? -5.993  6.943   8.407   1.00 50.59  ? 104 LEU A O    1 
ATOM   826  C CB   . LEU A 1 104 ? -4.191  4.342   9.392   1.00 58.82  ? 104 LEU A CB   1 
ATOM   827  C CG   . LEU A 1 104 ? -5.639  3.829   9.577   1.00 59.74  ? 104 LEU A CG   1 
ATOM   828  C CD1  . LEU A 1 104 ? -6.273  3.440   8.273   1.00 56.98  ? 104 LEU A CD1  1 
ATOM   829  C CD2  . LEU A 1 104 ? -5.684  2.631   10.509  1.00 67.25  ? 104 LEU A CD2  1 
ATOM   830  N N    . PRO A 1 105 ? -4.603  7.487   10.076  1.00 55.58  ? 105 PRO A N    1 
ATOM   831  C CA   . PRO A 1 105 ? -5.504  8.542   10.523  1.00 60.39  ? 105 PRO A CA   1 
ATOM   832  C C    . PRO A 1 105 ? -5.783  9.625   9.500   1.00 62.52  ? 105 PRO A C    1 
ATOM   833  O O    . PRO A 1 105 ? -6.871  10.108  9.455   1.00 65.12  ? 105 PRO A O    1 
ATOM   834  C CB   . PRO A 1 105 ? -4.752  9.197   11.687  1.00 63.53  ? 105 PRO A CB   1 
ATOM   835  C CG   . PRO A 1 105 ? -3.811  8.143   12.167  1.00 62.85  ? 105 PRO A CG   1 
ATOM   836  C CD   . PRO A 1 105 ? -3.378  7.456   10.889  1.00 57.96  ? 105 PRO A CD   1 
ATOM   837  N N    . LYS A 1 106 ? -4.829  9.980   8.664   1.00 55.41  ? 106 LYS A N    1 
ATOM   838  C CA   . LYS A 1 106 ? -5.115  10.931  7.591   1.00 53.71  ? 106 LYS A CA   1 
ATOM   839  C C    . LYS A 1 106 ? -5.721  10.352  6.339   1.00 54.78  ? 106 LYS A C    1 
ATOM   840  O O    . LYS A 1 106 ? -6.103  11.107  5.427   1.00 55.17  ? 106 LYS A O    1 
ATOM   841  C CB   . LYS A 1 106 ? -3.857  11.662  7.228   1.00 61.03  ? 106 LYS A CB   1 
ATOM   842  C CG   . LYS A 1 106 ? -3.421  12.585  8.363   1.00 69.43  ? 106 LYS A CG   1 
ATOM   843  C CD   . LYS A 1 106 ? -1.908  12.830  8.283   1.00 81.62  ? 106 LYS A CD   1 
ATOM   844  C CE   . LYS A 1 106 ? -1.395  13.623  9.492   1.00 87.93  ? 106 LYS A CE   1 
ATOM   845  N NZ   . LYS A 1 106 ? -1.649  15.075  9.298   1.00 78.44  ? 106 LYS A NZ   1 
ATOM   846  N N    . ALA A 1 107 ? -5.819  9.028   6.236   1.00 54.23  ? 107 ALA A N    1 
ATOM   847  C CA   . ALA A 1 107 ? -6.303  8.464   4.990   1.00 50.03  ? 107 ALA A CA   1 
ATOM   848  C C    . ALA A 1 107 ? -7.797  8.545   4.904   1.00 49.61  ? 107 ALA A C    1 
ATOM   849  O O    . ALA A 1 107 ? -8.483  8.507   5.892   1.00 56.57  ? 107 ALA A O    1 
ATOM   850  C CB   . ALA A 1 107 ? -5.816  7.051   4.814   1.00 50.11  ? 107 ALA A CB   1 
ATOM   851  N N    . GLN A 1 108 ? -8.302  8.653   3.693   1.00 51.93  ? 108 GLN A N    1 
ATOM   852  C CA   . GLN A 1 108 ? -9.721  8.651   3.434   1.00 52.50  ? 108 GLN A CA   1 
ATOM   853  C C    . GLN A 1 108 ? -10.182 7.489   2.615   1.00 49.16  ? 108 GLN A C    1 
ATOM   854  O O    . GLN A 1 108 ? -11.401 7.322   2.476   1.00 49.91  ? 108 GLN A O    1 
ATOM   855  C CB   . GLN A 1 108 ? -10.139 9.828   2.545   1.00 59.54  ? 108 GLN A CB   1 
ATOM   856  C CG   . GLN A 1 108 ? -9.437  11.086  2.831   1.00 76.93  ? 108 GLN A CG   1 
ATOM   857  C CD   . GLN A 1 108 ? -10.169 11.869  3.820   0.57 79.82  ? 108 GLN A CD   1 
ATOM   858  O OE1  . GLN A 1 108 ? -10.376 11.397  4.938   1.00 84.33  ? 108 GLN A OE1  1 
ATOM   859  N NE2  . GLN A 1 108 ? -10.613 13.067  3.412   1.00 80.11  ? 108 GLN A NE2  1 
ATOM   860  N N    . LYS A 1 109 ? -9.256  6.707   2.053   1.00 45.95  ? 109 LYS A N    1 
ATOM   861  C CA   . LYS A 1 109 ? -9.647  5.599   1.183   1.00 48.12  ? 109 LYS A CA   1 
ATOM   862  C C    . LYS A 1 109 ? -8.665  4.461   1.357   1.00 52.08  ? 109 LYS A C    1 
ATOM   863  O O    . LYS A 1 109 ? -7.474  4.707   1.533   1.00 54.44  ? 109 LYS A O    1 
ATOM   864  C CB   . LYS A 1 109 ? -9.625  6.150   -0.216  1.00 55.05  ? 109 LYS A CB   1 
ATOM   865  C CG   . LYS A 1 109 ? -10.344 5.358   -1.219  1.00 60.28  ? 109 LYS A CG   1 
ATOM   866  C CD   . LYS A 1 109 ? -10.632 6.202   -2.432  1.00 60.91  ? 109 LYS A CD   1 
ATOM   867  C CE   . LYS A 1 109 ? -11.177 5.265   -3.494  1.00 66.28  ? 109 LYS A CE   1 
ATOM   868  N NZ   . LYS A 1 109 ? -11.253 5.739   -4.893  1.00 69.37  ? 109 LYS A NZ   1 
ATOM   869  N N    . LEU A 1 110 ? -9.131  3.220   1.249   1.00 51.56  ? 110 LEU A N    1 
ATOM   870  C CA   . LEU A 1 110 ? -8.265  2.021   1.341   1.00 47.72  ? 110 LEU A CA   1 
ATOM   871  C C    . LEU A 1 110 ? -8.568  1.142   0.161   1.00 46.18  ? 110 LEU A C    1 
ATOM   872  O O    . LEU A 1 110 ? -9.746  0.976   -0.207  1.00 46.36  ? 110 LEU A O    1 
ATOM   873  C CB   . LEU A 1 110 ? -8.595  1.252   2.583   1.00 51.12  ? 110 LEU A CB   1 
ATOM   874  C CG   . LEU A 1 110 ? -8.565  1.978   3.898   1.00 52.32  ? 110 LEU A CG   1 
ATOM   875  C CD1  . LEU A 1 110 ? -8.948  0.955   4.990   1.00 59.89  ? 110 LEU A CD1  1 
ATOM   876  C CD2  . LEU A 1 110 ? -7.188  2.523   4.136   1.00 53.60  ? 110 LEU A CD2  1 
ATOM   877  N N    . TYR A 1 111 ? -7.522  0.702   -0.521  1.00 43.60  ? 111 TYR A N    1 
ATOM   878  C CA   . TYR A 1 111 ? -7.611  -0.211  -1.633  1.00 42.84  ? 111 TYR A CA   1 
ATOM   879  C C    . TYR A 1 111 ? -6.940  -1.507  -1.078  1.00 48.71  ? 111 TYR A C    1 
ATOM   880  O O    . TYR A 1 111 ? -5.721  -1.557  -0.854  1.00 47.41  ? 111 TYR A O    1 
ATOM   881  C CB   . TYR A 1 111 ? -6.866  0.245   -2.810  1.00 45.77  ? 111 TYR A CB   1 
ATOM   882  C CG   . TYR A 1 111 ? -7.273  1.528   -3.443  1.00 47.49  ? 111 TYR A CG   1 
ATOM   883  C CD1  . TYR A 1 111 ? -6.900  2.741   -2.898  1.00 50.95  ? 111 TYR A CD1  1 
ATOM   884  C CD2  . TYR A 1 111 ? -7.994  1.542   -4.629  1.00 51.89  ? 111 TYR A CD2  1 
ATOM   885  C CE1  . TYR A 1 111 ? -7.256  3.947   -3.518  1.00 49.81  ? 111 TYR A CE1  1 
ATOM   886  C CE2  . TYR A 1 111 ? -8.336  2.733   -5.260  1.00 50.51  ? 111 TYR A CE2  1 
ATOM   887  C CZ   . TYR A 1 111 ? -7.965  3.943   -4.719  1.00 55.10  ? 111 TYR A CZ   1 
ATOM   888  O OH   . TYR A 1 111 ? -8.310  5.164   -5.400  1.00 55.74  ? 111 TYR A OH   1 
ATOM   889  N N    . LEU A 1 112 ? -7.763  -2.499  -0.769  1.00 48.07  ? 112 LEU A N    1 
ATOM   890  C CA   . LEU A 1 112 ? -7.276  -3.750  -0.117  1.00 51.56  ? 112 LEU A CA   1 
ATOM   891  C C    . LEU A 1 112 ? -7.478  -4.911  -1.085  1.00 57.02  ? 112 LEU A C    1 
ATOM   892  O O    . LEU A 1 112 ? -8.514  -4.998  -1.775  1.00 51.76  ? 112 LEU A O    1 
ATOM   893  C CB   . LEU A 1 112 ? -8.039  -4.033  1.165   1.00 47.60  ? 112 LEU A CB   1 
ATOM   894  C CG   . LEU A 1 112 ? -7.964  -2.997  2.193   1.00 47.86  ? 112 LEU A CG   1 
ATOM   895  C CD1  . LEU A 1 112 ? -8.793  -3.415  3.375   1.00 53.25  ? 112 LEU A CD1  1 
ATOM   896  C CD2  . LEU A 1 112 ? -6.525  -2.693  2.674   1.00 51.30  ? 112 LEU A CD2  1 
ATOM   897  N N    . THR A 1 113 ? -6.464  -5.760  -1.210  1.00 47.43  ? 113 THR A N    1 
ATOM   898  C CA   . THR A 1 113 ? -6.622  -7.049  -1.871  1.00 50.56  ? 113 THR A CA   1 
ATOM   899  C C    . THR A 1 113 ? -6.625  -8.106  -0.743  1.00 51.59  ? 113 THR A C    1 
ATOM   900  O O    . THR A 1 113 ? -5.638  -8.217  -0.039  1.00 52.76  ? 113 THR A O    1 
ATOM   901  C CB   . THR A 1 113 ? -5.483  -7.289  -2.818  1.00 50.22  ? 113 THR A CB   1 
ATOM   902  O OG1  . THR A 1 113 ? -5.401  -6.202  -3.763  1.00 49.23  ? 113 THR A OG1  1 
ATOM   903  C CG2  . THR A 1 113 ? -5.623  -8.683  -3.538  1.00 51.50  ? 113 THR A CG2  1 
ATOM   904  N N    . HIS A 1 114 ? -7.741  -8.792  -0.531  1.00 50.08  ? 114 HIS A N    1 
ATOM   905  C CA   . HIS A 1 114 ? -7.847  -9.853  0.501   1.00 49.20  ? 114 HIS A CA   1 
ATOM   906  C C    . HIS A 1 114 ? -7.456  -11.117 -0.210  1.00 51.94  ? 114 HIS A C    1 
ATOM   907  O O    . HIS A 1 114 ? -8.099  -11.484 -1.190  1.00 59.56  ? 114 HIS A O    1 
ATOM   908  C CB   . HIS A 1 114 ? -9.251  -10.019 0.988   1.00 49.20  ? 114 HIS A CB   1 
ATOM   909  C CG   . HIS A 1 114 ? -9.805  -8.809  1.648   1.00 54.05  ? 114 HIS A CG   1 
ATOM   910  N ND1  . HIS A 1 114 ? -9.470  -8.440  2.926   1.00 55.66  ? 114 HIS A ND1  1 
ATOM   911  C CD2  . HIS A 1 114 ? -10.634 -7.845  1.175   1.00 61.39  ? 114 HIS A CD2  1 
ATOM   912  C CE1  . HIS A 1 114 ? -10.094 -7.312  3.223   1.00 66.09  ? 114 HIS A CE1  1 
ATOM   913  N NE2  . HIS A 1 114 ? -10.814 -6.939  2.183   1.00 59.74  ? 114 HIS A NE2  1 
ATOM   914  N N    . ILE A 1 115 ? -6.333  -11.710 0.166   1.00 54.68  ? 115 ILE A N    1 
ATOM   915  C CA   . ILE A 1 115 ? -5.883  -12.957 -0.502  1.00 61.70  ? 115 ILE A CA   1 
ATOM   916  C C    . ILE A 1 115 ? -6.209  -14.173 0.397   1.00 62.38  ? 115 ILE A C    1 
ATOM   917  O O    . ILE A 1 115 ? -5.891  -14.132 1.586   1.00 60.21  ? 115 ILE A O    1 
ATOM   918  C CB   . ILE A 1 115 ? -4.399  -12.927 -0.833  1.00 58.11  ? 115 ILE A CB   1 
ATOM   919  C CG1  . ILE A 1 115 ? -4.113  -11.817 -1.851  1.00 61.59  ? 115 ILE A CG1  1 
ATOM   920  C CG2  . ILE A 1 115 ? -3.949  -14.245 -1.459  1.00 62.66  ? 115 ILE A CG2  1 
ATOM   921  C CD1  . ILE A 1 115 ? -2.665  -11.403 -1.876  1.00 58.96  ? 115 ILE A CD1  1 
ATOM   922  N N    . ASP A 1 116 ? -6.833  -15.205 -0.194  1.00 61.66  ? 116 ASP A N    1 
ATOM   923  C CA   . ASP A 1 116 ? -7.301  -16.412 0.491   1.00 69.32  ? 116 ASP A CA   1 
ATOM   924  C C    . ASP A 1 116 ? -6.100  -17.335 0.685   1.00 63.29  ? 116 ASP A C    1 
ATOM   925  O O    . ASP A 1 116 ? -5.943  -18.299 -0.038  1.00 66.39  ? 116 ASP A O    1 
ATOM   926  C CB   . ASP A 1 116 ? -8.382  -17.119 -0.351  1.00 70.53  ? 116 ASP A CB   1 
ATOM   927  C CG   . ASP A 1 116 ? -9.051  -18.343 0.388   1.00 96.84  ? 116 ASP A CG   1 
ATOM   928  O OD1  . ASP A 1 116 ? -9.436  -18.203 1.572   1.00 100.62 ? 116 ASP A OD1  1 
ATOM   929  O OD2  . ASP A 1 116 ? -9.217  -19.446 -0.212  1.00 92.37  ? 116 ASP A OD2  1 
ATOM   930  N N    . ALA A 1 117 ? -5.213  -16.957 1.599   1.00 61.57  ? 117 ALA A N    1 
ATOM   931  C CA   . ALA A 1 117 ? -3.966  -17.682 1.828   1.00 71.18  ? 117 ALA A CA   1 
ATOM   932  C C    . ALA A 1 117 ? -3.405  -17.391 3.191   1.00 66.60  ? 117 ALA A C    1 
ATOM   933  O O    . ALA A 1 117 ? -3.671  -16.341 3.777   1.00 70.02  ? 117 ALA A O    1 
ATOM   934  C CB   . ALA A 1 117 ? -2.945  -17.348 0.754   1.00 67.35  ? 117 ALA A CB   1 
ATOM   935  N N    . GLU A 1 118 ? -2.595  -18.326 3.676   1.00 71.14  ? 118 GLU A N    1 
ATOM   936  C CA   . GLU A 1 118 ? -2.006  -18.266 5.000   1.00 76.01  ? 118 GLU A CA   1 
ATOM   937  C C    . GLU A 1 118 ? -0.547  -18.041 4.786   1.00 71.53  ? 118 GLU A C    1 
ATOM   938  O O    . GLU A 1 118 ? 0.038   -18.647 3.892   1.00 69.31  ? 118 GLU A O    1 
ATOM   939  C CB   . GLU A 1 118 ? -2.191  -19.595 5.724   1.00 91.42  ? 118 GLU A CB   1 
ATOM   940  C CG   . GLU A 1 118 ? -2.898  -19.439 7.053   1.00 97.35  ? 118 GLU A CG   1 
ATOM   941  C CD   . GLU A 1 118 ? -2.064  -18.934 8.229   1.00 110.44 ? 118 GLU A CD   1 
ATOM   942  O OE1  . GLU A 1 118 ? -2.616  -18.907 9.352   1.00 113.24 ? 118 GLU A OE1  1 
ATOM   943  O OE2  . GLU A 1 118 ? -0.884  -18.553 8.071   1.00 123.64 ? 118 GLU A OE2  1 
ATOM   944  N N    . VAL A 1 119 ? 0.024   -17.100 5.527   1.00 78.36  ? 119 VAL A N    1 
ATOM   945  C CA   . VAL A 1 119 ? 1.478   -16.860 5.505   1.00 78.19  ? 119 VAL A CA   1 
ATOM   946  C C    . VAL A 1 119 ? 1.896   -16.466 6.908   1.00 75.24  ? 119 VAL A C    1 
ATOM   947  O O    . VAL A 1 119 ? 1.154   -15.760 7.601   1.00 76.40  ? 119 VAL A O    1 
ATOM   948  C CB   . VAL A 1 119 ? 1.947   -15.862 4.362   1.00 89.68  ? 119 VAL A CB   1 
ATOM   949  C CG1  . VAL A 1 119 ? 0.801   -15.279 3.548   1.00 83.67  ? 119 VAL A CG1  1 
ATOM   950  C CG2  . VAL A 1 119 ? 2.848   -14.746 4.871   1.00 92.95  ? 119 VAL A CG2  1 
ATOM   951  N N    A GLU A 1 120 ? 3.086   -16.930 7.310   0.53 91.74  ? 120 GLU A N    1 
ATOM   952  N N    B GLU A 1 120 ? 3.044   -16.947 7.371   0.47 88.67  ? 120 GLU A N    1 
ATOM   953  C CA   A GLU A 1 120 ? 3.728   -16.533 8.576   0.53 98.33  ? 120 GLU A CA   1 
ATOM   954  C CA   B GLU A 1 120 ? 3.522   -16.547 8.692   0.47 93.00  ? 120 GLU A CA   1 
ATOM   955  C C    A GLU A 1 120 ? 4.174   -15.086 8.450   0.53 92.93  ? 120 GLU A C    1 
ATOM   956  C C    B GLU A 1 120 ? 4.219   -15.190 8.534   0.47 91.58  ? 120 GLU A C    1 
ATOM   957  O O    A GLU A 1 120 ? 4.629   -14.653 7.389   0.53 86.79  ? 120 GLU A O    1 
ATOM   958  O O    B GLU A 1 120 ? 4.883   -14.935 7.526   0.47 89.91  ? 120 GLU A O    1 
ATOM   959  C CB   A GLU A 1 120 ? 4.950   -17.423 8.904   0.53 99.51  ? 120 GLU A CB   1 
ATOM   960  C CB   B GLU A 1 120 ? 4.434   -17.615 9.312   0.47 93.87  ? 120 GLU A CB   1 
ATOM   961  C CG   A GLU A 1 120 ? 5.420   -17.382 10.372  0.53 100.33 ? 120 GLU A CG   1 
ATOM   962  C CG   B GLU A 1 120 ? 3.944   -18.080 10.682  0.47 83.47  ? 120 GLU A CG   1 
ATOM   963  C CD   A GLU A 1 120 ? 6.427   -16.281 10.704  0.53 95.87  ? 120 GLU A CD   1 
ATOM   964  C CD   B GLU A 1 120 ? 2.458   -18.383 10.681  0.47 81.11  ? 120 GLU A CD   1 
ATOM   965  O OE1  A GLU A 1 120 ? 7.081   -15.737 9.793   0.53 95.32  ? 120 GLU A OE1  1 
ATOM   966  O OE1  B GLU A 1 120 ? 1.895   -18.663 9.600   0.47 74.69  ? 120 GLU A OE1  1 
ATOM   967  O OE2  A GLU A 1 120 ? 6.579   -15.961 11.904  0.53 91.89  ? 120 GLU A OE2  1 
ATOM   968  O OE2  B GLU A 1 120 ? 1.842   -18.327 11.760  0.47 81.92  ? 120 GLU A OE2  1 
ATOM   969  N N    . GLY A 1 121 ? 4.024   -14.330 9.528   1.00 93.28  ? 121 GLY A N    1 
ATOM   970  C CA   . GLY A 1 121 ? 4.489   -12.950 9.525   1.00 84.74  ? 121 GLY A CA   1 
ATOM   971  C C    . GLY A 1 121 ? 4.016   -12.309 10.810  1.00 91.98  ? 121 GLY A C    1 
ATOM   972  O O    . GLY A 1 121 ? 2.927   -12.620 11.347  1.00 80.97  ? 121 GLY A O    1 
ATOM   973  N N    . ASP A 1 122 ? 4.847   -11.419 11.320  1.00 98.14  ? 122 ASP A N    1 
ATOM   974  C CA   . ASP A 1 122 ? 4.493   -10.621 12.497  1.00 110.24 ? 122 ASP A CA   1 
ATOM   975  C C    . ASP A 1 122 ? 3.776   -9.342  12.026  1.00 100.06 ? 122 ASP A C    1 
ATOM   976  O O    . ASP A 1 122 ? 2.939   -8.810  12.764  1.00 100.88 ? 122 ASP A O    1 
ATOM   977  C CB   . ASP A 1 122 ? 5.751   -10.311 13.327  1.00 111.78 ? 122 ASP A CB   1 
ATOM   978  C CG   . ASP A 1 122 ? 6.881   -11.296 13.041  1.00 127.46 ? 122 ASP A CG   1 
ATOM   979  O OD1  . ASP A 1 122 ? 7.483   -11.186 11.942  1.00 121.60 ? 122 ASP A OD1  1 
ATOM   980  O OD2  . ASP A 1 122 ? 7.127   -12.200 13.873  1.00 138.79 ? 122 ASP A OD2  1 
ATOM   981  N N    . THR A 1 123 ? 4.077   -8.898  10.790  1.00 84.31  ? 123 THR A N    1 
ATOM   982  C CA   . THR A 1 123 ? 3.582   -7.621  10.238  1.00 76.34  ? 123 THR A CA   1 
ATOM   983  C C    . THR A 1 123 ? 2.153   -7.733  9.708   1.00 70.14  ? 123 THR A C    1 
ATOM   984  O O    . THR A 1 123 ? 1.891   -8.459  8.718   1.00 68.63  ? 123 THR A O    1 
ATOM   985  C CB   . THR A 1 123 ? 4.491   -7.109  9.102   1.00 90.75  ? 123 THR A CB   1 
ATOM   986  O OG1  . THR A 1 123 ? 5.856   -7.383  9.418   1.00 93.76  ? 123 THR A OG1  1 
ATOM   987  C CG2  . THR A 1 123 ? 4.314   -5.594  8.895   1.00 88.57  ? 123 THR A CG2  1 
ATOM   988  N N    . HIS A 1 124 ? 1.260   -7.011  10.399  1.00 67.09  ? 124 HIS A N    1 
ATOM   989  C CA   . HIS A 1 124 ? -0.149  -6.863  10.095  1.00 67.65  ? 124 HIS A CA   1 
ATOM   990  C C    . HIS A 1 124 ? -0.522  -5.473  9.563   1.00 76.73  ? 124 HIS A C    1 
ATOM   991  O O    . HIS A 1 124 ? 0.055   -4.473  9.974   1.00 60.33  ? 124 HIS A O    1 
ATOM   992  C CB   . HIS A 1 124 ? -0.977  -7.074  11.370  1.00 72.34  ? 124 HIS A CB   1 
ATOM   993  C CG   . HIS A 1 124 ? -0.787  -8.423  11.979  1.00 93.26  ? 124 HIS A CG   1 
ATOM   994  N ND1  . HIS A 1 124 ? -1.006  -9.590  11.277  1.00 102.36 ? 124 HIS A ND1  1 
ATOM   995  C CD2  . HIS A 1 124 ? -0.385  -8.794  13.215  1.00 94.62  ? 124 HIS A CD2  1 
ATOM   996  C CE1  . HIS A 1 124 ? -0.740  -10.624 12.052  1.00 98.13  ? 124 HIS A CE1  1 
ATOM   997  N NE2  . HIS A 1 124 ? -0.360  -10.168 13.233  1.00 105.42 ? 124 HIS A NE2  1 
ATOM   998  N N    . PHE A 1 125 ? -1.551  -5.405  8.719   1.00 63.32  ? 125 PHE A N    1 
ATOM   999  C CA   . PHE A 1 125 ? -2.078  -4.159  8.276   1.00 58.20  ? 125 PHE A CA   1 
ATOM   1000 C C    . PHE A 1 125 ? -2.757  -3.570  9.498   1.00 66.72  ? 125 PHE A C    1 
ATOM   1001 O O    . PHE A 1 125 ? -3.345  -4.311  10.265  1.00 70.45  ? 125 PHE A O    1 
ATOM   1002 C CB   . PHE A 1 125 ? -3.099  -4.396  7.133   1.00 60.69  ? 125 PHE A CB   1 
ATOM   1003 C CG   . PHE A 1 125 ? -3.617  -3.134  6.467   1.00 49.69  ? 125 PHE A CG   1 
ATOM   1004 C CD1  . PHE A 1 125 ? -2.828  -2.455  5.534   1.00 51.52  ? 125 PHE A CD1  1 
ATOM   1005 C CD2  . PHE A 1 125 ? -4.850  -2.614  6.796   1.00 54.80  ? 125 PHE A CD2  1 
ATOM   1006 C CE1  . PHE A 1 125 ? -3.259  -1.276  4.957   1.00 48.27  ? 125 PHE A CE1  1 
ATOM   1007 C CE2  . PHE A 1 125 ? -5.317  -1.440  6.213   1.00 59.53  ? 125 PHE A CE2  1 
ATOM   1008 C CZ   . PHE A 1 125 ? -4.513  -0.763  5.287   1.00 56.76  ? 125 PHE A CZ   1 
ATOM   1009 N N    . PRO A 1 126 ? -2.748  -2.227  9.646   1.00 63.21  ? 126 PRO A N    1 
ATOM   1010 C CA   . PRO A 1 126 ? -3.360  -1.688  10.837  1.00 66.97  ? 126 PRO A CA   1 
ATOM   1011 C C    . PRO A 1 126 ? -4.807  -2.055  10.939  1.00 71.84  ? 126 PRO A C    1 
ATOM   1012 O O    . PRO A 1 126 ? -5.471  -2.311  9.930   1.00 71.72  ? 126 PRO A O    1 
ATOM   1013 C CB   . PRO A 1 126 ? -3.234  -0.152  10.679  1.00 63.71  ? 126 PRO A CB   1 
ATOM   1014 C CG   . PRO A 1 126 ? -2.868  0.083   9.288   1.00 63.93  ? 126 PRO A CG   1 
ATOM   1015 C CD   . PRO A 1 126 ? -2.146  -1.163  8.827   1.00 66.32  ? 126 PRO A CD   1 
ATOM   1016 N N    . ASP A 1 127 ? -5.298  -1.966  12.158  1.00 78.36  ? 127 ASP A N    1 
ATOM   1017 C CA   . ASP A 1 127 ? -6.598  -2.470  12.485  1.00 90.35  ? 127 ASP A CA   1 
ATOM   1018 C C    . ASP A 1 127 ? -7.583  -1.349  12.229  1.00 80.40  ? 127 ASP A C    1 
ATOM   1019 O O    . ASP A 1 127 ? -7.888  -0.607  13.120  1.00 88.99  ? 127 ASP A O    1 
ATOM   1020 C CB   . ASP A 1 127 ? -6.591  -2.970  13.947  1.00 100.20 ? 127 ASP A CB   1 
ATOM   1021 C CG   . ASP A 1 127 ? -7.672  -3.986  14.215  1.00 109.97 ? 127 ASP A CG   1 
ATOM   1022 O OD1  . ASP A 1 127 ? -7.866  -4.877  13.359  1.00 118.88 ? 127 ASP A OD1  1 
ATOM   1023 O OD2  . ASP A 1 127 ? -8.329  -3.892  15.277  1.00 114.13 ? 127 ASP A OD2  1 
ATOM   1024 N N    . TYR A 1 128 ? -8.012  -1.193  10.974  1.00 79.91  ? 128 TYR A N    1 
ATOM   1025 C CA   . TYR A 1 128 ? -9.034  -0.204  10.619  1.00 83.89  ? 128 TYR A CA   1 
ATOM   1026 C C    . TYR A 1 128 ? -10.320 -0.577  11.332  1.00 99.20  ? 128 TYR A C    1 
ATOM   1027 O O    . TYR A 1 128 ? -10.822 -1.690  11.171  1.00 103.24 ? 128 TYR A O    1 
ATOM   1028 C CB   . TYR A 1 128 ? -9.310  -0.038  9.087   1.00 70.83  ? 128 TYR A CB   1 
ATOM   1029 C CG   . TYR A 1 128 ? -9.584  -1.281  8.267   1.00 64.71  ? 128 TYR A CG   1 
ATOM   1030 C CD1  . TYR A 1 128 ? -8.543  -2.147  7.917   1.00 69.03  ? 128 TYR A CD1  1 
ATOM   1031 C CD2  . TYR A 1 128 ? -10.848 -1.578  7.781   1.00 61.70  ? 128 TYR A CD2  1 
ATOM   1032 C CE1  . TYR A 1 128 ? -8.755  -3.309  7.190   1.00 73.67  ? 128 TYR A CE1  1 
ATOM   1033 C CE2  . TYR A 1 128 ? -11.072 -2.748  7.022   1.00 59.59  ? 128 TYR A CE2  1 
ATOM   1034 C CZ   . TYR A 1 128 ? -10.025 -3.623  6.737   1.00 68.71  ? 128 TYR A CZ   1 
ATOM   1035 O OH   . TYR A 1 128 ? -10.181 -4.820  5.983   1.00 67.01  ? 128 TYR A OH   1 
ATOM   1036 N N    . GLU A 1 129 ? -10.828 0.361   12.122  1.00 93.11  ? 129 GLU A N    1 
ATOM   1037 C CA   . GLU A 1 129 ? -12.084 0.182   12.825  1.00 102.34 ? 129 GLU A CA   1 
ATOM   1038 C C    . GLU A 1 129 ? -13.292 0.116   11.852  1.00 92.90  ? 129 GLU A C    1 
ATOM   1039 O O    . GLU A 1 129 ? -13.631 1.103   11.225  1.00 91.02  ? 129 GLU A O    1 
ATOM   1040 C CB   . GLU A 1 129 ? -12.266 1.317   13.827  1.00 100.56 ? 129 GLU A CB   1 
ATOM   1041 C CG   . GLU A 1 129 ? -13.148 0.930   14.989  1.00 109.16 ? 129 GLU A CG   1 
ATOM   1042 C CD   . GLU A 1 129 ? -13.657 2.134   15.738  1.00 111.52 ? 129 GLU A CD   1 
ATOM   1043 O OE1  . GLU A 1 129 ? -13.281 2.315   16.907  1.00 120.96 ? 129 GLU A OE1  1 
ATOM   1044 O OE2  . GLU A 1 129 ? -14.423 2.919   15.153  1.00 122.93 ? 129 GLU A OE2  1 
ATOM   1045 N N    . PRO A 1 130 ? -13.968 -1.044  11.746  1.00 91.31  ? 130 PRO A N    1 
ATOM   1046 C CA   . PRO A 1 130 ? -15.138 -1.202  10.841  1.00 87.06  ? 130 PRO A CA   1 
ATOM   1047 C C    . PRO A 1 130 ? -16.154 -0.045  10.789  1.00 87.19  ? 130 PRO A C    1 
ATOM   1048 O O    . PRO A 1 130 ? -16.774 0.174   9.768   1.00 85.73  ? 130 PRO A O    1 
ATOM   1049 C CB   . PRO A 1 130 ? -15.852 -2.431  11.410  1.00 94.17  ? 130 PRO A CB   1 
ATOM   1050 C CG   . PRO A 1 130 ? -14.766 -3.231  12.079  1.00 97.63  ? 130 PRO A CG   1 
ATOM   1051 C CD   . PRO A 1 130 ? -13.726 -2.259  12.558  1.00 90.68  ? 130 PRO A CD   1 
ATOM   1052 N N    . ASP A 1 131 ? -16.332 0.656   11.899  1.00 83.25  ? 131 ASP A N    1 
ATOM   1053 C CA   . ASP A 1 131 ? -17.293 1.767   12.038  1.00 82.28  ? 131 ASP A CA   1 
ATOM   1054 C C    . ASP A 1 131 ? -16.889 3.049   11.364  1.00 83.79  ? 131 ASP A C    1 
ATOM   1055 O O    . ASP A 1 131 ? -17.720 3.913   11.133  1.00 75.62  ? 131 ASP A O    1 
ATOM   1056 C CB   . ASP A 1 131 ? -17.452 2.131   13.523  1.00 89.18  ? 131 ASP A CB   1 
ATOM   1057 C CG   . ASP A 1 131 ? -17.732 0.919   14.387  1.00 110.84 ? 131 ASP A CG   1 
ATOM   1058 O OD1  . ASP A 1 131 ? -16.829 0.042   14.533  1.00 112.41 ? 131 ASP A OD1  1 
ATOM   1059 O OD2  . ASP A 1 131 ? -18.868 0.833   14.890  1.00 110.18 ? 131 ASP A OD2  1 
ATOM   1060 N N    . ASP A 1 132 ? -15.596 3.224   11.125  1.00 79.16  ? 132 ASP A N    1 
ATOM   1061 C CA   . ASP A 1 132 ? -15.126 4.458   10.525  1.00 77.06  ? 132 ASP A CA   1 
ATOM   1062 C C    . ASP A 1 132 ? -15.043 4.382   9.035   1.00 66.13  ? 132 ASP A C    1 
ATOM   1063 O O    . ASP A 1 132 ? -14.751 5.380   8.401   1.00 66.12  ? 132 ASP A O    1 
ATOM   1064 C CB   . ASP A 1 132 ? -13.762 4.803   11.091  1.00 78.37  ? 132 ASP A CB   1 
ATOM   1065 C CG   . ASP A 1 132 ? -13.853 5.244   12.519  1.00 84.63  ? 132 ASP A CG   1 
ATOM   1066 O OD1  . ASP A 1 132 ? -14.780 6.010   12.843  1.00 80.93  ? 132 ASP A OD1  1 
ATOM   1067 O OD2  . ASP A 1 132 ? -12.994 4.840   13.312  1.00 87.04  ? 132 ASP A OD2  1 
ATOM   1068 N N    . TRP A 1 133 ? -15.313 3.216   8.477   1.00 60.57  ? 133 TRP A N    1 
ATOM   1069 C CA   . TRP A 1 133 ? -15.037 2.957   7.076   1.00 65.39  ? 133 TRP A CA   1 
ATOM   1070 C C    . TRP A 1 133 ? -16.275 2.358   6.462   1.00 66.69  ? 133 TRP A C    1 
ATOM   1071 O O    . TRP A 1 133 ? -16.922 1.555   7.074   1.00 71.89  ? 133 TRP A O    1 
ATOM   1072 C CB   . TRP A 1 133 ? -13.838 1.996   6.920   1.00 55.75  ? 133 TRP A CB   1 
ATOM   1073 C CG   . TRP A 1 133 ? -12.563 2.657   7.331   1.00 61.50  ? 133 TRP A CG   1 
ATOM   1074 C CD1  . TRP A 1 133 ? -12.010 2.662   8.564   1.00 57.34  ? 133 TRP A CD1  1 
ATOM   1075 C CD2  . TRP A 1 133 ? -11.721 3.481   6.512   1.00 55.49  ? 133 TRP A CD2  1 
ATOM   1076 N NE1  . TRP A 1 133 ? -10.850 3.406   8.561   1.00 59.96  ? 133 TRP A NE1  1 
ATOM   1077 C CE2  . TRP A 1 133 ? -10.654 3.922   7.313   1.00 60.67  ? 133 TRP A CE2  1 
ATOM   1078 C CE3  . TRP A 1 133 ? -11.758 3.856   5.177   1.00 56.84  ? 133 TRP A CE3  1 
ATOM   1079 C CZ2  . TRP A 1 133 ? -9.630  4.759   6.826   1.00 53.49  ? 133 TRP A CZ2  1 
ATOM   1080 C CZ3  . TRP A 1 133 ? -10.737 4.683   4.678   1.00 57.23  ? 133 TRP A CZ3  1 
ATOM   1081 C CH2  . TRP A 1 133 ? -9.686  5.103   5.501   1.00 57.08  ? 133 TRP A CH2  1 
ATOM   1082 N N    . GLU A 1 134 ? -16.548 2.710   5.220   1.00 60.14  ? 134 GLU A N    1 
ATOM   1083 C CA   . GLU A 1 134 ? -17.598 2.112   4.453   1.00 59.16  ? 134 GLU A CA   1 
ATOM   1084 C C    . GLU A 1 134 ? -16.991 1.413   3.260   1.00 55.49  ? 134 GLU A C    1 
ATOM   1085 O O    . GLU A 1 134 ? -16.288 2.049   2.473   1.00 55.83  ? 134 GLU A O    1 
ATOM   1086 C CB   . GLU A 1 134 ? -18.522 3.249   3.965   1.00 69.20  ? 134 GLU A CB   1 
ATOM   1087 C CG   . GLU A 1 134 ? -19.865 2.761   3.472   1.00 79.36  ? 134 GLU A CG   1 
ATOM   1088 C CD   . GLU A 1 134 ? -20.693 3.853   2.812   1.00 82.88  ? 134 GLU A CD   1 
ATOM   1089 O OE1  . GLU A 1 134 ? -21.633 3.491   2.084   1.00 77.14  ? 134 GLU A OE1  1 
ATOM   1090 O OE2  . GLU A 1 134 ? -20.382 5.045   2.988   1.00 83.34  ? 134 GLU A OE2  1 
ATOM   1091 N N    . SER A 1 135 ? -17.356 0.154   3.048   1.00 50.92  ? 135 SER A N    1 
ATOM   1092 C CA   . SER A 1 135 ? -16.988 -0.567  1.869   1.00 54.46  ? 135 SER A CA   1 
ATOM   1093 C C    . SER A 1 135 ? -17.861 -0.075  0.745   1.00 61.65  ? 135 SER A C    1 
ATOM   1094 O O    . SER A 1 135 ? -19.060 -0.049  0.897   1.00 60.80  ? 135 SER A O    1 
ATOM   1095 C CB   . SER A 1 135 ? -17.161 -2.072  2.076   1.00 52.11  ? 135 SER A CB   1 
ATOM   1096 O OG   . SER A 1 135 ? -16.709 -2.752  0.906   1.00 57.65  ? 135 SER A OG   1 
ATOM   1097 N N    . VAL A 1 136 ? -17.255 0.356   -0.350  1.00 57.53  ? 136 VAL A N    1 
ATOM   1098 C CA   . VAL A 1 136 ? -17.978 0.869   -1.497  1.00 52.25  ? 136 VAL A CA   1 
ATOM   1099 C C    . VAL A 1 136 ? -17.838 -0.005  -2.736  1.00 59.29  ? 136 VAL A C    1 
ATOM   1100 O O    . VAL A 1 136 ? -18.614 0.145   -3.664  1.00 56.32  ? 136 VAL A O    1 
ATOM   1101 C CB   . VAL A 1 136 ? -17.651 2.353   -1.807  1.00 55.05  ? 136 VAL A CB   1 
ATOM   1102 C CG1  . VAL A 1 136 ? -18.082 3.204   -0.624  1.00 55.63  ? 136 VAL A CG1  1 
ATOM   1103 C CG2  . VAL A 1 136 ? -16.202 2.640   -2.195  1.00 55.27  ? 136 VAL A CG2  1 
ATOM   1104 N N    . PHE A 1 137 ? -16.925 -0.977  -2.719  1.00 53.79  ? 137 PHE A N    1 
ATOM   1105 C CA   . PHE A 1 137 ? -16.685 -1.821  -3.861  1.00 49.78  ? 137 PHE A CA   1 
ATOM   1106 C C    . PHE A 1 137 ? -16.004 -3.086  -3.375  1.00 55.06  ? 137 PHE A C    1 
ATOM   1107 O O    . PHE A 1 137 ? -15.075 -3.030  -2.515  1.00 49.89  ? 137 PHE A O    1 
ATOM   1108 C CB   . PHE A 1 137 ? -15.732 -1.107  -4.800  1.00 51.76  ? 137 PHE A CB   1 
ATOM   1109 C CG   . PHE A 1 137 ? -15.297 -1.921  -5.992  1.00 51.95  ? 137 PHE A CG   1 
ATOM   1110 C CD1  . PHE A 1 137 ? -16.148 -2.113  -7.058  1.00 59.58  ? 137 PHE A CD1  1 
ATOM   1111 C CD2  . PHE A 1 137 ? -14.042 -2.495  -6.042  1.00 57.60  ? 137 PHE A CD2  1 
ATOM   1112 C CE1  . PHE A 1 137 ? -15.762 -2.843  -8.173  1.00 61.54  ? 137 PHE A CE1  1 
ATOM   1113 C CE2  . PHE A 1 137 ? -13.634 -3.244  -7.141  1.00 57.91  ? 137 PHE A CE2  1 
ATOM   1114 C CZ   . PHE A 1 137 ? -14.489 -3.389  -8.237  1.00 64.18  ? 137 PHE A CZ   1 
ATOM   1115 N N    . SER A 1 138 ? -16.375 -4.198  -3.979  1.00 48.30  ? 138 SER A N    1 
ATOM   1116 C CA   . SER A 1 138 ? -15.649 -5.433  -3.819  1.00 52.96  ? 138 SER A CA   1 
ATOM   1117 C C    . SER A 1 138 ? -15.776 -6.281  -5.028  1.00 57.58  ? 138 SER A C    1 
ATOM   1118 O O    . SER A 1 138 ? -16.772 -6.198  -5.756  1.00 58.37  ? 138 SER A O    1 
ATOM   1119 C CB   . SER A 1 138 ? -16.115 -6.173  -2.570  1.00 59.01  ? 138 SER A CB   1 
ATOM   1120 O OG   . SER A 1 138 ? -17.483 -6.452  -2.602  1.00 57.38  ? 138 SER A OG   1 
ATOM   1121 N N    . GLU A 1 139 ? -14.773 -7.108  -5.296  1.00 50.59  ? 139 GLU A N    1 
ATOM   1122 C CA   . GLU A 1 139 ? -14.863 -7.944  -6.468  1.00 52.02  ? 139 GLU A CA   1 
ATOM   1123 C C    . GLU A 1 139 ? -14.044 -9.200  -6.278  1.00 55.99  ? 139 GLU A C    1 
ATOM   1124 O O    . GLU A 1 139 ? -12.829 -9.104  -6.230  1.00 51.67  ? 139 GLU A O    1 
ATOM   1125 C CB   . GLU A 1 139 ? -14.381 -7.149  -7.646  1.00 55.49  ? 139 GLU A CB   1 
ATOM   1126 C CG   . GLU A 1 139 ? -14.403 -7.849  -8.970  1.00 61.50  ? 139 GLU A CG   1 
ATOM   1127 C CD   . GLU A 1 139 ? -13.611 -7.016  -9.969  1.00 75.73  ? 139 GLU A CD   1 
ATOM   1128 O OE1  . GLU A 1 139 ? -12.370 -7.189  -10.073 1.00 67.35  ? 139 GLU A OE1  1 
ATOM   1129 O OE2  . GLU A 1 139 ? -14.239 -6.122  -10.580 1.00 75.59  ? 139 GLU A OE2  1 
ATOM   1130 N N    . PHE A 1 140 ? -14.745 -10.352 -6.142  1.00 53.74  ? 140 PHE A N    1 
ATOM   1131 C CA   . PHE A 1 140 ? -14.130 -11.648 -5.810  1.00 50.66  ? 140 PHE A CA   1 
ATOM   1132 C C    . PHE A 1 140 ? -13.669 -12.331 -7.068  1.00 52.98  ? 140 PHE A C    1 
ATOM   1133 O O    . PHE A 1 140 ? -14.253 -12.175 -8.109  1.00 52.19  ? 140 PHE A O    1 
ATOM   1134 C CB   . PHE A 1 140 ? -15.132 -12.532 -5.090  1.00 54.82  ? 140 PHE A CB   1 
ATOM   1135 C CG   . PHE A 1 140 ? -14.597 -13.921 -4.773  1.00 57.43  ? 140 PHE A CG   1 
ATOM   1136 C CD1  . PHE A 1 140 ? -13.896 -14.158 -3.592  1.00 60.77  ? 140 PHE A CD1  1 
ATOM   1137 C CD2  . PHE A 1 140 ? -14.772 -14.965 -5.653  1.00 62.07  ? 140 PHE A CD2  1 
ATOM   1138 C CE1  . PHE A 1 140 ? -13.399 -15.402 -3.298  1.00 61.01  ? 140 PHE A CE1  1 
ATOM   1139 C CE2  . PHE A 1 140 ? -14.265 -16.234 -5.357  1.00 63.84  ? 140 PHE A CE2  1 
ATOM   1140 C CZ   . PHE A 1 140 ? -13.580 -16.437 -4.186  1.00 60.86  ? 140 PHE A CZ   1 
ATOM   1141 N N    . HIS A 1 141 ? -12.594 -13.088 -6.995  1.00 54.70  ? 141 HIS A N    1 
ATOM   1142 C CA   . HIS A 1 141 ? -12.102 -13.796 -8.127  1.00 50.98  ? 141 HIS A CA   1 
ATOM   1143 C C    . HIS A 1 141 ? -11.587 -15.157 -7.635  1.00 58.62  ? 141 HIS A C    1 
ATOM   1144 O O    . HIS A 1 141 ? -10.896 -15.234 -6.616  1.00 53.13  ? 141 HIS A O    1 
ATOM   1145 C CB   . HIS A 1 141 ? -10.909 -13.076 -8.781  1.00 61.42  ? 141 HIS A CB   1 
ATOM   1146 C CG   . HIS A 1 141 ? -11.254 -11.798 -9.477  1.00 62.00  ? 141 HIS A CG   1 
ATOM   1147 N ND1  . HIS A 1 141 ? -11.481 -11.737 -10.833 1.00 59.46  ? 141 HIS A ND1  1 
ATOM   1148 C CD2  . HIS A 1 141 ? -11.341 -10.523 -9.018  1.00 61.27  ? 141 HIS A CD2  1 
ATOM   1149 C CE1  . HIS A 1 141 ? -11.728 -10.483 -11.176 1.00 65.90  ? 141 HIS A CE1  1 
ATOM   1150 N NE2  . HIS A 1 141 ? -11.672 -9.728  -10.091 1.00 60.69  ? 141 HIS A NE2  1 
ATOM   1151 N N    . ASP A 1 142 ? -11.911 -16.210 -8.390  1.00 58.90  ? 142 ASP A N    1 
ATOM   1152 C CA   . ASP A 1 142 ? -11.366 -17.543 -8.141  1.00 62.54  ? 142 ASP A CA   1 
ATOM   1153 C C    . ASP A 1 142 ? -9.919  -17.608 -8.521  1.00 59.74  ? 142 ASP A C    1 
ATOM   1154 O O    . ASP A 1 142 ? -9.454  -16.901 -9.404  1.00 51.62  ? 142 ASP A O    1 
ATOM   1155 C CB   . ASP A 1 142 ? -12.075 -18.640 -8.985  1.00 59.20  ? 142 ASP A CB   1 
ATOM   1156 C CG   . ASP A 1 142 ? -13.536 -18.775 -8.637  1.00 59.89  ? 142 ASP A CG   1 
ATOM   1157 O OD1  . ASP A 1 142 ? -13.855 -18.676 -7.450  1.00 61.58  ? 142 ASP A OD1  1 
ATOM   1158 O OD2  . ASP A 1 142 ? -14.354 -18.905 -9.553  1.00 75.50  ? 142 ASP A OD2  1 
ATOM   1159 N N    . ALA A 1 143 ? -9.247  -18.546 -7.886  1.00 56.70  ? 143 ALA A N    1 
ATOM   1160 C CA   . ALA A 1 143 ? -7.979  -19.039 -8.356  1.00 59.14  ? 143 ALA A CA   1 
ATOM   1161 C C    . ALA A 1 143 ? -8.123  -19.556 -9.771  1.00 60.43  ? 143 ALA A C    1 
ATOM   1162 O O    . ALA A 1 143 ? -9.127  -20.166 -10.096 1.00 68.10  ? 143 ALA A O    1 
ATOM   1163 C CB   . ALA A 1 143 ? -7.523  -20.178 -7.429  1.00 59.90  ? 143 ALA A CB   1 
ATOM   1164 N N    . ASP A 1 144 ? -7.122  -19.273 -10.604 1.00 64.21  ? 144 ASP A N    1 
ATOM   1165 C CA   . ASP A 1 144 ? -7.055  -19.734 -11.969 1.00 64.55  ? 144 ASP A CA   1 
ATOM   1166 C C    . ASP A 1 144 ? -5.593  -20.125 -12.314 1.00 64.44  ? 144 ASP A C    1 
ATOM   1167 O O    . ASP A 1 144 ? -4.733  -20.227 -11.415 1.00 65.28  ? 144 ASP A O    1 
ATOM   1168 C CB   . ASP A 1 144 ? -7.672  -18.686 -12.916 1.00 62.11  ? 144 ASP A CB   1 
ATOM   1169 C CG   . ASP A 1 144 ? -6.823  -17.400 -13.087 1.00 68.13  ? 144 ASP A CG   1 
ATOM   1170 O OD1  . ASP A 1 144 ? -5.735  -17.242 -12.507 1.00 72.55  ? 144 ASP A OD1  1 
ATOM   1171 O OD2  . ASP A 1 144 ? -7.275  -16.510 -13.846 1.00 76.06  ? 144 ASP A OD2  1 
ATOM   1172 N N    . ALA A 1 145 ? -5.312  -20.326 -13.591 1.00 71.75  ? 145 ALA A N    1 
ATOM   1173 C CA   . ALA A 1 145 ? -3.962  -20.716 -14.036 1.00 81.24  ? 145 ALA A CA   1 
ATOM   1174 C C    . ALA A 1 145 ? -2.878  -19.690 -13.596 1.00 81.32  ? 145 ALA A C    1 
ATOM   1175 O O    . ALA A 1 145 ? -1.856  -20.077 -13.049 1.00 79.83  ? 145 ALA A O    1 
ATOM   1176 C CB   . ALA A 1 145 ? -3.954  -20.923 -15.561 1.00 76.54  ? 145 ALA A CB   1 
ATOM   1177 N N    . GLN A 1 146 ? -3.123  -18.390 -13.775 1.00 84.35  ? 146 GLN A N    1 
ATOM   1178 C CA   . GLN A 1 146 ? -2.111  -17.354 -13.435 1.00 71.72  ? 146 GLN A CA   1 
ATOM   1179 C C    . GLN A 1 146 ? -2.093  -17.018 -11.946 1.00 70.37  ? 146 GLN A C    1 
ATOM   1180 O O    . GLN A 1 146 ? -1.094  -16.539 -11.426 1.00 70.32  ? 146 GLN A O    1 
ATOM   1181 C CB   . GLN A 1 146 ? -2.323  -16.083 -14.244 1.00 83.36  ? 146 GLN A CB   1 
ATOM   1182 C CG   . GLN A 1 146 ? -2.133  -16.256 -15.748 1.00 91.01  ? 146 GLN A CG   1 
ATOM   1183 C CD   . GLN A 1 146 ? -3.188  -17.153 -16.371 1.00 101.86 ? 146 GLN A CD   1 
ATOM   1184 O OE1  . GLN A 1 146 ? -4.328  -17.222 -15.896 1.00 110.71 ? 146 GLN A OE1  1 
ATOM   1185 N NE2  . GLN A 1 146 ? -2.806  -17.877 -17.412 1.00 106.29 ? 146 GLN A NE2  1 
ATOM   1186 N N    . ASN A 1 147 ? -3.185  -17.293 -11.238 1.00 66.84  ? 147 ASN A N    1 
ATOM   1187 C CA   . ASN A 1 147 ? -3.330  -16.831 -9.863  1.00 62.49  ? 147 ASN A CA   1 
ATOM   1188 C C    . ASN A 1 147 ? -3.660  -17.993 -8.956  1.00 65.05  ? 147 ASN A C    1 
ATOM   1189 O O    . ASN A 1 147 ? -4.748  -18.582 -9.067  1.00 66.65  ? 147 ASN A O    1 
ATOM   1190 C CB   . ASN A 1 147 ? -4.453  -15.751 -9.795  1.00 63.03  ? 147 ASN A CB   1 
ATOM   1191 C CG   . ASN A 1 147 ? -4.105  -14.507 -10.592 1.00 65.81  ? 147 ASN A CG   1 
ATOM   1192 O OD1  . ASN A 1 147 ? -3.351  -13.649 -10.123 1.00 58.35  ? 147 ASN A OD1  1 
ATOM   1193 N ND2  . ASN A 1 147 ? -4.606  -14.428 -11.811 1.00 56.85  ? 147 ASN A ND2  1 
ATOM   1194 N N    . SER A 1 148 ? -2.773  -18.283 -8.017  1.00 65.45  ? 148 SER A N    1 
ATOM   1195 C CA   . SER A 1 148 ? -2.803  -19.558 -7.299  1.00 71.01  ? 148 SER A CA   1 
ATOM   1196 C C    . SER A 1 148 ? -3.707  -19.499 -6.110  1.00 74.44  ? 148 SER A C    1 
ATOM   1197 O O    . SER A 1 148 ? -3.969  -20.528 -5.534  1.00 73.69  ? 148 SER A O    1 
ATOM   1198 C CB   . SER A 1 148 ? -1.408  -19.999 -6.853  1.00 74.51  ? 148 SER A CB   1 
ATOM   1199 O OG   . SER A 1 148 ? -0.973  -19.223 -5.752  1.00 83.34  ? 148 SER A OG   1 
ATOM   1200 N N    . HIS A 1 149 ? -4.187  -18.327 -5.699  1.00 67.91  ? 149 HIS A N    1 
ATOM   1201 C CA   . HIS A 1 149 ? -5.271  -18.328 -4.713  1.00 63.39  ? 149 HIS A CA   1 
ATOM   1202 C C    . HIS A 1 149 ? -6.406  -17.457 -5.179  1.00 64.09  ? 149 HIS A C    1 
ATOM   1203 O O    . HIS A 1 149 ? -6.252  -16.638 -6.115  1.00 60.26  ? 149 HIS A O    1 
ATOM   1204 C CB   . HIS A 1 149 ? -4.802  -17.882 -3.345  1.00 67.50  ? 149 HIS A CB   1 
ATOM   1205 C CG   . HIS A 1 149 ? -3.830  -18.811 -2.708  1.00 85.03  ? 149 HIS A CG   1 
ATOM   1206 N ND1  . HIS A 1 149 ? -4.229  -19.889 -1.943  1.00 87.59  ? 149 HIS A ND1  1 
ATOM   1207 C CD2  . HIS A 1 149 ? -2.476  -18.817 -2.707  1.00 88.93  ? 149 HIS A CD2  1 
ATOM   1208 C CE1  . HIS A 1 149 ? -3.158  -20.530 -1.512  1.00 89.76  ? 149 HIS A CE1  1 
ATOM   1209 N NE2  . HIS A 1 149 ? -2.084  -19.893 -1.951  1.00 94.36  ? 149 HIS A NE2  1 
ATOM   1210 N N    . SER A 1 150 ? -7.557  -17.650 -4.534  1.00 63.52  ? 150 SER A N    1 
ATOM   1211 C CA   . SER A 1 150 ? -8.695  -16.786 -4.766  1.00 60.58  ? 150 SER A CA   1 
ATOM   1212 C C    . SER A 1 150 ? -8.388  -15.446 -4.035  1.00 60.60  ? 150 SER A C    1 
ATOM   1213 O O    . SER A 1 150 ? -7.568  -15.373 -3.100  1.00 59.05  ? 150 SER A O    1 
ATOM   1214 C CB   . SER A 1 150 ? -9.981  -17.454 -4.318  1.00 57.81  ? 150 SER A CB   1 
ATOM   1215 O OG   . SER A 1 150 ? -10.049 -17.481 -2.908  1.00 64.30  ? 150 SER A OG   1 
ATOM   1216 N N    . TYR A 1 151 ? -9.005  -14.382 -4.494  1.00 55.79  ? 151 TYR A N    1 
ATOM   1217 C CA   . TYR A 1 151 ? -8.671  -13.049 -3.959  1.00 57.68  ? 151 TYR A CA   1 
ATOM   1218 C C    . TYR A 1 151 ? -9.849  -12.191 -4.202  1.00 57.59  ? 151 TYR A C    1 
ATOM   1219 O O    . TYR A 1 151 ? -10.632 -12.446 -5.137  1.00 52.46  ? 151 TYR A O    1 
ATOM   1220 C CB   . TYR A 1 151 ? -7.411  -12.449 -4.635  1.00 50.00  ? 151 TYR A CB   1 
ATOM   1221 C CG   . TYR A 1 151 ? -7.479  -12.423 -6.163  1.00 52.79  ? 151 TYR A CG   1 
ATOM   1222 C CD1  . TYR A 1 151 ? -7.169  -13.557 -6.893  1.00 54.28  ? 151 TYR A CD1  1 
ATOM   1223 C CD2  . TYR A 1 151 ? -7.861  -11.281 -6.875  1.00 49.63  ? 151 TYR A CD2  1 
ATOM   1224 C CE1  . TYR A 1 151 ? -7.276  -13.594 -8.267  1.00 47.29  ? 151 TYR A CE1  1 
ATOM   1225 C CE2  . TYR A 1 151 ? -7.937  -11.298 -8.282  1.00 47.94  ? 151 TYR A CE2  1 
ATOM   1226 C CZ   . TYR A 1 151 ? -7.689  -12.455 -8.959  1.00 50.75  ? 151 TYR A CZ   1 
ATOM   1227 O OH   . TYR A 1 151 ? -7.712  -12.488 -10.309 1.00 56.05  ? 151 TYR A OH   1 
ATOM   1228 N N    . CYS A 1 152 ? -9.921  -11.154 -3.397  1.00 52.48  ? 152 CYS A N    1 
ATOM   1229 C CA   . CYS A 1 152 ? -10.984 -10.198 -3.457  1.00 56.54  ? 152 CYS A CA   1 
ATOM   1230 C C    . CYS A 1 152 ? -10.487 -8.738  -3.367  1.00 53.79  ? 152 CYS A C    1 
ATOM   1231 O O    . CYS A 1 152 ? -9.979  -8.349  -2.361  1.00 54.53  ? 152 CYS A O    1 
ATOM   1232 C CB   . CYS A 1 152 ? -11.985 -10.458 -2.340  1.00 50.76  ? 152 CYS A CB   1 
ATOM   1233 S SG   . CYS A 1 152 ? -13.466 -9.452  -2.642  1.00 65.29  ? 152 CYS A SG   1 
ATOM   1234 N N    . PHE A 1 153 ? -10.704 -7.926  -4.396  1.00 52.57  ? 153 PHE A N    1 
ATOM   1235 C CA   . PHE A 1 153 ? -10.424 -6.484  -4.298  1.00 47.00  ? 153 PHE A CA   1 
ATOM   1236 C C    . PHE A 1 153 ? -11.488 -5.781  -3.548  1.00 52.95  ? 153 PHE A C    1 
ATOM   1237 O O    . PHE A 1 153 ? -12.664 -6.092  -3.692  1.00 56.31  ? 153 PHE A O    1 
ATOM   1238 C CB   . PHE A 1 153 ? -10.329 -5.888  -5.665  1.00 51.85  ? 153 PHE A CB   1 
ATOM   1239 C CG   . PHE A 1 153 ? -9.296  -6.524  -6.504  1.00 49.56  ? 153 PHE A CG   1 
ATOM   1240 C CD1  . PHE A 1 153 ? -7.979  -6.617  -6.058  1.00 53.27  ? 153 PHE A CD1  1 
ATOM   1241 C CD2  . PHE A 1 153 ? -9.617  -7.032  -7.720  1.00 54.19  ? 153 PHE A CD2  1 
ATOM   1242 C CE1  . PHE A 1 153 ? -7.010  -7.251  -6.844  1.00 51.72  ? 153 PHE A CE1  1 
ATOM   1243 C CE2  . PHE A 1 153 ? -8.643  -7.591  -8.546  1.00 56.31  ? 153 PHE A CE2  1 
ATOM   1244 C CZ   . PHE A 1 153 ? -7.347  -7.721  -8.101  1.00 49.33  ? 153 PHE A CZ   1 
ATOM   1245 N N    . GLU A 1 154 ? -11.081 -4.877  -2.685  1.00 47.07  ? 154 GLU A N    1 
ATOM   1246 C CA   . GLU A 1 154 ? -12.018 -4.074  -1.956  1.00 44.90  ? 154 GLU A CA   1 
ATOM   1247 C C    . GLU A 1 154 ? -11.576 -2.610  -1.871  1.00 47.91  ? 154 GLU A C    1 
ATOM   1248 O O    . GLU A 1 154 ? -10.400 -2.348  -1.648  1.00 49.80  ? 154 GLU A O    1 
ATOM   1249 C CB   . GLU A 1 154 ? -12.198 -4.613  -0.559  1.00 50.98  ? 154 GLU A CB   1 
ATOM   1250 C CG   . GLU A 1 154 ? -13.338 -3.967  0.191   1.00 53.21  ? 154 GLU A CG   1 
ATOM   1251 C CD   . GLU A 1 154 ? -13.578 -4.440  1.632   1.00 54.11  ? 154 GLU A CD   1 
ATOM   1252 O OE1  . GLU A 1 154 ? -12.711 -5.091  2.200   1.00 59.82  ? 154 GLU A OE1  1 
ATOM   1253 O OE2  . GLU A 1 154 ? -14.598 -3.999  2.234   1.00 56.18  ? 154 GLU A OE2  1 
ATOM   1254 N N    . ILE A 1 155 ? -12.543 -1.660  -1.967  1.00 48.69  ? 155 ILE A N    1 
ATOM   1255 C CA   . ILE A 1 155 ? -12.293 -0.255  -1.674  1.00 47.84  ? 155 ILE A CA   1 
ATOM   1256 C C    . ILE A 1 155 ? -13.191 0.209   -0.590  1.00 48.52  ? 155 ILE A C    1 
ATOM   1257 O O    . ILE A 1 155 ? -14.427 0.003   -0.626  1.00 48.63  ? 155 ILE A O    1 
ATOM   1258 C CB   . ILE A 1 155 ? -12.541 0.622   -2.930  1.00 52.53  ? 155 ILE A CB   1 
ATOM   1259 C CG1  . ILE A 1 155 ? -11.613 0.156   -4.036  1.00 49.22  ? 155 ILE A CG1  1 
ATOM   1260 C CG2  . ILE A 1 155 ? -12.342 2.113   -2.609  1.00 54.75  ? 155 ILE A CG2  1 
ATOM   1261 C CD1  . ILE A 1 155 ? -11.956 0.745   -5.433  1.00 54.44  ? 155 ILE A CD1  1 
ATOM   1262 N N    . LEU A 1 156 ? -12.603 0.854   0.391   1.00 48.29  ? 156 LEU A N    1 
ATOM   1263 C CA   . LEU A 1 156 ? -13.366 1.437   1.468   1.00 50.80  ? 156 LEU A CA   1 
ATOM   1264 C C    . LEU A 1 156 ? -13.115 2.935   1.516   1.00 51.91  ? 156 LEU A C    1 
ATOM   1265 O O    . LEU A 1 156 ? -12.035 3.408   1.172   1.00 48.10  ? 156 LEU A O    1 
ATOM   1266 C CB   . LEU A 1 156 ? -13.016 0.818   2.834   1.00 51.89  ? 156 LEU A CB   1 
ATOM   1267 C CG   . LEU A 1 156 ? -13.158 -0.728  3.024   1.00 55.67  ? 156 LEU A CG   1 
ATOM   1268 C CD1  . LEU A 1 156 ? -11.871 -1.463  2.765   1.00 54.51  ? 156 LEU A CD1  1 
ATOM   1269 C CD2  . LEU A 1 156 ? -13.650 -1.093  4.394   1.00 55.54  ? 156 LEU A CD2  1 
ATOM   1270 N N    . GLU A 1 157 ? -14.102 3.657   2.014   1.00 54.23  ? 157 GLU A N    1 
ATOM   1271 C CA   . GLU A 1 157 ? -14.006 5.091   2.235   1.00 54.26  ? 157 GLU A CA   1 
ATOM   1272 C C    . GLU A 1 157 ? -14.360 5.543   3.647   1.00 56.85  ? 157 GLU A C    1 
ATOM   1273 O O    . GLU A 1 157 ? -15.299 5.068   4.237   1.00 55.86  ? 157 GLU A O    1 
ATOM   1274 C CB   . GLU A 1 157 ? -14.869 5.760   1.176   1.00 62.12  ? 157 GLU A CB   1 
ATOM   1275 C CG   . GLU A 1 157 ? -13.916 6.054   0.024   1.00 73.35  ? 157 GLU A CG   1 
ATOM   1276 C CD   . GLU A 1 157 ? -14.570 6.593   -1.158  1.00 61.09  ? 157 GLU A CD   1 
ATOM   1277 O OE1  . GLU A 1 157 ? -15.666 7.124   -0.997  1.00 80.46  ? 157 GLU A OE1  1 
ATOM   1278 O OE2  . GLU A 1 157 ? -14.006 6.451   -2.244  1.00 62.78  ? 157 GLU A OE2  1 
ATOM   1279 N N    . ARG A 1 158 ? -13.573 6.454   4.203   1.00 53.75  ? 158 ARG A N    1 
ATOM   1280 C CA   . ARG A 1 158 ? -13.780 6.900   5.558   1.00 59.34  ? 158 ARG A CA   1 
ATOM   1281 C C    . ARG A 1 158 ? -15.122 7.601   5.687   1.00 64.04  ? 158 ARG A C    1 
ATOM   1282 O O    . ARG A 1 158 ? -15.423 8.453   4.882   1.00 61.67  ? 158 ARG A O    1 
ATOM   1283 C CB   . ARG A 1 158 ? -12.720 7.900   5.981   1.00 60.87  ? 158 ARG A CB   1 
ATOM   1284 C CG   . ARG A 1 158 ? -12.635 8.050   7.482   1.00 62.00  ? 158 ARG A CG   1 
ATOM   1285 C CD   . ARG A 1 158 ? -11.502 9.005   7.868   1.00 64.21  ? 158 ARG A CD   1 
ATOM   1286 N NE   . ARG A 1 158 ? -10.204 8.344   7.969   1.00 62.59  ? 158 ARG A NE   1 
ATOM   1287 C CZ   . ARG A 1 158 ? -9.860  7.566   8.984   1.00 65.61  ? 158 ARG A CZ   1 
ATOM   1288 N NH1  . ARG A 1 158 ? -10.733 7.318   9.971   1.00 71.37  ? 158 ARG A NH1  1 
ATOM   1289 N NH2  . ARG A 1 158 ? -8.674  6.988   8.998   1.00 75.32  ? 158 ARG A NH2  1 
ATOM   1290 N N    . ARG A 1 159 ? -15.885 7.276   6.716   1.00 66.44  ? 159 ARG A N    1 
ATOM   1291 C CA   . ARG A 1 159 ? -17.153 7.946   6.956   1.00 82.21  ? 159 ARG A CA   1 
ATOM   1292 C C    . ARG A 1 159 ? -16.990 9.266   7.671   1.00 86.91  ? 159 ARG A C    1 
ATOM   1293 O O    . ARG A 1 159 ? -16.288 9.317   8.664   1.00 86.79  ? 159 ARG A O    1 
ATOM   1294 C CB   . ARG A 1 159 ? -18.008 7.059   7.832   1.00 85.30  ? 159 ARG A CB   1 
ATOM   1295 C CG   . ARG A 1 159 ? -18.781 6.039   7.053   1.00 85.94  ? 159 ARG A CG   1 
ATOM   1296 C CD   . ARG A 1 159 ? -19.858 5.439   7.942   1.00 92.81  ? 159 ARG A CD   1 
ATOM   1297 N NE   . ARG A 1 159 ? -19.470 4.098   8.319   1.00 86.35  ? 159 ARG A NE   1 
ATOM   1298 C CZ   . ARG A 1 159 ? -20.020 2.974   7.849   1.00 102.41 ? 159 ARG A CZ   1 
ATOM   1299 N NH1  . ARG A 1 159 ? -21.033 2.983   6.958   1.00 94.36  ? 159 ARG A NH1  1 
ATOM   1300 N NH2  . ARG A 1 159 ? -19.545 1.802   8.285   1.00 105.64 ? 159 ARG A NH2  1 
ATOM   1301 N N    . LEU A 1 160 ? -17.650 10.323  7.192   1.00 109.80 ? 160 LEU A N    1 
ATOM   1302 C CA   . LEU A 1 160 ? -17.928 11.505  8.047   1.00 111.56 ? 160 LEU A CA   1 
ATOM   1303 C C    . LEU A 1 160 ? -19.071 11.169  9.045   1.00 127.27 ? 160 LEU A C    1 
ATOM   1304 O O    . LEU A 1 160 ? -18.861 11.180  10.259  1.00 131.81 ? 160 LEU A O    1 
ATOM   1305 C CB   . LEU A 1 160 ? -18.242 12.784  7.243   1.00 110.77 ? 160 LEU A CB   1 
ATOM   1306 C CG   . LEU A 1 160 ? -18.554 12.801  5.729   1.00 120.53 ? 160 LEU A CG   1 
ATOM   1307 C CD1  . LEU A 1 160 ? -19.467 13.956  5.322   1.00 118.42 ? 160 LEU A CD1  1 
ATOM   1308 C CD2  . LEU A 1 160 ? -17.259 12.829  4.913   1.00 119.17 ? 160 LEU A CD2  1 
ATOM   1309 N N    . GLU A 1 161 ? -20.259 10.870  8.502   1.00 144.88 ? 161 GLU A N    1 
ATOM   1310 C CA   . GLU A 1 161 ? -21.513 10.508  9.252   1.00 147.09 ? 161 GLU A CA   1 
ATOM   1311 C C    . GLU A 1 161 ? -21.390 10.078  10.743  1.00 136.95 ? 161 GLU A C    1 
ATOM   1312 O O    . GLU A 1 161 ? -21.131 8.912   11.064  1.00 110.65 ? 161 GLU A O    1 
ATOM   1313 C CB   . GLU A 1 161 ? -22.382 9.479   8.448   1.00 139.86 ? 161 GLU A CB   1 
ATOM   1314 C CG   . GLU A 1 161 ? -21.658 8.428   7.585   1.00 124.40 ? 161 GLU A CG   1 
ATOM   1315 C CD   . GLU A 1 161 ? -21.316 8.892   6.168   1.00 115.76 ? 161 GLU A CD   1 
ATOM   1316 O OE1  . GLU A 1 161 ? -21.164 8.040   5.270   1.00 118.17 ? 161 GLU A OE1  1 
ATOM   1317 O OE2  . GLU A 1 161 ? -21.170 10.104  5.935   1.00 119.57 ? 161 GLU A OE2  1 
HETATM 1318 C C4   . ZM4 B 2 .   ? 1.111   -4.701  -3.978  1.00 55.96  ? 201 ZM4 A C4   1 
HETATM 1319 C C5   . ZM4 B 2 .   ? 1.579   -3.669  -3.180  1.00 55.04  ? 201 ZM4 A C5   1 
HETATM 1320 C C6   . ZM4 B 2 .   ? 0.651   -2.841  -2.545  1.00 53.01  ? 201 ZM4 A C6   1 
HETATM 1321 N N1   . ZM4 B 2 .   ? -0.633  -3.134  -2.682  1.00 49.90  ? 201 ZM4 A N1   1 
HETATM 1322 N N3   . ZM4 B 2 .   ? -0.228  -4.898  -4.072  1.00 53.60  ? 201 ZM4 A N3   1 
HETATM 1323 C CBC  . ZM4 B 2 .   ? 2.026   -5.185  -6.112  1.00 60.25  ? 201 ZM4 A CBC  1 
HETATM 1324 C CBB  . ZM4 B 2 .   ? 1.963   -5.628  -4.685  1.00 58.04  ? 201 ZM4 A CBB  1 
HETATM 1325 C C2   . ZM4 B 2 .   ? -1.112  -4.136  -3.415  1.00 51.61  ? 201 ZM4 A C2   1 
HETATM 1326 N NBD  . ZM4 B 2 .   ? -2.453  -4.330  -3.499  1.00 50.62  ? 201 ZM4 A NBD  1 
HETATM 1327 N NAG  . ZM4 B 2 .   ? 1.074   -1.808  -1.743  1.00 51.91  ? 201 ZM4 A NAG  1 
HETATM 1328 C CAH  . ZM4 B 2 .   ? 3.012   -3.356  -3.039  1.00 59.00  ? 201 ZM4 A CAH  1 
HETATM 1329 C CAI  . ZM4 B 2 .   ? 4.068   -3.147  -2.941  1.00 61.33  ? 201 ZM4 A CAI  1 
HETATM 1330 C CAJ  . ZM4 B 2 .   ? 5.583   -2.847  -2.839  1.00 63.02  ? 201 ZM4 A CAJ  1 
HETATM 1331 C CAK  . ZM4 B 2 .   ? 5.828   -1.371  -3.226  1.00 64.37  ? 201 ZM4 A CAK  1 
HETATM 1332 C CAL  . ZM4 B 2 .   ? 6.373   -3.674  -3.729  1.00 65.71  ? 201 ZM4 A CAL  1 
HETATM 1333 C CAM  . ZM4 B 2 .   ? 6.108   -3.603  -5.087  1.00 61.57  ? 201 ZM4 A CAM  1 
HETATM 1334 C CAQ  . ZM4 B 2 .   ? 7.446   -4.513  -3.249  1.00 68.54  ? 201 ZM4 A CAQ  1 
HETATM 1335 C CLAR . ZM4 B 2 .   ? 7.877   -4.549  -1.466  1.00 83.77  0 201 ZM4 A CLAR 1 
HETATM 1336 C CAP  . ZM4 B 2 .   ? 8.194   -5.277  -4.137  1.00 77.59  ? 201 ZM4 A CAP  1 
HETATM 1337 C CAO  . ZM4 B 2 .   ? 7.890   -5.204  -5.497  1.00 75.77  ? 201 ZM4 A CAO  1 
HETATM 1338 C CAN  . ZM4 B 2 .   ? 6.832   -4.415  -5.961  1.00 74.65  ? 201 ZM4 A CAN  1 
HETATM 1339 C CAS  . ZM4 B 2 .   ? 6.595   -4.338  -7.319  1.00 87.96  ? 201 ZM4 A CAS  1 
HETATM 1340 C CAT  . ZM4 B 2 .   ? 6.388   -3.049  -7.840  1.00 85.42  ? 201 ZM4 A CAT  1 
HETATM 1341 C CAU  . ZM4 B 2 .   ? 6.167   -2.847  -9.191  1.00 98.70  ? 201 ZM4 A CAU  1 
HETATM 1342 C CAV  . ZM4 B 2 .   ? 6.176   -3.957  -10.037 1.00 129.60 ? 201 ZM4 A CAV  1 
HETATM 1343 C CAY  . ZM4 B 2 .   ? 5.936   -3.667  -11.377 1.00 150.92 ? 201 ZM4 A CAY  1 
HETATM 1344 O OAZ  . ZM4 B 2 .   ? 4.784   -3.563  -11.812 1.00 163.31 ? 201 ZM4 A OAZ  1 
HETATM 1345 N NBA  . ZM4 B 2 .   ? 7.023   -3.407  -12.106 1.00 162.85 ? 201 ZM4 A NBA  1 
HETATM 1346 C CAW  . ZM4 B 2 .   ? 6.408   -5.276  -9.543  1.00 106.41 ? 201 ZM4 A CAW  1 
HETATM 1347 C CAX  . ZM4 B 2 .   ? 6.627   -5.471  -8.172  1.00 101.17 ? 201 ZM4 A CAX  1 
HETATM 1348 S S    . SO4 C 3 .   ? 8.872   -0.068  5.565   1.00 60.11  ? 202 SO4 A S    1 
HETATM 1349 O O1   . SO4 C 3 .   ? 10.323  0.309   5.781   1.00 64.76  ? 202 SO4 A O1   1 
HETATM 1350 O O2   . SO4 C 3 .   ? 7.869   0.729   6.318   1.00 55.47  ? 202 SO4 A O2   1 
HETATM 1351 O O3   . SO4 C 3 .   ? 8.665   -0.002  4.082   1.00 54.31  ? 202 SO4 A O3   1 
HETATM 1352 O O4   . SO4 C 3 .   ? 8.608   -1.455  5.957   1.00 63.51  ? 202 SO4 A O4   1 
HETATM 1353 S S    . SO4 D 3 .   ? 13.841  4.025   9.203   1.00 68.95  ? 203 SO4 A S    1 
HETATM 1354 O O1   . SO4 D 3 .   ? 15.226  3.635   9.447   1.00 83.91  ? 203 SO4 A O1   1 
HETATM 1355 O O2   . SO4 D 3 .   ? 13.484  5.282   9.935   1.00 66.67  ? 203 SO4 A O2   1 
HETATM 1356 O O3   . SO4 D 3 .   ? 13.896  4.082   7.715   1.00 69.98  ? 203 SO4 A O3   1 
HETATM 1357 O O4   . SO4 D 3 .   ? 12.874  2.980   9.517   1.00 90.24  ? 203 SO4 A O4   1 
HETATM 1358 S S    . SO4 E 3 .   ? -9.590  4.283   11.952  1.00 83.47  ? 204 SO4 A S    1 
HETATM 1359 O O1   . SO4 E 3 .   ? -8.435  4.967   11.290  1.00 97.82  ? 204 SO4 A O1   1 
HETATM 1360 O O2   . SO4 E 3 .   ? -10.689 5.295   11.932  1.00 85.97  ? 204 SO4 A O2   1 
HETATM 1361 O O3   . SO4 E 3 .   ? -9.986  3.006   11.304  1.00 84.80  ? 204 SO4 A O3   1 
HETATM 1362 O O4   . SO4 E 3 .   ? -9.232  3.947   13.345  1.00 103.74 ? 204 SO4 A O4   1 
HETATM 1363 S S    . SO4 F 3 .   ? -9.070  -21.089 -2.992  1.00 88.95  ? 205 SO4 A S    1 
HETATM 1364 O O1   . SO4 F 3 .   ? -7.848  -20.205 -2.755  1.00 76.35  ? 205 SO4 A O1   1 
HETATM 1365 O O2   . SO4 F 3 .   ? -10.408 -20.398 -3.001  1.00 95.31  ? 205 SO4 A O2   1 
HETATM 1366 O O3   . SO4 F 3 .   ? -8.846  -21.670 -4.341  1.00 93.54  ? 205 SO4 A O3   1 
HETATM 1367 O O4   . SO4 F 3 .   ? -9.199  -22.084 -1.895  1.00 95.38  ? 205 SO4 A O4   1 
HETATM 1368 S S    . SO4 G 3 .   ? 17.400  -2.272  8.615   1.00 142.69 ? 206 SO4 A S    1 
HETATM 1369 O O1   . SO4 G 3 .   ? 18.721  -1.609  8.769   1.00 115.35 ? 206 SO4 A O1   1 
HETATM 1370 O O2   . SO4 G 3 .   ? 16.352  -1.290  8.269   1.00 151.00 ? 206 SO4 A O2   1 
HETATM 1371 O O3   . SO4 G 3 .   ? 17.499  -3.233  7.485   1.00 135.85 ? 206 SO4 A O3   1 
HETATM 1372 O O4   . SO4 G 3 .   ? 16.959  -2.918  9.888   1.00 119.96 ? 206 SO4 A O4   1 
HETATM 1373 S S    . SO4 H 3 .   ? -0.732  17.342  11.853  1.00 125.19 ? 207 SO4 A S    1 
HETATM 1374 O O1   . SO4 H 3 .   ? 0.218   18.095  12.718  1.00 123.72 ? 207 SO4 A O1   1 
HETATM 1375 O O2   . SO4 H 3 .   ? -0.863  17.952  10.498  1.00 108.07 ? 207 SO4 A O2   1 
HETATM 1376 O O3   . SO4 H 3 .   ? -2.082  17.354  12.484  1.00 139.80 ? 207 SO4 A O3   1 
HETATM 1377 O O4   . SO4 H 3 .   ? -0.235  15.941  11.728  1.00 137.09 ? 207 SO4 A O4   1 
HETATM 1378 S S    . SO4 I 3 .   ? 15.931  17.531  9.303   1.00 148.92 ? 208 SO4 A S    1 
HETATM 1379 O O1   . SO4 I 3 .   ? 15.569  17.089  10.676  1.00 125.48 ? 208 SO4 A O1   1 
HETATM 1380 O O2   . SO4 I 3 .   ? 16.106  19.007  9.346   1.00 154.45 ? 208 SO4 A O2   1 
HETATM 1381 O O3   . SO4 I 3 .   ? 14.856  17.163  8.336   1.00 138.36 ? 208 SO4 A O3   1 
HETATM 1382 O O4   . SO4 I 3 .   ? 17.206  16.905  8.877   1.00 135.55 ? 208 SO4 A O4   1 
HETATM 1383 O O    . HOH J 4 .   ? -15.880 7.620   9.833   1.00 84.77  ? 301 HOH A O    1 
HETATM 1384 O O    . HOH J 4 .   ? 8.013   5.075   9.201   1.00 65.25  ? 302 HOH A O    1 
HETATM 1385 O O    . HOH J 4 .   ? 16.742  12.611  -3.337  1.00 61.83  ? 303 HOH A O    1 
HETATM 1386 O O    . HOH J 4 .   ? 5.459   -1.198  -12.150 1.00 77.45  ? 304 HOH A O    1 
HETATM 1387 O O    . HOH J 4 .   ? 11.841  12.553  -6.416  1.00 58.52  ? 305 HOH A O    1 
HETATM 1388 O O    . HOH J 4 .   ? -3.961  -12.770 -13.621 1.00 77.18  ? 306 HOH A O    1 
HETATM 1389 O O    . HOH J 4 .   ? 18.764  3.610   -1.603  1.00 58.91  ? 307 HOH A O    1 
HETATM 1390 O O    . HOH J 4 .   ? -10.373 1.480   -8.882  1.00 69.33  ? 308 HOH A O    1 
HETATM 1391 O O    . HOH J 4 .   ? 0.194   17.286  -0.939  1.00 62.38  ? 309 HOH A O    1 
HETATM 1392 O O    . HOH J 4 .   ? 7.152   17.836  9.598   1.00 60.99  ? 310 HOH A O    1 
HETATM 1393 O O    . HOH J 4 .   ? 17.832  2.112   1.837   1.00 69.65  ? 311 HOH A O    1 
HETATM 1394 O O    . HOH J 4 .   ? -9.473  7.890   -6.323  1.00 61.97  ? 312 HOH A O    1 
HETATM 1395 O O    . HOH J 4 .   ? 21.825  3.638   -3.405  1.00 59.72  ? 313 HOH A O    1 
HETATM 1396 O O    . HOH J 4 .   ? -12.458 -5.591  4.856   1.00 66.01  ? 314 HOH A O    1 
HETATM 1397 O O    . HOH J 4 .   ? 13.062  15.617  5.793   1.00 66.33  ? 315 HOH A O    1 
HETATM 1398 O O    . HOH J 4 .   ? -5.607  -14.628 -14.738 1.00 79.85  ? 316 HOH A O    1 
HETATM 1399 O O    . HOH J 4 .   ? -3.161  12.182  -7.704  1.00 52.54  ? 317 HOH A O    1 
HETATM 1400 O O    . HOH J 4 .   ? 2.084   18.597  4.792   1.00 59.44  ? 318 HOH A O    1 
HETATM 1401 O O    . HOH J 4 .   ? -17.931 -6.165  -8.213  1.00 71.21  ? 319 HOH A O    1 
HETATM 1402 O O    . HOH J 4 .   ? 15.352  0.587   -4.450  1.00 79.92  ? 320 HOH A O    1 
HETATM 1403 O O    . HOH J 4 .   ? -6.152  1.484   13.444  1.00 85.66  ? 321 HOH A O    1 
HETATM 1404 O O    . HOH J 4 .   ? -7.868  4.559   -8.038  1.00 61.13  ? 322 HOH A O    1 
HETATM 1405 O O    . HOH J 4 .   ? 14.997  10.517  4.877   1.00 55.09  ? 323 HOH A O    1 
HETATM 1406 O O    . HOH J 4 .   ? 12.716  16.094  -4.014  1.00 77.06  ? 324 HOH A O    1 
HETATM 1407 O O    . HOH J 4 .   ? 9.760   7.459   -11.250 1.00 65.15  ? 325 HOH A O    1 
HETATM 1408 O O    . HOH J 4 .   ? 11.196  3.837   6.769   1.00 53.59  ? 326 HOH A O    1 
HETATM 1409 O O    . HOH J 4 .   ? 7.274   -1.230  8.380   1.00 64.62  ? 327 HOH A O    1 
HETATM 1410 O O    . HOH J 4 .   ? -6.950  12.159  2.995   1.00 62.45  ? 328 HOH A O    1 
HETATM 1411 O O    . HOH J 4 .   ? 1.565   -7.242  1.836   1.00 69.42  ? 329 HOH A O    1 
HETATM 1412 O O    . HOH J 4 .   ? 8.923   2.795   7.889   1.00 53.61  ? 330 HOH A O    1 
HETATM 1413 O O    . HOH J 4 .   ? 6.728   -6.169  -12.468 1.00 90.11  ? 331 HOH A O    1 
HETATM 1414 O O    . HOH J 4 .   ? 8.409   18.110  1.712   1.00 49.37  ? 332 HOH A O    1 
HETATM 1415 O O    . HOH J 4 .   ? 1.780   20.948  -6.858  1.00 72.64  ? 333 HOH A O    1 
HETATM 1416 O O    . HOH J 4 .   ? -5.115  -3.532  -2.806  1.00 47.50  ? 334 HOH A O    1 
HETATM 1417 O O    . HOH J 4 .   ? 15.549  13.717  -1.260  1.00 53.61  ? 335 HOH A O    1 
HETATM 1418 O O    . HOH J 4 .   ? -13.608 -15.843 -10.722 1.00 65.35  ? 336 HOH A O    1 
HETATM 1419 O O    . HOH J 4 .   ? -13.895 9.617   2.698   1.00 80.25  ? 337 HOH A O    1 
HETATM 1420 O O    . HOH J 4 .   ? -18.556 -8.803  -3.978  1.00 56.44  ? 338 HOH A O    1 
HETATM 1421 O O    . HOH J 4 .   ? 3.461   11.659  -9.443  1.00 63.27  ? 339 HOH A O    1 
HETATM 1422 O O    . HOH J 4 .   ? 12.488  16.278  0.878   1.00 61.88  ? 340 HOH A O    1 
HETATM 1423 O O    . HOH J 4 .   ? 10.630  10.920  -7.400  1.00 66.44  ? 341 HOH A O    1 
HETATM 1424 O O    . HOH J 4 .   ? 18.044  12.809  2.838   1.00 59.40  ? 342 HOH A O    1 
HETATM 1425 O O    . HOH J 4 .   ? -12.176 3.910   -7.123  1.00 83.27  ? 343 HOH A O    1 
HETATM 1426 O O    . HOH J 4 .   ? 4.427   14.936  10.433  1.00 57.08  ? 344 HOH A O    1 
HETATM 1427 O O    . HOH J 4 .   ? -18.291 8.022   11.913  1.00 85.39  ? 345 HOH A O    1 
HETATM 1428 O O    . HOH J 4 .   ? 19.442  10.705  -1.756  1.00 61.75  ? 346 HOH A O    1 
HETATM 1429 O O    . HOH J 4 .   ? 14.142  -0.357  10.313  1.00 87.03  ? 347 HOH A O    1 
HETATM 1430 O O    . HOH J 4 .   ? -11.253 -20.223 -6.046  1.00 72.20  ? 348 HOH A O    1 
HETATM 1431 O O    . HOH J 4 .   ? -13.620 8.519   10.515  1.00 73.27  ? 349 HOH A O    1 
HETATM 1432 O O    . HOH J 4 .   ? 16.114  12.818  4.570   1.00 57.72  ? 350 HOH A O    1 
HETATM 1433 O O    . HOH J 4 .   ? -8.588  -9.626  -11.478 1.00 72.84  ? 351 HOH A O    1 
HETATM 1434 O O    . HOH J 4 .   ? 10.097  6.655   9.468   1.00 74.08  ? 352 HOH A O    1 
HETATM 1435 O O    . HOH J 4 .   ? -4.022  15.138  0.266   1.00 81.58  ? 353 HOH A O    1 
HETATM 1436 O O    . HOH J 4 .   ? 12.118  19.694  4.034   1.00 53.67  ? 354 HOH A O    1 
HETATM 1437 O O    . HOH J 4 .   ? -18.368 -8.965  -8.517  1.00 79.82  ? 355 HOH A O    1 
HETATM 1438 O O    . HOH J 4 .   ? -12.191 11.152  11.424  1.00 84.21  ? 356 HOH A O    1 
HETATM 1439 O O    . HOH J 4 .   ? 9.611   -14.395 1.377   1.00 99.77  ? 357 HOH A O    1 
# 
loop_
_pdbx_poly_seq_scheme.asym_id 
_pdbx_poly_seq_scheme.entity_id 
_pdbx_poly_seq_scheme.seq_id 
_pdbx_poly_seq_scheme.mon_id 
_pdbx_poly_seq_scheme.ndb_seq_num 
_pdbx_poly_seq_scheme.pdb_seq_num 
_pdbx_poly_seq_scheme.auth_seq_num 
_pdbx_poly_seq_scheme.pdb_mon_id 
_pdbx_poly_seq_scheme.auth_mon_id 
_pdbx_poly_seq_scheme.pdb_strand_id 
_pdbx_poly_seq_scheme.pdb_ins_code 
_pdbx_poly_seq_scheme.hetero 
A 1 1   MET 1   1   1   MET MET A . n 
A 1 2   ILE 2   2   2   ILE ILE A . n 
A 1 3   SER 3   3   3   SER SER A . n 
A 1 4   LEU 4   4   4   LEU LEU A . n 
A 1 5   ILE 5   5   5   ILE ILE A . n 
A 1 6   ALA 6   6   6   ALA ALA A . n 
A 1 7   ALA 7   7   7   ALA ALA A . n 
A 1 8   LEU 8   8   8   LEU LEU A . n 
A 1 9   ALA 9   9   9   ALA ALA A . n 
A 1 10  VAL 10  10  10  VAL VAL A . n 
A 1 11  ASP 11  11  11  ASP ASP A . n 
A 1 12  ARG 12  12  12  ARG ARG A . n 
A 1 13  VAL 13  13  13  VAL VAL A . n 
A 1 14  ILE 14  14  14  ILE ILE A . n 
A 1 15  GLY 15  15  15  GLY GLY A . n 
A 1 16  MET 16  16  16  MET MET A . n 
A 1 17  GLU 17  17  17  GLU GLU A . n 
A 1 18  ASN 18  18  18  ASN ASN A . n 
A 1 19  ALA 19  19  19  ALA ALA A . n 
A 1 20  MET 20  20  20  MET MET A . n 
A 1 21  PRO 21  21  21  PRO PRO A . n 
A 1 22  TRP 22  22  22  TRP TRP A . n 
A 1 23  ASN 23  23  23  ASN ASN A . n 
A 1 24  LEU 24  24  24  LEU LEU A . n 
A 1 25  PRO 25  25  25  PRO PRO A . n 
A 1 26  ALA 26  26  26  ALA ALA A . n 
A 1 27  ASP 27  27  27  ASP ASP A . n 
A 1 28  LEU 28  28  28  LEU LEU A . n 
A 1 29  ALA 29  29  29  ALA ALA A . n 
A 1 30  TRP 30  30  30  TRP TRP A . n 
A 1 31  PHE 31  31  31  PHE PHE A . n 
A 1 32  LYS 32  32  32  LYS LYS A . n 
A 1 33  ARG 33  33  33  ARG ARG A . n 
A 1 34  ASN 34  34  34  ASN ASN A . n 
A 1 35  THR 35  35  35  THR THR A . n 
A 1 36  LEU 36  36  36  LEU LEU A . n 
A 1 37  ASP 37  37  37  ASP ASP A . n 
A 1 38  LYS 38  38  38  LYS LYS A . n 
A 1 39  PRO 39  39  39  PRO PRO A . n 
A 1 40  VAL 40  40  40  VAL VAL A . n 
A 1 41  ILE 41  41  41  ILE ILE A . n 
A 1 42  MET 42  42  42  MET MET A . n 
A 1 43  GLY 43  43  43  GLY GLY A . n 
A 1 44  ARG 44  44  44  ARG ARG A . n 
A 1 45  HIS 45  45  45  HIS HIS A . n 
A 1 46  THR 46  46  46  THR THR A . n 
A 1 47  TRP 47  47  47  TRP TRP A . n 
A 1 48  GLU 48  48  48  GLU GLU A . n 
A 1 49  SER 49  49  49  SER SER A . n 
A 1 50  ILE 50  50  50  ILE ILE A . n 
A 1 51  GLY 51  51  51  GLY GLY A . n 
A 1 52  ARG 52  52  52  ARG ARG A . n 
A 1 53  PRO 53  53  53  PRO PRO A . n 
A 1 54  LEU 54  54  54  LEU LEU A . n 
A 1 55  PRO 55  55  55  PRO PRO A . n 
A 1 56  GLY 56  56  56  GLY GLY A . n 
A 1 57  ARG 57  57  57  ARG ARG A . n 
A 1 58  LYS 58  58  58  LYS LYS A . n 
A 1 59  ASN 59  59  59  ASN ASN A . n 
A 1 60  ILE 60  60  60  ILE ILE A . n 
A 1 61  ILE 61  61  61  ILE ILE A . n 
A 1 62  LEU 62  62  62  LEU LEU A . n 
A 1 63  SER 63  63  63  SER SER A . n 
A 1 64  SER 64  64  64  SER SER A . n 
A 1 65  GLN 65  65  65  GLN GLN A . n 
A 1 66  PRO 66  66  66  PRO PRO A . n 
A 1 67  GLY 67  67  67  GLY GLY A . n 
A 1 68  THR 68  68  68  THR THR A . n 
A 1 69  ASP 69  69  69  ASP ASP A . n 
A 1 70  ASP 70  70  70  ASP ASP A . n 
A 1 71  ARG 71  71  71  ARG ARG A . n 
A 1 72  VAL 72  72  72  VAL VAL A . n 
A 1 73  THR 73  73  73  THR THR A . n 
A 1 74  TRP 74  74  74  TRP TRP A . n 
A 1 75  VAL 75  75  75  VAL VAL A . n 
A 1 76  LYS 76  76  76  LYS LYS A . n 
A 1 77  SER 77  77  77  SER SER A . n 
A 1 78  VAL 78  78  78  VAL VAL A . n 
A 1 79  ASP 79  79  79  ASP ASP A . n 
A 1 80  GLU 80  80  80  GLU GLU A . n 
A 1 81  ALA 81  81  81  ALA ALA A . n 
A 1 82  ILE 82  82  82  ILE ILE A . n 
A 1 83  ALA 83  83  83  ALA ALA A . n 
A 1 84  ALA 84  84  84  ALA ALA A . n 
A 1 85  CYS 85  85  85  CYS CYS A . n 
A 1 86  GLY 86  86  86  GLY GLY A . n 
A 1 87  ASP 87  87  87  ASP ASP A . n 
A 1 88  VAL 88  88  88  VAL VAL A . n 
A 1 89  PRO 89  89  89  PRO PRO A . n 
A 1 90  GLU 90  90  90  GLU GLU A . n 
A 1 91  ILE 91  91  91  ILE ILE A . n 
A 1 92  MET 92  92  92  MET MET A . n 
A 1 93  VAL 93  93  93  VAL VAL A . n 
A 1 94  ILE 94  94  94  ILE ILE A . n 
A 1 95  GLY 95  95  95  GLY GLY A . n 
A 1 96  GLY 96  96  96  GLY GLY A . n 
A 1 97  GLY 97  97  97  GLY GLY A . n 
A 1 98  ARG 98  98  98  ARG ARG A . n 
A 1 99  VAL 99  99  99  VAL VAL A . n 
A 1 100 TYR 100 100 100 TYR TYR A . n 
A 1 101 GLU 101 101 101 GLU GLU A . n 
A 1 102 GLN 102 102 102 GLN GLN A . n 
A 1 103 PHE 103 103 103 PHE PHE A . n 
A 1 104 LEU 104 104 104 LEU LEU A . n 
A 1 105 PRO 105 105 105 PRO PRO A . n 
A 1 106 LYS 106 106 106 LYS LYS A . n 
A 1 107 ALA 107 107 107 ALA ALA A . n 
A 1 108 GLN 108 108 108 GLN GLN A . n 
A 1 109 LYS 109 109 109 LYS LYS A . n 
A 1 110 LEU 110 110 110 LEU LEU A . n 
A 1 111 TYR 111 111 111 TYR TYR A . n 
A 1 112 LEU 112 112 112 LEU LEU A . n 
A 1 113 THR 113 113 113 THR THR A . n 
A 1 114 HIS 114 114 114 HIS HIS A . n 
A 1 115 ILE 115 115 115 ILE ILE A . n 
A 1 116 ASP 116 116 116 ASP ASP A . n 
A 1 117 ALA 117 117 117 ALA ALA A . n 
A 1 118 GLU 118 118 118 GLU GLU A . n 
A 1 119 VAL 119 119 119 VAL VAL A . n 
A 1 120 GLU 120 120 120 GLU GLU A . n 
A 1 121 GLY 121 121 121 GLY GLY A . n 
A 1 122 ASP 122 122 122 ASP ASP A . n 
A 1 123 THR 123 123 123 THR THR A . n 
A 1 124 HIS 124 124 124 HIS HIS A . n 
A 1 125 PHE 125 125 125 PHE PHE A . n 
A 1 126 PRO 126 126 126 PRO PRO A . n 
A 1 127 ASP 127 127 127 ASP ASP A . n 
A 1 128 TYR 128 128 128 TYR TYR A . n 
A 1 129 GLU 129 129 129 GLU GLU A . n 
A 1 130 PRO 130 130 130 PRO PRO A . n 
A 1 131 ASP 131 131 131 ASP ASP A . n 
A 1 132 ASP 132 132 132 ASP ASP A . n 
A 1 133 TRP 133 133 133 TRP TRP A . n 
A 1 134 GLU 134 134 134 GLU GLU A . n 
A 1 135 SER 135 135 135 SER SER A . n 
A 1 136 VAL 136 136 136 VAL VAL A . n 
A 1 137 PHE 137 137 137 PHE PHE A . n 
A 1 138 SER 138 138 138 SER SER A . n 
A 1 139 GLU 139 139 139 GLU GLU A . n 
A 1 140 PHE 140 140 140 PHE PHE A . n 
A 1 141 HIS 141 141 141 HIS HIS A . n 
A 1 142 ASP 142 142 142 ASP ASP A . n 
A 1 143 ALA 143 143 143 ALA ALA A . n 
A 1 144 ASP 144 144 144 ASP ASP A . n 
A 1 145 ALA 145 145 145 ALA ALA A . n 
A 1 146 GLN 146 146 146 GLN GLN A . n 
A 1 147 ASN 147 147 147 ASN ASN A . n 
A 1 148 SER 148 148 148 SER SER A . n 
A 1 149 HIS 149 149 149 HIS HIS A . n 
A 1 150 SER 150 150 150 SER SER A . n 
A 1 151 TYR 151 151 151 TYR TYR A . n 
A 1 152 CYS 152 152 152 CYS CYS A . n 
A 1 153 PHE 153 153 153 PHE PHE A . n 
A 1 154 GLU 154 154 154 GLU GLU A . n 
A 1 155 ILE 155 155 155 ILE ILE A . n 
A 1 156 LEU 156 156 156 LEU LEU A . n 
A 1 157 GLU 157 157 157 GLU GLU A . n 
A 1 158 ARG 158 158 158 ARG ARG A . n 
A 1 159 ARG 159 159 159 ARG ARG A . n 
A 1 160 LEU 160 160 160 LEU LEU A . n 
A 1 161 GLU 161 161 161 GLU GLU A . n 
# 
loop_
_pdbx_nonpoly_scheme.asym_id 
_pdbx_nonpoly_scheme.entity_id 
_pdbx_nonpoly_scheme.mon_id 
_pdbx_nonpoly_scheme.ndb_seq_num 
_pdbx_nonpoly_scheme.pdb_seq_num 
_pdbx_nonpoly_scheme.auth_seq_num 
_pdbx_nonpoly_scheme.pdb_mon_id 
_pdbx_nonpoly_scheme.auth_mon_id 
_pdbx_nonpoly_scheme.pdb_strand_id 
_pdbx_nonpoly_scheme.pdb_ins_code 
B 2 ZM4 1  201 1  ZM4 DRG A . 
C 3 SO4 1  202 1  SO4 SO4 A . 
D 3 SO4 1  203 2  SO4 SO4 A . 
E 3 SO4 1  204 3  SO4 SO4 A . 
F 3 SO4 1  205 4  SO4 SO4 A . 
G 3 SO4 1  206 5  SO4 SO4 A . 
H 3 SO4 1  207 6  SO4 SO4 A . 
I 3 SO4 1  208 8  SO4 SO4 A . 
J 4 HOH 1  301 57 HOH HOH A . 
J 4 HOH 2  302 44 HOH HOH A . 
J 4 HOH 3  303 25 HOH HOH A . 
J 4 HOH 4  304 55 HOH HOH A . 
J 4 HOH 5  305 6  HOH HOH A . 
J 4 HOH 6  306 46 HOH HOH A . 
J 4 HOH 7  307 22 HOH HOH A . 
J 4 HOH 8  308 26 HOH HOH A . 
J 4 HOH 9  309 43 HOH HOH A . 
J 4 HOH 10 310 41 HOH HOH A . 
J 4 HOH 11 311 13 HOH HOH A . 
J 4 HOH 12 312 37 HOH HOH A . 
J 4 HOH 13 313 23 HOH HOH A . 
J 4 HOH 14 314 12 HOH HOH A . 
J 4 HOH 15 315 45 HOH HOH A . 
J 4 HOH 16 316 42 HOH HOH A . 
J 4 HOH 17 317 3  HOH HOH A . 
J 4 HOH 18 318 20 HOH HOH A . 
J 4 HOH 19 319 36 HOH HOH A . 
J 4 HOH 20 320 8  HOH HOH A . 
J 4 HOH 21 321 52 HOH HOH A . 
J 4 HOH 22 322 48 HOH HOH A . 
J 4 HOH 23 323 49 HOH HOH A . 
J 4 HOH 24 324 51 HOH HOH A . 
J 4 HOH 25 325 32 HOH HOH A . 
J 4 HOH 26 326 7  HOH HOH A . 
J 4 HOH 27 327 34 HOH HOH A . 
J 4 HOH 28 328 9  HOH HOH A . 
J 4 HOH 29 329 17 HOH HOH A . 
J 4 HOH 30 330 2  HOH HOH A . 
J 4 HOH 31 331 18 HOH HOH A . 
J 4 HOH 32 332 5  HOH HOH A . 
J 4 HOH 33 333 30 HOH HOH A . 
J 4 HOH 34 334 1  HOH HOH A . 
J 4 HOH 35 335 28 HOH HOH A . 
J 4 HOH 36 336 33 HOH HOH A . 
J 4 HOH 37 337 38 HOH HOH A . 
J 4 HOH 38 338 14 HOH HOH A . 
J 4 HOH 39 339 35 HOH HOH A . 
J 4 HOH 40 340 19 HOH HOH A . 
J 4 HOH 41 341 39 HOH HOH A . 
J 4 HOH 42 342 27 HOH HOH A . 
J 4 HOH 43 343 31 HOH HOH A . 
J 4 HOH 44 344 4  HOH HOH A . 
J 4 HOH 45 345 47 HOH HOH A . 
J 4 HOH 46 346 10 HOH HOH A . 
J 4 HOH 47 347 29 HOH HOH A . 
J 4 HOH 48 348 50 HOH HOH A . 
J 4 HOH 49 349 56 HOH HOH A . 
J 4 HOH 50 350 54 HOH HOH A . 
J 4 HOH 51 351 24 HOH HOH A . 
J 4 HOH 52 352 53 HOH HOH A . 
J 4 HOH 53 353 21 HOH HOH A . 
J 4 HOH 54 354 11 HOH HOH A . 
J 4 HOH 55 355 15 HOH HOH A . 
J 4 HOH 56 356 40 HOH HOH A . 
J 4 HOH 57 357 16 HOH HOH A . 
# 
_pdbx_struct_assembly.id                   1 
_pdbx_struct_assembly.details              author_and_software_defined_assembly 
_pdbx_struct_assembly.method_details       PISA 
_pdbx_struct_assembly.oligomeric_details   dimeric 
_pdbx_struct_assembly.oligomeric_count     2 
# 
_pdbx_struct_assembly_gen.assembly_id       1 
_pdbx_struct_assembly_gen.oper_expression   1,2 
_pdbx_struct_assembly_gen.asym_id_list      A,B,C,D,E,F,G,H,I,J 
# 
loop_
_pdbx_struct_assembly_prop.biol_id 
_pdbx_struct_assembly_prop.type 
_pdbx_struct_assembly_prop.value 
_pdbx_struct_assembly_prop.details 
1 'ABSA (A^2)' 3800  ? 
1 MORE         -197  ? 
1 'SSA (A^2)'  15850 ? 
# 
loop_
_pdbx_struct_oper_list.id 
_pdbx_struct_oper_list.type 
_pdbx_struct_oper_list.name 
_pdbx_struct_oper_list.symmetry_operation 
_pdbx_struct_oper_list.matrix[1][1] 
_pdbx_struct_oper_list.matrix[1][2] 
_pdbx_struct_oper_list.matrix[1][3] 
_pdbx_struct_oper_list.vector[1] 
_pdbx_struct_oper_list.matrix[2][1] 
_pdbx_struct_oper_list.matrix[2][2] 
_pdbx_struct_oper_list.matrix[2][3] 
_pdbx_struct_oper_list.vector[2] 
_pdbx_struct_oper_list.matrix[3][1] 
_pdbx_struct_oper_list.matrix[3][2] 
_pdbx_struct_oper_list.matrix[3][3] 
_pdbx_struct_oper_list.vector[3] 
1 'identity operation'         1_555  x,y,z        1.0000000000  0.0000000000  0.0000000000 0.0000000000   0.0000000000  1.0000000000  0.0000000000  0.0000000000   0.0000000000 0.0000000000  1.0000000000  0.0000000000 
2 'crystal symmetry operation' 12_555 x,x-y,-z+1/6 -0.1690394245 -0.6102210336 0.7739870562 -23.1080772841 -0.6102210336 -0.5518804131 -0.5683821776 -28.5573911671 0.7739870562 -0.5683821776 -0.2790801625 2.2940699451 
# 
loop_
_pdbx_audit_revision_history.ordinal 
_pdbx_audit_revision_history.data_content_type 
_pdbx_audit_revision_history.major_revision 
_pdbx_audit_revision_history.minor_revision 
_pdbx_audit_revision_history.revision_date 
1 'Structure model' 1 0 2022-05-11 
2 'Structure model' 1 1 2022-08-24 
3 'Structure model' 1 2 2023-10-18 
# 
_pdbx_audit_revision_details.ordinal             1 
_pdbx_audit_revision_details.revision_ordinal    1 
_pdbx_audit_revision_details.data_content_type   'Structure model' 
_pdbx_audit_revision_details.provider            repository 
_pdbx_audit_revision_details.type                'Initial release' 
_pdbx_audit_revision_details.description         ? 
_pdbx_audit_revision_details.details             ? 
# 
loop_
_pdbx_audit_revision_group.ordinal 
_pdbx_audit_revision_group.revision_ordinal 
_pdbx_audit_revision_group.data_content_type 
_pdbx_audit_revision_group.group 
1 2 'Structure model' 'Database references'    
2 3 'Structure model' 'Data collection'        
3 3 'Structure model' 'Refinement description' 
# 
loop_
_pdbx_audit_revision_category.ordinal 
_pdbx_audit_revision_category.revision_ordinal 
_pdbx_audit_revision_category.data_content_type 
_pdbx_audit_revision_category.category 
1 2 'Structure model' citation                      
2 2 'Structure model' citation_author               
3 3 'Structure model' chem_comp_atom                
4 3 'Structure model' chem_comp_bond                
5 3 'Structure model' pdbx_initial_refinement_model 
# 
loop_
_pdbx_audit_revision_item.ordinal 
_pdbx_audit_revision_item.revision_ordinal 
_pdbx_audit_revision_item.data_content_type 
_pdbx_audit_revision_item.item 
1  2 'Structure model' '_citation.country'                 
2  2 'Structure model' '_citation.journal_abbrev'          
3  2 'Structure model' '_citation.journal_id_CSD'          
4  2 'Structure model' '_citation.journal_id_ISSN'         
5  2 'Structure model' '_citation.journal_volume'          
6  2 'Structure model' '_citation.page_first'              
7  2 'Structure model' '_citation.page_last'               
8  2 'Structure model' '_citation.pdbx_database_id_DOI'    
9  2 'Structure model' '_citation.pdbx_database_id_PubMed' 
10 2 'Structure model' '_citation.title'                   
11 2 'Structure model' '_citation.year'                    
# 
loop_
_software.citation_id 
_software.classification 
_software.compiler_name 
_software.compiler_version 
_software.contact_author 
_software.contact_author_email 
_software.date 
_software.description 
_software.dependencies 
_software.hardware 
_software.language 
_software.location 
_software.mods 
_software.name 
_software.os 
_software.os_version 
_software.type 
_software.version 
_software.pdbx_ordinal 
? refinement        ? ? ? ? ? ? ? ? ? ? ? REFMAC      ? ? ? 5.8.0158 1 
? 'data extraction' ? ? ? ? ? ? ? ? ? ? ? PDB_EXTRACT ? ? ? 3.27     2 
? 'data reduction'  ? ? ? ? ? ? ? ? ? ? ? HKL-2000    ? ? ? .        3 
? 'data scaling'    ? ? ? ? ? ? ? ? ? ? ? HKL-2000    ? ? ? .        4 
? phasing           ? ? ? ? ? ? ? ? ? ? ? PHASER      ? ? ? .        5 
# 
_pdbx_entry_details.entry_id                 7MQP 
_pdbx_entry_details.has_ligand_of_interest   Y 
_pdbx_entry_details.compound_details         ? 
_pdbx_entry_details.source_details           ? 
_pdbx_entry_details.nonpolymer_details       ? 
_pdbx_entry_details.sequence_details         ? 
# 
_pdbx_validate_close_contact.id               1 
_pdbx_validate_close_contact.PDB_model_num    1 
_pdbx_validate_close_contact.auth_atom_id_1   O 
_pdbx_validate_close_contact.auth_asym_id_1   A 
_pdbx_validate_close_contact.auth_comp_id_1   ARG 
_pdbx_validate_close_contact.auth_seq_id_1    159 
_pdbx_validate_close_contact.PDB_ins_code_1   ? 
_pdbx_validate_close_contact.label_alt_id_1   ? 
_pdbx_validate_close_contact.auth_atom_id_2   O 
_pdbx_validate_close_contact.auth_asym_id_2   A 
_pdbx_validate_close_contact.auth_comp_id_2   HOH 
_pdbx_validate_close_contact.auth_seq_id_2    301 
_pdbx_validate_close_contact.PDB_ins_code_2   ? 
_pdbx_validate_close_contact.label_alt_id_2   ? 
_pdbx_validate_close_contact.dist             2.10 
# 
_pdbx_validate_rmsd_angle.id                         1 
_pdbx_validate_rmsd_angle.PDB_model_num              1 
_pdbx_validate_rmsd_angle.auth_atom_id_1             NE 
_pdbx_validate_rmsd_angle.auth_asym_id_1             A 
_pdbx_validate_rmsd_angle.auth_comp_id_1             ARG 
_pdbx_validate_rmsd_angle.auth_seq_id_1              57 
_pdbx_validate_rmsd_angle.PDB_ins_code_1             ? 
_pdbx_validate_rmsd_angle.label_alt_id_1             ? 
_pdbx_validate_rmsd_angle.auth_atom_id_2             CZ 
_pdbx_validate_rmsd_angle.auth_asym_id_2             A 
_pdbx_validate_rmsd_angle.auth_comp_id_2             ARG 
_pdbx_validate_rmsd_angle.auth_seq_id_2              57 
_pdbx_validate_rmsd_angle.PDB_ins_code_2             ? 
_pdbx_validate_rmsd_angle.label_alt_id_2             ? 
_pdbx_validate_rmsd_angle.auth_atom_id_3             NH2 
_pdbx_validate_rmsd_angle.auth_asym_id_3             A 
_pdbx_validate_rmsd_angle.auth_comp_id_3             ARG 
_pdbx_validate_rmsd_angle.auth_seq_id_3              57 
_pdbx_validate_rmsd_angle.PDB_ins_code_3             ? 
_pdbx_validate_rmsd_angle.label_alt_id_3             ? 
_pdbx_validate_rmsd_angle.angle_value                116.95 
_pdbx_validate_rmsd_angle.angle_target_value         120.30 
_pdbx_validate_rmsd_angle.angle_deviation            -3.35 
_pdbx_validate_rmsd_angle.angle_standard_deviation   0.50 
_pdbx_validate_rmsd_angle.linker_flag                N 
# 
loop_
_pdbx_validate_torsion.id 
_pdbx_validate_torsion.PDB_model_num 
_pdbx_validate_torsion.auth_comp_id 
_pdbx_validate_torsion.auth_asym_id 
_pdbx_validate_torsion.auth_seq_id 
_pdbx_validate_torsion.PDB_ins_code 
_pdbx_validate_torsion.label_alt_id 
_pdbx_validate_torsion.phi 
_pdbx_validate_torsion.psi 
1 1 GLU A 17 ? ? -80.96 35.99  
2 1 ALA A 19 ? ? -58.42 170.25 
3 1 PRO A 21 ? ? -87.22 35.60  
# 
loop_
_chem_comp_atom.comp_id 
_chem_comp_atom.atom_id 
_chem_comp_atom.type_symbol 
_chem_comp_atom.pdbx_aromatic_flag 
_chem_comp_atom.pdbx_stereo_config 
_chem_comp_atom.pdbx_ordinal 
ALA N    N N N 1   
ALA CA   C N S 2   
ALA C    C N N 3   
ALA O    O N N 4   
ALA CB   C N N 5   
ALA OXT  O N N 6   
ALA H    H N N 7   
ALA H2   H N N 8   
ALA HA   H N N 9   
ALA HB1  H N N 10  
ALA HB2  H N N 11  
ALA HB3  H N N 12  
ALA HXT  H N N 13  
ARG N    N N N 14  
ARG CA   C N S 15  
ARG C    C N N 16  
ARG O    O N N 17  
ARG CB   C N N 18  
ARG CG   C N N 19  
ARG CD   C N N 20  
ARG NE   N N N 21  
ARG CZ   C N N 22  
ARG NH1  N N N 23  
ARG NH2  N N N 24  
ARG OXT  O N N 25  
ARG H    H N N 26  
ARG H2   H N N 27  
ARG HA   H N N 28  
ARG HB2  H N N 29  
ARG HB3  H N N 30  
ARG HG2  H N N 31  
ARG HG3  H N N 32  
ARG HD2  H N N 33  
ARG HD3  H N N 34  
ARG HE   H N N 35  
ARG HH11 H N N 36  
ARG HH12 H N N 37  
ARG HH21 H N N 38  
ARG HH22 H N N 39  
ARG HXT  H N N 40  
ASN N    N N N 41  
ASN CA   C N S 42  
ASN C    C N N 43  
ASN O    O N N 44  
ASN CB   C N N 45  
ASN CG   C N N 46  
ASN OD1  O N N 47  
ASN ND2  N N N 48  
ASN OXT  O N N 49  
ASN H    H N N 50  
ASN H2   H N N 51  
ASN HA   H N N 52  
ASN HB2  H N N 53  
ASN HB3  H N N 54  
ASN HD21 H N N 55  
ASN HD22 H N N 56  
ASN HXT  H N N 57  
ASP N    N N N 58  
ASP CA   C N S 59  
ASP C    C N N 60  
ASP O    O N N 61  
ASP CB   C N N 62  
ASP CG   C N N 63  
ASP OD1  O N N 64  
ASP OD2  O N N 65  
ASP OXT  O N N 66  
ASP H    H N N 67  
ASP H2   H N N 68  
ASP HA   H N N 69  
ASP HB2  H N N 70  
ASP HB3  H N N 71  
ASP HD2  H N N 72  
ASP HXT  H N N 73  
CYS N    N N N 74  
CYS CA   C N R 75  
CYS C    C N N 76  
CYS O    O N N 77  
CYS CB   C N N 78  
CYS SG   S N N 79  
CYS OXT  O N N 80  
CYS H    H N N 81  
CYS H2   H N N 82  
CYS HA   H N N 83  
CYS HB2  H N N 84  
CYS HB3  H N N 85  
CYS HG   H N N 86  
CYS HXT  H N N 87  
GLN N    N N N 88  
GLN CA   C N S 89  
GLN C    C N N 90  
GLN O    O N N 91  
GLN CB   C N N 92  
GLN CG   C N N 93  
GLN CD   C N N 94  
GLN OE1  O N N 95  
GLN NE2  N N N 96  
GLN OXT  O N N 97  
GLN H    H N N 98  
GLN H2   H N N 99  
GLN HA   H N N 100 
GLN HB2  H N N 101 
GLN HB3  H N N 102 
GLN HG2  H N N 103 
GLN HG3  H N N 104 
GLN HE21 H N N 105 
GLN HE22 H N N 106 
GLN HXT  H N N 107 
GLU N    N N N 108 
GLU CA   C N S 109 
GLU C    C N N 110 
GLU O    O N N 111 
GLU CB   C N N 112 
GLU CG   C N N 113 
GLU CD   C N N 114 
GLU OE1  O N N 115 
GLU OE2  O N N 116 
GLU OXT  O N N 117 
GLU H    H N N 118 
GLU H2   H N N 119 
GLU HA   H N N 120 
GLU HB2  H N N 121 
GLU HB3  H N N 122 
GLU HG2  H N N 123 
GLU HG3  H N N 124 
GLU HE2  H N N 125 
GLU HXT  H N N 126 
GLY N    N N N 127 
GLY CA   C N N 128 
GLY C    C N N 129 
GLY O    O N N 130 
GLY OXT  O N N 131 
GLY H    H N N 132 
GLY H2   H N N 133 
GLY HA2  H N N 134 
GLY HA3  H N N 135 
GLY HXT  H N N 136 
HIS N    N N N 137 
HIS CA   C N S 138 
HIS C    C N N 139 
HIS O    O N N 140 
HIS CB   C N N 141 
HIS CG   C Y N 142 
HIS ND1  N Y N 143 
HIS CD2  C Y N 144 
HIS CE1  C Y N 145 
HIS NE2  N Y N 146 
HIS OXT  O N N 147 
HIS H    H N N 148 
HIS H2   H N N 149 
HIS HA   H N N 150 
HIS HB2  H N N 151 
HIS HB3  H N N 152 
HIS HD1  H N N 153 
HIS HD2  H N N 154 
HIS HE1  H N N 155 
HIS HE2  H N N 156 
HIS HXT  H N N 157 
HOH O    O N N 158 
HOH H1   H N N 159 
HOH H2   H N N 160 
ILE N    N N N 161 
ILE CA   C N S 162 
ILE C    C N N 163 
ILE O    O N N 164 
ILE CB   C N S 165 
ILE CG1  C N N 166 
ILE CG2  C N N 167 
ILE CD1  C N N 168 
ILE OXT  O N N 169 
ILE H    H N N 170 
ILE H2   H N N 171 
ILE HA   H N N 172 
ILE HB   H N N 173 
ILE HG12 H N N 174 
ILE HG13 H N N 175 
ILE HG21 H N N 176 
ILE HG22 H N N 177 
ILE HG23 H N N 178 
ILE HD11 H N N 179 
ILE HD12 H N N 180 
ILE HD13 H N N 181 
ILE HXT  H N N 182 
LEU N    N N N 183 
LEU CA   C N S 184 
LEU C    C N N 185 
LEU O    O N N 186 
LEU CB   C N N 187 
LEU CG   C N N 188 
LEU CD1  C N N 189 
LEU CD2  C N N 190 
LEU OXT  O N N 191 
LEU H    H N N 192 
LEU H2   H N N 193 
LEU HA   H N N 194 
LEU HB2  H N N 195 
LEU HB3  H N N 196 
LEU HG   H N N 197 
LEU HD11 H N N 198 
LEU HD12 H N N 199 
LEU HD13 H N N 200 
LEU HD21 H N N 201 
LEU HD22 H N N 202 
LEU HD23 H N N 203 
LEU HXT  H N N 204 
LYS N    N N N 205 
LYS CA   C N S 206 
LYS C    C N N 207 
LYS O    O N N 208 
LYS CB   C N N 209 
LYS CG   C N N 210 
LYS CD   C N N 211 
LYS CE   C N N 212 
LYS NZ   N N N 213 
LYS OXT  O N N 214 
LYS H    H N N 215 
LYS H2   H N N 216 
LYS HA   H N N 217 
LYS HB2  H N N 218 
LYS HB3  H N N 219 
LYS HG2  H N N 220 
LYS HG3  H N N 221 
LYS HD2  H N N 222 
LYS HD3  H N N 223 
LYS HE2  H N N 224 
LYS HE3  H N N 225 
LYS HZ1  H N N 226 
LYS HZ2  H N N 227 
LYS HZ3  H N N 228 
LYS HXT  H N N 229 
MET N    N N N 230 
MET CA   C N S 231 
MET C    C N N 232 
MET O    O N N 233 
MET CB   C N N 234 
MET CG   C N N 235 
MET SD   S N N 236 
MET CE   C N N 237 
MET OXT  O N N 238 
MET H    H N N 239 
MET H2   H N N 240 
MET HA   H N N 241 
MET HB2  H N N 242 
MET HB3  H N N 243 
MET HG2  H N N 244 
MET HG3  H N N 245 
MET HE1  H N N 246 
MET HE2  H N N 247 
MET HE3  H N N 248 
MET HXT  H N N 249 
PHE N    N N N 250 
PHE CA   C N S 251 
PHE C    C N N 252 
PHE O    O N N 253 
PHE CB   C N N 254 
PHE CG   C Y N 255 
PHE CD1  C Y N 256 
PHE CD2  C Y N 257 
PHE CE1  C Y N 258 
PHE CE2  C Y N 259 
PHE CZ   C Y N 260 
PHE OXT  O N N 261 
PHE H    H N N 262 
PHE H2   H N N 263 
PHE HA   H N N 264 
PHE HB2  H N N 265 
PHE HB3  H N N 266 
PHE HD1  H N N 267 
PHE HD2  H N N 268 
PHE HE1  H N N 269 
PHE HE2  H N N 270 
PHE HZ   H N N 271 
PHE HXT  H N N 272 
PRO N    N N N 273 
PRO CA   C N S 274 
PRO C    C N N 275 
PRO O    O N N 276 
PRO CB   C N N 277 
PRO CG   C N N 278 
PRO CD   C N N 279 
PRO OXT  O N N 280 
PRO H    H N N 281 
PRO HA   H N N 282 
PRO HB2  H N N 283 
PRO HB3  H N N 284 
PRO HG2  H N N 285 
PRO HG3  H N N 286 
PRO HD2  H N N 287 
PRO HD3  H N N 288 
PRO HXT  H N N 289 
SER N    N N N 290 
SER CA   C N S 291 
SER C    C N N 292 
SER O    O N N 293 
SER CB   C N N 294 
SER OG   O N N 295 
SER OXT  O N N 296 
SER H    H N N 297 
SER H2   H N N 298 
SER HA   H N N 299 
SER HB2  H N N 300 
SER HB3  H N N 301 
SER HG   H N N 302 
SER HXT  H N N 303 
SO4 S    S N N 304 
SO4 O1   O N N 305 
SO4 O2   O N N 306 
SO4 O3   O N N 307 
SO4 O4   O N N 308 
THR N    N N N 309 
THR CA   C N S 310 
THR C    C N N 311 
THR O    O N N 312 
THR CB   C N R 313 
THR OG1  O N N 314 
THR CG2  C N N 315 
THR OXT  O N N 316 
THR H    H N N 317 
THR H2   H N N 318 
THR HA   H N N 319 
THR HB   H N N 320 
THR HG1  H N N 321 
THR HG21 H N N 322 
THR HG22 H N N 323 
THR HG23 H N N 324 
THR HXT  H N N 325 
TRP N    N N N 326 
TRP CA   C N S 327 
TRP C    C N N 328 
TRP O    O N N 329 
TRP CB   C N N 330 
TRP CG   C Y N 331 
TRP CD1  C Y N 332 
TRP CD2  C Y N 333 
TRP NE1  N Y N 334 
TRP CE2  C Y N 335 
TRP CE3  C Y N 336 
TRP CZ2  C Y N 337 
TRP CZ3  C Y N 338 
TRP CH2  C Y N 339 
TRP OXT  O N N 340 
TRP H    H N N 341 
TRP H2   H N N 342 
TRP HA   H N N 343 
TRP HB2  H N N 344 
TRP HB3  H N N 345 
TRP HD1  H N N 346 
TRP HE1  H N N 347 
TRP HE3  H N N 348 
TRP HZ2  H N N 349 
TRP HZ3  H N N 350 
TRP HH2  H N N 351 
TRP HXT  H N N 352 
TYR N    N N N 353 
TYR CA   C N S 354 
TYR C    C N N 355 
TYR O    O N N 356 
TYR CB   C N N 357 
TYR CG   C Y N 358 
TYR CD1  C Y N 359 
TYR CD2  C Y N 360 
TYR CE1  C Y N 361 
TYR CE2  C Y N 362 
TYR CZ   C Y N 363 
TYR OH   O N N 364 
TYR OXT  O N N 365 
TYR H    H N N 366 
TYR H2   H N N 367 
TYR HA   H N N 368 
TYR HB2  H N N 369 
TYR HB3  H N N 370 
TYR HD1  H N N 371 
TYR HD2  H N N 372 
TYR HE1  H N N 373 
TYR HE2  H N N 374 
TYR HH   H N N 375 
TYR HXT  H N N 376 
VAL N    N N N 377 
VAL CA   C N S 378 
VAL C    C N N 379 
VAL O    O N N 380 
VAL CB   C N N 381 
VAL CG1  C N N 382 
VAL CG2  C N N 383 
VAL OXT  O N N 384 
VAL H    H N N 385 
VAL H2   H N N 386 
VAL HA   H N N 387 
VAL HB   H N N 388 
VAL HG11 H N N 389 
VAL HG12 H N N 390 
VAL HG13 H N N 391 
VAL HG21 H N N 392 
VAL HG22 H N N 393 
VAL HG23 H N N 394 
VAL HXT  H N N 395 
ZM4 C4   C Y N 396 
ZM4 C5   C Y N 397 
ZM4 C6   C Y N 398 
ZM4 N1   N Y N 399 
ZM4 N3   N Y N 400 
ZM4 CBC  C N N 401 
ZM4 CBB  C N N 402 
ZM4 C2   C Y N 403 
ZM4 NBD  N N N 404 
ZM4 NAG  N N N 405 
ZM4 CAH  C N N 406 
ZM4 CAI  C N N 407 
ZM4 CAJ  C N S 408 
ZM4 CAK  C N N 409 
ZM4 CAL  C Y N 410 
ZM4 CAM  C Y N 411 
ZM4 CAQ  C Y N 412 
ZM4 CLAR C N N 413 
ZM4 CAP  C Y N 414 
ZM4 CAO  C Y N 415 
ZM4 CAN  C Y N 416 
ZM4 CAS  C Y N 417 
ZM4 CAT  C Y N 418 
ZM4 CAU  C Y N 419 
ZM4 CAV  C Y N 420 
ZM4 CAY  C N N 421 
ZM4 OAZ  O N N 422 
ZM4 NBA  N N N 423 
ZM4 CAW  C Y N 424 
ZM4 CAX  C Y N 425 
ZM4 H1   H N N 426 
ZM4 H2   H N N 427 
ZM4 H3   H N N 428 
ZM4 H4   H N N 429 
ZM4 H5   H N N 430 
ZM4 H6   H N N 431 
ZM4 H7   H N N 432 
ZM4 H8   H N N 433 
ZM4 H9   H N N 434 
ZM4 H10  H N N 435 
ZM4 H11  H N N 436 
ZM4 H12  H N N 437 
ZM4 H13  H N N 438 
ZM4 H14  H N N 439 
ZM4 H15  H N N 440 
ZM4 H16  H N N 441 
ZM4 H17  H N N 442 
ZM4 H18  H N N 443 
ZM4 H19  H N N 444 
ZM4 H20  H N N 445 
ZM4 H21  H N N 446 
ZM4 H22  H N N 447 
ZM4 H23  H N N 448 
ZM4 H24  H N N 449 
ZM4 H25  H N N 450 
# 
loop_
_chem_comp_bond.comp_id 
_chem_comp_bond.atom_id_1 
_chem_comp_bond.atom_id_2 
_chem_comp_bond.value_order 
_chem_comp_bond.pdbx_aromatic_flag 
_chem_comp_bond.pdbx_stereo_config 
_chem_comp_bond.pdbx_ordinal 
ALA N    CA   sing N N 1   
ALA N    H    sing N N 2   
ALA N    H2   sing N N 3   
ALA CA   C    sing N N 4   
ALA CA   CB   sing N N 5   
ALA CA   HA   sing N N 6   
ALA C    O    doub N N 7   
ALA C    OXT  sing N N 8   
ALA CB   HB1  sing N N 9   
ALA CB   HB2  sing N N 10  
ALA CB   HB3  sing N N 11  
ALA OXT  HXT  sing N N 12  
ARG N    CA   sing N N 13  
ARG N    H    sing N N 14  
ARG N    H2   sing N N 15  
ARG CA   C    sing N N 16  
ARG CA   CB   sing N N 17  
ARG CA   HA   sing N N 18  
ARG C    O    doub N N 19  
ARG C    OXT  sing N N 20  
ARG CB   CG   sing N N 21  
ARG CB   HB2  sing N N 22  
ARG CB   HB3  sing N N 23  
ARG CG   CD   sing N N 24  
ARG CG   HG2  sing N N 25  
ARG CG   HG3  sing N N 26  
ARG CD   NE   sing N N 27  
ARG CD   HD2  sing N N 28  
ARG CD   HD3  sing N N 29  
ARG NE   CZ   sing N N 30  
ARG NE   HE   sing N N 31  
ARG CZ   NH1  sing N N 32  
ARG CZ   NH2  doub N N 33  
ARG NH1  HH11 sing N N 34  
ARG NH1  HH12 sing N N 35  
ARG NH2  HH21 sing N N 36  
ARG NH2  HH22 sing N N 37  
ARG OXT  HXT  sing N N 38  
ASN N    CA   sing N N 39  
ASN N    H    sing N N 40  
ASN N    H2   sing N N 41  
ASN CA   C    sing N N 42  
ASN CA   CB   sing N N 43  
ASN CA   HA   sing N N 44  
ASN C    O    doub N N 45  
ASN C    OXT  sing N N 46  
ASN CB   CG   sing N N 47  
ASN CB   HB2  sing N N 48  
ASN CB   HB3  sing N N 49  
ASN CG   OD1  doub N N 50  
ASN CG   ND2  sing N N 51  
ASN ND2  HD21 sing N N 52  
ASN ND2  HD22 sing N N 53  
ASN OXT  HXT  sing N N 54  
ASP N    CA   sing N N 55  
ASP N    H    sing N N 56  
ASP N    H2   sing N N 57  
ASP CA   C    sing N N 58  
ASP CA   CB   sing N N 59  
ASP CA   HA   sing N N 60  
ASP C    O    doub N N 61  
ASP C    OXT  sing N N 62  
ASP CB   CG   sing N N 63  
ASP CB   HB2  sing N N 64  
ASP CB   HB3  sing N N 65  
ASP CG   OD1  doub N N 66  
ASP CG   OD2  sing N N 67  
ASP OD2  HD2  sing N N 68  
ASP OXT  HXT  sing N N 69  
CYS N    CA   sing N N 70  
CYS N    H    sing N N 71  
CYS N    H2   sing N N 72  
CYS CA   C    sing N N 73  
CYS CA   CB   sing N N 74  
CYS CA   HA   sing N N 75  
CYS C    O    doub N N 76  
CYS C    OXT  sing N N 77  
CYS CB   SG   sing N N 78  
CYS CB   HB2  sing N N 79  
CYS CB   HB3  sing N N 80  
CYS SG   HG   sing N N 81  
CYS OXT  HXT  sing N N 82  
GLN N    CA   sing N N 83  
GLN N    H    sing N N 84  
GLN N    H2   sing N N 85  
GLN CA   C    sing N N 86  
GLN CA   CB   sing N N 87  
GLN CA   HA   sing N N 88  
GLN C    O    doub N N 89  
GLN C    OXT  sing N N 90  
GLN CB   CG   sing N N 91  
GLN CB   HB2  sing N N 92  
GLN CB   HB3  sing N N 93  
GLN CG   CD   sing N N 94  
GLN CG   HG2  sing N N 95  
GLN CG   HG3  sing N N 96  
GLN CD   OE1  doub N N 97  
GLN CD   NE2  sing N N 98  
GLN NE2  HE21 sing N N 99  
GLN NE2  HE22 sing N N 100 
GLN OXT  HXT  sing N N 101 
GLU N    CA   sing N N 102 
GLU N    H    sing N N 103 
GLU N    H2   sing N N 104 
GLU CA   C    sing N N 105 
GLU CA   CB   sing N N 106 
GLU CA   HA   sing N N 107 
GLU C    O    doub N N 108 
GLU C    OXT  sing N N 109 
GLU CB   CG   sing N N 110 
GLU CB   HB2  sing N N 111 
GLU CB   HB3  sing N N 112 
GLU CG   CD   sing N N 113 
GLU CG   HG2  sing N N 114 
GLU CG   HG3  sing N N 115 
GLU CD   OE1  doub N N 116 
GLU CD   OE2  sing N N 117 
GLU OE2  HE2  sing N N 118 
GLU OXT  HXT  sing N N 119 
GLY N    CA   sing N N 120 
GLY N    H    sing N N 121 
GLY N    H2   sing N N 122 
GLY CA   C    sing N N 123 
GLY CA   HA2  sing N N 124 
GLY CA   HA3  sing N N 125 
GLY C    O    doub N N 126 
GLY C    OXT  sing N N 127 
GLY OXT  HXT  sing N N 128 
HIS N    CA   sing N N 129 
HIS N    H    sing N N 130 
HIS N    H2   sing N N 131 
HIS CA   C    sing N N 132 
HIS CA   CB   sing N N 133 
HIS CA   HA   sing N N 134 
HIS C    O    doub N N 135 
HIS C    OXT  sing N N 136 
HIS CB   CG   sing N N 137 
HIS CB   HB2  sing N N 138 
HIS CB   HB3  sing N N 139 
HIS CG   ND1  sing Y N 140 
HIS CG   CD2  doub Y N 141 
HIS ND1  CE1  doub Y N 142 
HIS ND1  HD1  sing N N 143 
HIS CD2  NE2  sing Y N 144 
HIS CD2  HD2  sing N N 145 
HIS CE1  NE2  sing Y N 146 
HIS CE1  HE1  sing N N 147 
HIS NE2  HE2  sing N N 148 
HIS OXT  HXT  sing N N 149 
HOH O    H1   sing N N 150 
HOH O    H2   sing N N 151 
ILE N    CA   sing N N 152 
ILE N    H    sing N N 153 
ILE N    H2   sing N N 154 
ILE CA   C    sing N N 155 
ILE CA   CB   sing N N 156 
ILE CA   HA   sing N N 157 
ILE C    O    doub N N 158 
ILE C    OXT  sing N N 159 
ILE CB   CG1  sing N N 160 
ILE CB   CG2  sing N N 161 
ILE CB   HB   sing N N 162 
ILE CG1  CD1  sing N N 163 
ILE CG1  HG12 sing N N 164 
ILE CG1  HG13 sing N N 165 
ILE CG2  HG21 sing N N 166 
ILE CG2  HG22 sing N N 167 
ILE CG2  HG23 sing N N 168 
ILE CD1  HD11 sing N N 169 
ILE CD1  HD12 sing N N 170 
ILE CD1  HD13 sing N N 171 
ILE OXT  HXT  sing N N 172 
LEU N    CA   sing N N 173 
LEU N    H    sing N N 174 
LEU N    H2   sing N N 175 
LEU CA   C    sing N N 176 
LEU CA   CB   sing N N 177 
LEU CA   HA   sing N N 178 
LEU C    O    doub N N 179 
LEU C    OXT  sing N N 180 
LEU CB   CG   sing N N 181 
LEU CB   HB2  sing N N 182 
LEU CB   HB3  sing N N 183 
LEU CG   CD1  sing N N 184 
LEU CG   CD2  sing N N 185 
LEU CG   HG   sing N N 186 
LEU CD1  HD11 sing N N 187 
LEU CD1  HD12 sing N N 188 
LEU CD1  HD13 sing N N 189 
LEU CD2  HD21 sing N N 190 
LEU CD2  HD22 sing N N 191 
LEU CD2  HD23 sing N N 192 
LEU OXT  HXT  sing N N 193 
LYS N    CA   sing N N 194 
LYS N    H    sing N N 195 
LYS N    H2   sing N N 196 
LYS CA   C    sing N N 197 
LYS CA   CB   sing N N 198 
LYS CA   HA   sing N N 199 
LYS C    O    doub N N 200 
LYS C    OXT  sing N N 201 
LYS CB   CG   sing N N 202 
LYS CB   HB2  sing N N 203 
LYS CB   HB3  sing N N 204 
LYS CG   CD   sing N N 205 
LYS CG   HG2  sing N N 206 
LYS CG   HG3  sing N N 207 
LYS CD   CE   sing N N 208 
LYS CD   HD2  sing N N 209 
LYS CD   HD3  sing N N 210 
LYS CE   NZ   sing N N 211 
LYS CE   HE2  sing N N 212 
LYS CE   HE3  sing N N 213 
LYS NZ   HZ1  sing N N 214 
LYS NZ   HZ2  sing N N 215 
LYS NZ   HZ3  sing N N 216 
LYS OXT  HXT  sing N N 217 
MET N    CA   sing N N 218 
MET N    H    sing N N 219 
MET N    H2   sing N N 220 
MET CA   C    sing N N 221 
MET CA   CB   sing N N 222 
MET CA   HA   sing N N 223 
MET C    O    doub N N 224 
MET C    OXT  sing N N 225 
MET CB   CG   sing N N 226 
MET CB   HB2  sing N N 227 
MET CB   HB3  sing N N 228 
MET CG   SD   sing N N 229 
MET CG   HG2  sing N N 230 
MET CG   HG3  sing N N 231 
MET SD   CE   sing N N 232 
MET CE   HE1  sing N N 233 
MET CE   HE2  sing N N 234 
MET CE   HE3  sing N N 235 
MET OXT  HXT  sing N N 236 
PHE N    CA   sing N N 237 
PHE N    H    sing N N 238 
PHE N    H2   sing N N 239 
PHE CA   C    sing N N 240 
PHE CA   CB   sing N N 241 
PHE CA   HA   sing N N 242 
PHE C    O    doub N N 243 
PHE C    OXT  sing N N 244 
PHE CB   CG   sing N N 245 
PHE CB   HB2  sing N N 246 
PHE CB   HB3  sing N N 247 
PHE CG   CD1  doub Y N 248 
PHE CG   CD2  sing Y N 249 
PHE CD1  CE1  sing Y N 250 
PHE CD1  HD1  sing N N 251 
PHE CD2  CE2  doub Y N 252 
PHE CD2  HD2  sing N N 253 
PHE CE1  CZ   doub Y N 254 
PHE CE1  HE1  sing N N 255 
PHE CE2  CZ   sing Y N 256 
PHE CE2  HE2  sing N N 257 
PHE CZ   HZ   sing N N 258 
PHE OXT  HXT  sing N N 259 
PRO N    CA   sing N N 260 
PRO N    CD   sing N N 261 
PRO N    H    sing N N 262 
PRO CA   C    sing N N 263 
PRO CA   CB   sing N N 264 
PRO CA   HA   sing N N 265 
PRO C    O    doub N N 266 
PRO C    OXT  sing N N 267 
PRO CB   CG   sing N N 268 
PRO CB   HB2  sing N N 269 
PRO CB   HB3  sing N N 270 
PRO CG   CD   sing N N 271 
PRO CG   HG2  sing N N 272 
PRO CG   HG3  sing N N 273 
PRO CD   HD2  sing N N 274 
PRO CD   HD3  sing N N 275 
PRO OXT  HXT  sing N N 276 
SER N    CA   sing N N 277 
SER N    H    sing N N 278 
SER N    H2   sing N N 279 
SER CA   C    sing N N 280 
SER CA   CB   sing N N 281 
SER CA   HA   sing N N 282 
SER C    O    doub N N 283 
SER C    OXT  sing N N 284 
SER CB   OG   sing N N 285 
SER CB   HB2  sing N N 286 
SER CB   HB3  sing N N 287 
SER OG   HG   sing N N 288 
SER OXT  HXT  sing N N 289 
SO4 S    O1   doub N N 290 
SO4 S    O2   doub N N 291 
SO4 S    O3   sing N N 292 
SO4 S    O4   sing N N 293 
THR N    CA   sing N N 294 
THR N    H    sing N N 295 
THR N    H2   sing N N 296 
THR CA   C    sing N N 297 
THR CA   CB   sing N N 298 
THR CA   HA   sing N N 299 
THR C    O    doub N N 300 
THR C    OXT  sing N N 301 
THR CB   OG1  sing N N 302 
THR CB   CG2  sing N N 303 
THR CB   HB   sing N N 304 
THR OG1  HG1  sing N N 305 
THR CG2  HG21 sing N N 306 
THR CG2  HG22 sing N N 307 
THR CG2  HG23 sing N N 308 
THR OXT  HXT  sing N N 309 
TRP N    CA   sing N N 310 
TRP N    H    sing N N 311 
TRP N    H2   sing N N 312 
TRP CA   C    sing N N 313 
TRP CA   CB   sing N N 314 
TRP CA   HA   sing N N 315 
TRP C    O    doub N N 316 
TRP C    OXT  sing N N 317 
TRP CB   CG   sing N N 318 
TRP CB   HB2  sing N N 319 
TRP CB   HB3  sing N N 320 
TRP CG   CD1  doub Y N 321 
TRP CG   CD2  sing Y N 322 
TRP CD1  NE1  sing Y N 323 
TRP CD1  HD1  sing N N 324 
TRP CD2  CE2  doub Y N 325 
TRP CD2  CE3  sing Y N 326 
TRP NE1  CE2  sing Y N 327 
TRP NE1  HE1  sing N N 328 
TRP CE2  CZ2  sing Y N 329 
TRP CE3  CZ3  doub Y N 330 
TRP CE3  HE3  sing N N 331 
TRP CZ2  CH2  doub Y N 332 
TRP CZ2  HZ2  sing N N 333 
TRP CZ3  CH2  sing Y N 334 
TRP CZ3  HZ3  sing N N 335 
TRP CH2  HH2  sing N N 336 
TRP OXT  HXT  sing N N 337 
TYR N    CA   sing N N 338 
TYR N    H    sing N N 339 
TYR N    H2   sing N N 340 
TYR CA   C    sing N N 341 
TYR CA   CB   sing N N 342 
TYR CA   HA   sing N N 343 
TYR C    O    doub N N 344 
TYR C    OXT  sing N N 345 
TYR CB   CG   sing N N 346 
TYR CB   HB2  sing N N 347 
TYR CB   HB3  sing N N 348 
TYR CG   CD1  doub Y N 349 
TYR CG   CD2  sing Y N 350 
TYR CD1  CE1  sing Y N 351 
TYR CD1  HD1  sing N N 352 
TYR CD2  CE2  doub Y N 353 
TYR CD2  HD2  sing N N 354 
TYR CE1  CZ   doub Y N 355 
TYR CE1  HE1  sing N N 356 
TYR CE2  CZ   sing Y N 357 
TYR CE2  HE2  sing N N 358 
TYR CZ   OH   sing N N 359 
TYR OH   HH   sing N N 360 
TYR OXT  HXT  sing N N 361 
VAL N    CA   sing N N 362 
VAL N    H    sing N N 363 
VAL N    H2   sing N N 364 
VAL CA   C    sing N N 365 
VAL CA   CB   sing N N 366 
VAL CA   HA   sing N N 367 
VAL C    O    doub N N 368 
VAL C    OXT  sing N N 369 
VAL CB   CG1  sing N N 370 
VAL CB   CG2  sing N N 371 
VAL CB   HB   sing N N 372 
VAL CG1  HG11 sing N N 373 
VAL CG1  HG12 sing N N 374 
VAL CG1  HG13 sing N N 375 
VAL CG2  HG21 sing N N 376 
VAL CG2  HG22 sing N N 377 
VAL CG2  HG23 sing N N 378 
VAL OXT  HXT  sing N N 379 
ZM4 C4   C5   doub Y N 380 
ZM4 C4   N3   sing Y N 381 
ZM4 C4   CBB  sing N N 382 
ZM4 C5   C6   sing Y N 383 
ZM4 C5   CAH  sing N N 384 
ZM4 C6   N1   doub Y N 385 
ZM4 C6   NAG  sing N N 386 
ZM4 N1   C2   sing Y N 387 
ZM4 N3   C2   doub Y N 388 
ZM4 CBC  CBB  sing N N 389 
ZM4 C2   NBD  sing N N 390 
ZM4 CAH  CAI  trip N N 391 
ZM4 CAI  CAJ  sing N N 392 
ZM4 CAJ  CAK  sing N N 393 
ZM4 CAJ  CAL  sing N N 394 
ZM4 CAL  CAM  doub Y N 395 
ZM4 CAL  CAQ  sing Y N 396 
ZM4 CAM  CAN  sing Y N 397 
ZM4 CAQ  CAP  doub Y N 398 
ZM4 CAP  CAO  sing Y N 399 
ZM4 CAO  CAN  doub Y N 400 
ZM4 CAN  CAS  sing N N 401 
ZM4 CAS  CAT  doub Y N 402 
ZM4 CAS  CAX  sing Y N 403 
ZM4 CAT  CAU  sing Y N 404 
ZM4 CAU  CAV  doub Y N 405 
ZM4 CAV  CAY  sing N N 406 
ZM4 CAV  CAW  sing Y N 407 
ZM4 CAY  OAZ  doub N N 408 
ZM4 CAY  NBA  sing N N 409 
ZM4 CAW  CAX  doub Y N 410 
ZM4 CAQ  CLAR sing N N 411 
ZM4 CBC  H1   sing N N 412 
ZM4 CBC  H2   sing N N 413 
ZM4 CBC  H3   sing N N 414 
ZM4 CBB  H4   sing N N 415 
ZM4 CBB  H5   sing N N 416 
ZM4 NBD  H6   sing N N 417 
ZM4 NBD  H7   sing N N 418 
ZM4 NAG  H8   sing N N 419 
ZM4 NAG  H9   sing N N 420 
ZM4 CAJ  H10  sing N N 421 
ZM4 CAK  H11  sing N N 422 
ZM4 CAK  H12  sing N N 423 
ZM4 CAK  H13  sing N N 424 
ZM4 CAM  H14  sing N N 425 
ZM4 CLAR H15  sing N N 426 
ZM4 CLAR H16  sing N N 427 
ZM4 CLAR H17  sing N N 428 
ZM4 CAP  H18  sing N N 429 
ZM4 CAO  H19  sing N N 430 
ZM4 CAT  H20  sing N N 431 
ZM4 CAU  H21  sing N N 432 
ZM4 NBA  H22  sing N N 433 
ZM4 NBA  H23  sing N N 434 
ZM4 CAW  H24  sing N N 435 
ZM4 CAX  H25  sing N N 436 
# 
_pdbx_audit_support.funding_organization   
'National Institutes of Health/National Institute Of Allergy and Infectious Diseases (NIH/NIAID)' 
_pdbx_audit_support.country                ? 
_pdbx_audit_support.grant_number           ? 
_pdbx_audit_support.ordinal                1 
# 
_pdbx_entity_instance_feature.ordinal        1 
_pdbx_entity_instance_feature.comp_id        ZM4 
_pdbx_entity_instance_feature.asym_id        ? 
_pdbx_entity_instance_feature.seq_num        ? 
_pdbx_entity_instance_feature.auth_comp_id   ZM4 
_pdbx_entity_instance_feature.auth_asym_id   ? 
_pdbx_entity_instance_feature.auth_seq_num   ? 
_pdbx_entity_instance_feature.feature_type   'SUBJECT OF INVESTIGATION' 
_pdbx_entity_instance_feature.details        ? 
# 
loop_
_pdbx_entity_nonpoly.entity_id 
_pdbx_entity_nonpoly.name 
_pdbx_entity_nonpoly.comp_id 
2 "3'-[(2S)-4-(2,4-diamino-6-ethylpyrimidin-5-yl)but-3-yn-2-yl]-4'-methyl[1,1'-biphenyl]-4-carboxamide" ZM4 
3 'SULFATE ION'                                                                                         SO4 
4 water                                                                                                 HOH 
# 
_pdbx_initial_refinement_model.id               1 
_pdbx_initial_refinement_model.entity_id_list   ? 
_pdbx_initial_refinement_model.type             'experimental model' 
_pdbx_initial_refinement_model.source_name      PDB 
_pdbx_initial_refinement_model.accession_code   1RF7 
_pdbx_initial_refinement_model.details          ? 
# 
_pdbx_struct_assembly_auth_evidence.id                     1 
_pdbx_struct_assembly_auth_evidence.assembly_id            1 
_pdbx_struct_assembly_auth_evidence.experimental_support   none 
_pdbx_struct_assembly_auth_evidence.details                ? 
# 
